data_4QG5
#
_entry.id   4QG5
#
_cell.length_a   202.358
_cell.length_b   114.971
_cell.length_c   125.915
_cell.angle_alpha   90.00
_cell.angle_beta   110.03
_cell.angle_gamma   90.00
#
_symmetry.space_group_name_H-M   'C 1 2 1'
#
loop_
_entity.id
_entity.type
_entity.pdbx_description
1 polymer 'Putative phosphoglucomutase'
2 non-polymer 'MAGNESIUM ION'
#
_entity_poly.entity_id   1
_entity_poly.type   'polypeptide(L)'
_entity_poly.pdbx_seq_one_letter_code
;GSHMEVTTTAYKDQKPGTSGLRKKVTVFQQPNYTANFVQSTFNALHRQGAVPDVLVVGGDGRYYTSEAVQVILKVSAANG
VRCVWVGQHGLLSTPAVSTMVRRRRDADGRKATGAFILTASHNPGGPDADFGIKYNSENGGPAPEKLTSQIYEETVKITH
IKMAPTLPEVDIHTLGTYTFDDYNFQVEVVDSLADYAAYMQEVFDFEAIRALVQRLDFKVHVDSLHGVSGPYVDRIFHEG
LGVPKTSLFRTNVLPDFGGCHPDPNLTYAADLVHVMGLLPDGNANPAMKHISTVPSFGVAFDGDADRNMILGCRFFVNPS
DSLAVLAANADCVPFFTQSSSSGLKAVARSMPTSGAVDRVAAAHDFALFEVPTGWKFFGNLMDSKDLYGGKDFNPLLCGE
ESFGTGSNHIREKDGIWASLFWLSVIAKRNAPGTPLVGVQQIVEEHWATYGRNYYSRYDYEDVSAEAAKAVMDTVENTVV
DDVPNLNGVACKTIDNFSYTDPIDGSVSTKQGVRVLFEDGSRFVLRLSGTGSSGATIRLYLEQYMDSATVKSHLAEKTLP
TASTALKALIGVALQVSKMESLTGRKTPTVIT
;
_entity_poly.pdbx_strand_id   A,B,C,D
#
# COMPACT_ATOMS: atom_id res chain seq x y z
N PHE A 28 -11.86 -31.61 -1.10
CA PHE A 28 -11.44 -32.96 -0.75
C PHE A 28 -12.48 -33.98 -1.19
N GLN A 29 -12.01 -35.20 -1.48
CA GLN A 29 -12.90 -36.26 -1.95
C GLN A 29 -12.55 -37.59 -1.27
N GLN A 30 -13.30 -38.63 -1.63
CA GLN A 30 -13.16 -39.94 -1.00
C GLN A 30 -13.96 -40.94 -1.85
N PRO A 31 -14.12 -42.21 -1.39
CA PRO A 31 -14.90 -43.13 -2.22
C PRO A 31 -16.31 -42.61 -2.58
N ASN A 32 -17.00 -43.34 -3.46
CA ASN A 32 -18.33 -42.96 -3.94
C ASN A 32 -19.26 -42.47 -2.84
N TYR A 33 -19.57 -41.17 -2.86
CA TYR A 33 -20.41 -40.55 -1.84
C TYR A 33 -19.84 -40.81 -0.44
N THR A 34 -20.69 -40.76 0.58
CA THR A 34 -20.28 -41.02 1.95
C THR A 34 -21.21 -42.03 2.60
N ALA A 35 -22.39 -42.16 2.02
CA ALA A 35 -23.42 -43.09 2.49
C ALA A 35 -22.89 -44.50 2.69
N ASN A 36 -21.80 -44.84 2.01
CA ASN A 36 -21.23 -46.17 2.13
C ASN A 36 -20.85 -46.42 3.59
N PHE A 37 -20.51 -45.35 4.30
CA PHE A 37 -20.22 -45.46 5.72
C PHE A 37 -21.47 -45.87 6.48
N VAL A 38 -22.58 -45.20 6.20
CA VAL A 38 -23.82 -45.52 6.88
C VAL A 38 -24.20 -46.95 6.54
N GLN A 39 -24.05 -47.30 5.27
CA GLN A 39 -24.31 -48.66 4.82
C GLN A 39 -23.36 -49.62 5.52
N SER A 40 -22.15 -49.14 5.79
CA SER A 40 -21.11 -49.99 6.36
C SER A 40 -21.49 -50.40 7.78
N THR A 41 -21.87 -49.43 8.60
CA THR A 41 -22.23 -49.69 9.99
C THR A 41 -23.41 -50.64 10.07
N PHE A 42 -24.22 -50.65 9.03
CA PHE A 42 -25.36 -51.56 8.95
C PHE A 42 -24.93 -52.93 8.47
N ASN A 43 -23.76 -52.98 7.82
CA ASN A 43 -23.17 -54.25 7.41
C ASN A 43 -22.38 -54.85 8.56
N ALA A 44 -22.42 -54.18 9.71
CA ALA A 44 -21.90 -54.73 10.95
C ALA A 44 -23.06 -55.39 11.68
N LEU A 45 -24.12 -54.62 11.87
CA LEU A 45 -25.37 -55.14 12.40
C LEU A 45 -25.95 -56.14 11.41
N HIS A 46 -25.87 -57.44 11.73
CA HIS A 46 -26.28 -58.45 10.76
C HIS A 46 -27.80 -58.59 10.73
N ARG A 47 -28.32 -58.85 9.53
CA ARG A 47 -29.75 -58.91 9.28
C ARG A 47 -30.32 -60.17 9.93
N GLN A 48 -31.63 -60.25 10.16
CA GLN A 48 -32.60 -59.19 9.87
C GLN A 48 -33.13 -58.57 11.15
N GLY A 49 -32.85 -57.28 11.34
CA GLY A 49 -33.42 -56.56 12.46
C GLY A 49 -34.93 -56.50 12.32
N ALA A 50 -35.36 -56.24 11.09
CA ALA A 50 -36.76 -56.07 10.67
C ALA A 50 -37.17 -54.60 10.79
N VAL A 51 -37.95 -54.29 11.82
CA VAL A 51 -38.36 -52.91 12.07
C VAL A 51 -38.42 -52.62 13.59
N PRO A 52 -37.33 -52.87 14.35
CA PRO A 52 -37.33 -52.40 15.73
C PRO A 52 -36.12 -51.54 16.08
N ASP A 53 -35.26 -51.30 15.09
CA ASP A 53 -33.99 -50.64 15.28
C ASP A 53 -34.18 -49.12 15.23
N VAL A 54 -33.82 -48.47 16.33
CA VAL A 54 -33.92 -47.03 16.43
C VAL A 54 -32.55 -46.41 16.64
N LEU A 55 -32.23 -45.36 15.90
CA LEU A 55 -30.96 -44.67 16.04
C LEU A 55 -31.11 -43.16 16.12
N VAL A 56 -30.09 -42.50 16.67
CA VAL A 56 -30.12 -41.06 16.85
C VAL A 56 -29.14 -40.38 15.91
N VAL A 57 -29.51 -39.23 15.38
CA VAL A 57 -28.67 -38.50 14.44
C VAL A 57 -28.45 -37.06 14.91
N GLY A 58 -27.31 -36.51 14.52
CA GLY A 58 -26.91 -35.16 14.89
C GLY A 58 -25.40 -35.11 15.03
N GLY A 59 -24.79 -33.95 14.88
CA GLY A 59 -23.34 -33.86 14.94
C GLY A 59 -22.76 -32.47 15.10
N ASP A 60 -21.46 -32.37 14.81
CA ASP A 60 -20.75 -31.11 14.89
C ASP A 60 -21.48 -30.05 14.10
N GLY A 61 -21.62 -28.88 14.71
CA GLY A 61 -22.36 -27.77 14.14
C GLY A 61 -22.27 -27.64 12.63
N ARG A 62 -21.10 -27.22 12.14
CA ARG A 62 -20.92 -26.97 10.73
C ARG A 62 -19.45 -27.16 10.35
N TYR A 63 -19.11 -27.33 9.07
CA TYR A 63 -20.04 -27.21 7.94
C TYR A 63 -20.24 -28.50 7.17
N TYR A 64 -21.46 -29.02 7.29
CA TYR A 64 -22.06 -30.00 6.39
C TYR A 64 -23.39 -30.39 7.01
N THR A 65 -23.55 -31.67 7.35
CA THR A 65 -24.64 -32.11 8.21
C THR A 65 -25.97 -31.99 7.47
N SER A 66 -26.53 -30.79 7.46
CA SER A 66 -27.85 -30.53 6.90
C SER A 66 -28.11 -31.29 5.60
N GLU A 67 -27.28 -31.00 4.60
CA GLU A 67 -27.43 -31.61 3.28
C GLU A 67 -27.00 -33.07 3.30
N ALA A 68 -26.24 -33.47 4.32
CA ALA A 68 -25.74 -34.83 4.43
C ALA A 68 -26.53 -35.64 5.46
N VAL A 69 -27.43 -34.99 6.19
CA VAL A 69 -28.33 -35.70 7.10
C VAL A 69 -29.35 -36.45 6.28
N GLN A 70 -29.84 -35.79 5.24
CA GLN A 70 -30.81 -36.38 4.33
C GLN A 70 -30.29 -37.73 3.87
N VAL A 71 -29.04 -37.76 3.44
CA VAL A 71 -28.39 -38.97 2.95
C VAL A 71 -28.46 -40.10 3.97
N ILE A 72 -28.27 -39.77 5.24
CA ILE A 72 -28.25 -40.78 6.28
C ILE A 72 -29.63 -41.44 6.38
N LEU A 73 -30.67 -40.64 6.33
CA LEU A 73 -32.02 -41.14 6.48
C LEU A 73 -32.45 -42.04 5.32
N LYS A 74 -32.18 -41.61 4.09
CA LYS A 74 -32.59 -42.35 2.91
C LYS A 74 -32.01 -43.74 2.90
N VAL A 75 -30.73 -43.83 3.24
CA VAL A 75 -30.02 -45.10 3.24
C VAL A 75 -30.46 -45.95 4.43
N SER A 76 -30.53 -45.32 5.60
CA SER A 76 -30.93 -46.01 6.80
C SER A 76 -32.33 -46.61 6.63
N ALA A 77 -33.23 -45.82 6.06
CA ALA A 77 -34.59 -46.28 5.81
C ALA A 77 -34.60 -47.37 4.74
N ALA A 78 -33.68 -47.27 3.79
CA ALA A 78 -33.55 -48.27 2.73
C ALA A 78 -32.92 -49.56 3.27
N ASN A 79 -32.36 -49.48 4.47
CA ASN A 79 -31.77 -50.64 5.11
C ASN A 79 -32.79 -51.39 5.97
N GLY A 80 -33.49 -50.68 6.84
CA GLY A 80 -34.59 -51.28 7.59
C GLY A 80 -34.72 -50.89 9.05
N VAL A 81 -34.36 -49.66 9.39
CA VAL A 81 -34.61 -49.17 10.75
C VAL A 81 -36.05 -48.66 10.88
N ARG A 82 -36.64 -48.87 12.05
CA ARG A 82 -38.02 -48.44 12.27
C ARG A 82 -38.13 -46.92 12.41
N CYS A 83 -37.26 -46.35 13.24
CA CYS A 83 -37.40 -44.96 13.65
C CYS A 83 -36.05 -44.29 13.74
N VAL A 84 -36.06 -42.97 13.64
CA VAL A 84 -34.85 -42.16 13.71
C VAL A 84 -35.11 -40.85 14.45
N TRP A 85 -34.36 -40.63 15.53
CA TRP A 85 -34.43 -39.37 16.25
C TRP A 85 -33.35 -38.43 15.75
N VAL A 86 -33.74 -37.44 14.96
CA VAL A 86 -32.80 -36.42 14.50
C VAL A 86 -32.88 -35.24 15.46
N GLY A 87 -31.74 -34.59 15.69
CA GLY A 87 -31.71 -33.44 16.58
C GLY A 87 -32.20 -32.22 15.86
N GLN A 88 -32.81 -31.29 16.60
CA GLN A 88 -33.33 -30.06 16.01
C GLN A 88 -32.24 -29.35 15.22
N HIS A 89 -32.57 -28.92 14.00
CA HIS A 89 -31.62 -28.27 13.11
C HIS A 89 -30.47 -29.19 12.66
N GLY A 90 -30.49 -30.45 13.11
CA GLY A 90 -29.42 -31.39 12.80
C GLY A 90 -28.24 -31.26 13.74
N LEU A 91 -28.40 -30.45 14.77
CA LEU A 91 -27.35 -30.20 15.76
C LEU A 91 -27.54 -31.07 16.97
N LEU A 92 -26.41 -31.57 17.48
CA LEU A 92 -26.40 -32.40 18.67
C LEU A 92 -24.97 -32.60 19.16
N SER A 93 -24.65 -32.01 20.31
CA SER A 93 -23.32 -32.12 20.90
C SER A 93 -23.08 -33.56 21.34
N THR A 94 -21.89 -34.06 21.07
CA THR A 94 -21.52 -35.43 21.36
C THR A 94 -21.97 -35.90 22.73
N PRO A 95 -21.68 -35.12 23.78
CA PRO A 95 -22.15 -35.53 25.10
C PRO A 95 -23.67 -35.66 25.22
N ALA A 96 -24.42 -34.84 24.48
CA ALA A 96 -25.88 -34.94 24.48
C ALA A 96 -26.30 -36.16 23.68
N VAL A 97 -25.53 -36.49 22.64
CA VAL A 97 -25.82 -37.66 21.84
C VAL A 97 -25.85 -38.87 22.74
N SER A 98 -24.74 -39.09 23.44
CA SER A 98 -24.63 -40.21 24.37
C SER A 98 -25.77 -40.15 25.38
N THR A 99 -26.13 -38.94 25.79
CA THR A 99 -27.18 -38.76 26.77
C THR A 99 -28.51 -39.26 26.23
N MET A 100 -28.81 -38.91 24.99
CA MET A 100 -30.11 -39.22 24.41
C MET A 100 -30.25 -40.72 24.17
N VAL A 101 -29.13 -41.37 23.83
CA VAL A 101 -29.14 -42.81 23.61
C VAL A 101 -29.15 -43.54 24.94
N ARG A 102 -28.57 -42.91 25.96
CA ARG A 102 -28.51 -43.52 27.28
C ARG A 102 -29.85 -43.39 27.99
N ARG A 103 -30.11 -42.19 28.53
CA ARG A 103 -31.31 -41.94 29.32
C ARG A 103 -32.30 -41.08 28.55
N ARG A 104 -33.19 -41.73 27.81
CA ARG A 104 -34.26 -41.02 27.11
C ARG A 104 -35.30 -42.00 26.60
N ARG A 105 -36.45 -42.05 27.26
CA ARG A 105 -37.55 -42.92 26.88
C ARG A 105 -38.87 -42.16 26.91
N ASP A 106 -39.51 -42.02 25.76
CA ASP A 106 -40.82 -41.40 25.69
C ASP A 106 -41.39 -41.54 24.30
N ALA A 107 -42.58 -41.00 24.10
CA ALA A 107 -43.30 -41.13 22.84
C ALA A 107 -43.41 -42.61 22.47
N ASP A 108 -44.43 -43.25 23.02
CA ASP A 108 -44.66 -44.70 22.93
C ASP A 108 -43.58 -45.48 23.69
N GLY A 109 -42.59 -44.79 24.23
CA GLY A 109 -41.57 -45.46 25.03
C GLY A 109 -40.67 -46.36 24.21
N ARG A 110 -39.55 -45.80 23.75
CA ARG A 110 -38.61 -46.55 22.94
C ARG A 110 -37.20 -46.08 23.22
N LYS A 111 -36.24 -47.00 23.12
CA LYS A 111 -34.83 -46.69 23.30
C LYS A 111 -34.04 -46.98 22.02
N ALA A 112 -33.26 -46.00 21.59
CA ALA A 112 -32.39 -46.16 20.44
C ALA A 112 -31.17 -47.02 20.80
N THR A 113 -30.77 -47.90 19.90
CA THR A 113 -29.68 -48.83 20.17
C THR A 113 -28.36 -48.36 19.54
N GLY A 114 -28.40 -47.21 18.87
CA GLY A 114 -27.21 -46.68 18.22
C GLY A 114 -27.38 -45.21 17.85
N ALA A 115 -26.36 -44.66 17.21
CA ALA A 115 -26.39 -43.26 16.79
C ALA A 115 -25.23 -42.93 15.88
N PHE A 116 -25.49 -42.08 14.88
CA PHE A 116 -24.47 -41.55 14.00
C PHE A 116 -24.15 -40.12 14.37
N ILE A 117 -22.90 -39.83 14.69
CA ILE A 117 -22.51 -38.46 15.03
C ILE A 117 -21.70 -37.86 13.89
N LEU A 118 -22.12 -36.69 13.45
CA LEU A 118 -21.48 -36.01 12.34
C LEU A 118 -20.45 -35.01 12.82
N THR A 119 -19.31 -35.52 13.29
CA THR A 119 -18.22 -34.69 13.76
C THR A 119 -16.86 -35.30 13.45
N ALA A 120 -15.86 -34.45 13.26
CA ALA A 120 -14.48 -34.89 13.10
C ALA A 120 -13.67 -34.43 14.31
N SER A 121 -14.09 -33.30 14.89
CA SER A 121 -13.49 -32.74 16.10
C SER A 121 -12.06 -32.26 15.86
N HIS A 122 -11.22 -33.14 15.32
CA HIS A 122 -9.82 -32.81 15.04
C HIS A 122 -9.68 -32.20 13.65
N ASN A 123 -10.63 -31.33 13.30
CA ASN A 123 -10.66 -30.67 12.00
C ASN A 123 -10.81 -29.16 12.17
N PRO A 124 -9.69 -28.42 12.15
CA PRO A 124 -9.80 -26.96 12.24
C PRO A 124 -10.16 -26.29 10.91
N GLY A 125 -11.39 -26.52 10.44
CA GLY A 125 -11.91 -25.84 9.27
C GLY A 125 -13.07 -26.55 8.60
N GLY A 126 -12.82 -27.00 7.38
CA GLY A 126 -13.83 -27.66 6.56
C GLY A 126 -14.23 -26.91 5.29
N PRO A 127 -13.26 -26.39 4.52
CA PRO A 127 -13.64 -25.84 3.22
C PRO A 127 -13.80 -26.95 2.19
N ASP A 128 -14.65 -26.74 1.19
CA ASP A 128 -14.90 -27.73 0.14
C ASP A 128 -15.60 -28.98 0.69
N ALA A 129 -16.39 -28.78 1.74
CA ALA A 129 -17.21 -29.86 2.31
C ALA A 129 -16.37 -31.04 2.79
N ASP A 130 -15.36 -30.75 3.62
CA ASP A 130 -14.58 -31.79 4.27
C ASP A 130 -15.43 -32.45 5.34
N PHE A 131 -15.33 -33.77 5.47
CA PHE A 131 -16.25 -34.50 6.33
C PHE A 131 -15.64 -35.70 7.06
N GLY A 132 -16.18 -35.95 8.25
CA GLY A 132 -15.88 -37.15 9.02
C GLY A 132 -17.11 -37.54 9.83
N ILE A 133 -17.26 -38.82 10.11
CA ILE A 133 -18.45 -39.32 10.80
C ILE A 133 -18.08 -40.35 11.88
N LYS A 134 -18.86 -40.36 12.95
CA LYS A 134 -18.61 -41.24 14.10
C LYS A 134 -19.83 -42.11 14.34
N TYR A 135 -19.64 -43.23 15.03
CA TYR A 135 -20.76 -44.07 15.42
C TYR A 135 -20.63 -44.43 16.90
N ASN A 136 -21.76 -44.33 17.61
CA ASN A 136 -21.83 -44.70 19.00
C ASN A 136 -22.83 -45.84 19.19
N SER A 137 -22.48 -46.78 20.06
CA SER A 137 -23.24 -48.02 20.20
C SER A 137 -24.22 -47.96 21.37
N GLU A 138 -24.89 -49.07 21.63
CA GLU A 138 -26.01 -49.15 22.55
C GLU A 138 -25.71 -48.66 23.97
N ASN A 139 -24.43 -48.64 24.36
CA ASN A 139 -24.07 -48.16 25.69
C ASN A 139 -23.93 -46.64 25.69
N GLY A 140 -24.27 -46.01 24.57
CA GLY A 140 -24.24 -44.56 24.47
C GLY A 140 -22.90 -44.02 24.02
N GLY A 141 -21.86 -44.82 24.20
CA GLY A 141 -20.51 -44.40 23.88
C GLY A 141 -20.06 -44.86 22.52
N PRO A 142 -18.85 -44.48 22.10
CA PRO A 142 -18.30 -44.82 20.78
C PRO A 142 -18.20 -46.32 20.54
N ALA A 143 -18.25 -46.71 19.27
CA ALA A 143 -18.21 -48.11 18.89
C ALA A 143 -16.87 -48.75 19.22
N PRO A 144 -16.88 -49.99 19.77
CA PRO A 144 -15.64 -50.70 20.11
C PRO A 144 -14.66 -50.80 18.92
N GLU A 145 -13.42 -51.17 19.22
CA GLU A 145 -12.37 -51.28 18.18
C GLU A 145 -12.72 -52.36 17.17
N LYS A 146 -13.46 -53.38 17.62
CA LYS A 146 -13.84 -54.47 16.75
C LYS A 146 -14.75 -53.95 15.64
N LEU A 147 -15.70 -53.12 16.03
CA LEU A 147 -16.68 -52.61 15.09
C LEU A 147 -16.04 -51.61 14.15
N THR A 148 -15.42 -50.58 14.71
CA THR A 148 -14.87 -49.48 13.93
C THR A 148 -13.87 -49.96 12.86
N SER A 149 -13.11 -51.00 13.18
CA SER A 149 -12.10 -51.53 12.25
C SER A 149 -12.76 -52.36 11.16
N GLN A 150 -13.91 -52.95 11.46
CA GLN A 150 -14.63 -53.75 10.47
C GLN A 150 -15.26 -52.83 9.44
N ILE A 151 -15.52 -51.59 9.84
CA ILE A 151 -16.12 -50.59 8.95
C ILE A 151 -15.10 -50.09 7.93
N TYR A 152 -13.83 -50.16 8.29
CA TYR A 152 -12.74 -49.84 7.35
C TYR A 152 -12.90 -50.65 6.07
N GLU A 153 -13.10 -51.95 6.22
CA GLU A 153 -13.34 -52.84 5.10
C GLU A 153 -14.46 -52.33 4.20
N GLU A 154 -15.65 -52.17 4.78
CA GLU A 154 -16.84 -51.83 4.02
C GLU A 154 -16.73 -50.45 3.35
N THR A 155 -16.07 -49.51 4.01
CA THR A 155 -15.96 -48.15 3.48
C THR A 155 -15.15 -48.14 2.19
N VAL A 156 -14.19 -49.07 2.08
CA VAL A 156 -13.31 -49.14 0.93
C VAL A 156 -13.74 -50.25 -0.06
N LYS A 157 -14.22 -51.37 0.46
CA LYS A 157 -14.51 -52.53 -0.37
C LYS A 157 -15.91 -52.49 -0.96
N ILE A 158 -16.69 -51.47 -0.63
CA ILE A 158 -18.10 -51.46 -1.05
C ILE A 158 -18.19 -51.46 -2.58
N THR A 159 -18.94 -52.43 -3.09
CA THR A 159 -19.07 -52.65 -4.52
C THR A 159 -20.41 -52.13 -5.01
N HIS A 160 -21.38 -52.07 -4.10
CA HIS A 160 -22.70 -51.54 -4.43
C HIS A 160 -23.42 -51.03 -3.20
N ILE A 161 -24.13 -49.91 -3.37
CA ILE A 161 -24.83 -49.25 -2.27
C ILE A 161 -26.34 -49.33 -2.48
N LYS A 162 -27.09 -49.13 -1.39
CA LYS A 162 -28.55 -49.11 -1.46
C LYS A 162 -29.12 -47.89 -0.75
N MET A 163 -29.71 -47.01 -1.54
CA MET A 163 -30.36 -45.80 -1.04
C MET A 163 -31.77 -45.75 -1.59
N ALA A 164 -31.86 -45.86 -2.91
CA ALA A 164 -33.13 -45.85 -3.63
C ALA A 164 -34.02 -44.64 -3.28
N PRO A 165 -33.79 -43.52 -3.96
CA PRO A 165 -34.69 -42.35 -3.84
C PRO A 165 -36.13 -42.71 -4.16
N THR A 166 -37.06 -42.39 -3.26
CA THR A 166 -38.47 -42.61 -3.53
C THR A 166 -39.48 -41.43 -3.55
N LEU A 167 -39.19 -40.21 -3.08
CA LEU A 167 -37.93 -39.74 -2.50
C LEU A 167 -38.26 -38.79 -1.33
N PRO A 168 -37.94 -39.18 -0.09
CA PRO A 168 -38.29 -38.32 1.04
C PRO A 168 -37.21 -37.29 1.35
N GLU A 169 -37.59 -36.13 1.88
CA GLU A 169 -36.63 -35.11 2.27
C GLU A 169 -37.23 -34.31 3.43
N VAL A 170 -37.14 -34.88 4.63
CA VAL A 170 -37.83 -34.34 5.79
C VAL A 170 -37.31 -32.97 6.15
N ASP A 171 -38.12 -32.25 6.91
CA ASP A 171 -37.72 -30.96 7.44
C ASP A 171 -37.19 -31.13 8.86
N ILE A 172 -35.88 -30.97 9.02
CA ILE A 172 -35.22 -31.22 10.31
C ILE A 172 -35.25 -30.00 11.23
N HIS A 173 -35.83 -28.90 10.77
CA HIS A 173 -35.86 -27.67 11.54
C HIS A 173 -37.17 -27.47 12.30
N THR A 174 -38.09 -28.41 12.18
CA THR A 174 -39.39 -28.32 12.82
C THR A 174 -39.68 -29.54 13.69
N LEU A 175 -39.97 -29.29 14.96
CA LEU A 175 -40.24 -30.36 15.91
C LEU A 175 -41.45 -31.18 15.49
N GLY A 176 -41.37 -32.48 15.71
CA GLY A 176 -42.46 -33.39 15.40
C GLY A 176 -42.02 -34.66 14.72
N THR A 177 -42.94 -35.61 14.60
CA THR A 177 -42.66 -36.91 14.01
C THR A 177 -43.31 -37.05 12.64
N TYR A 178 -42.57 -37.64 11.70
CA TYR A 178 -43.06 -37.83 10.34
C TYR A 178 -43.12 -39.31 9.97
N THR A 179 -44.33 -39.86 9.86
CA THR A 179 -44.50 -41.27 9.54
C THR A 179 -44.62 -41.48 8.02
N PHE A 180 -43.98 -42.53 7.51
CA PHE A 180 -43.86 -42.76 6.07
C PHE A 180 -44.42 -44.13 5.64
N ASP A 181 -44.38 -44.40 4.33
CA ASP A 181 -44.94 -45.64 3.78
C ASP A 181 -43.85 -46.60 3.32
N ASP A 182 -44.29 -47.73 2.74
CA ASP A 182 -43.41 -48.76 2.17
C ASP A 182 -42.65 -49.54 3.25
N TYR A 183 -42.44 -48.90 4.40
CA TYR A 183 -41.79 -49.50 5.56
C TYR A 183 -42.07 -48.58 6.72
N ASN A 184 -42.80 -49.07 7.71
CA ASN A 184 -43.23 -48.24 8.84
C ASN A 184 -42.06 -47.44 9.40
N PHE A 185 -41.68 -46.42 8.66
CA PHE A 185 -40.55 -45.58 9.05
C PHE A 185 -41.07 -44.32 9.73
N GLN A 186 -40.23 -43.70 10.56
CA GLN A 186 -40.61 -42.45 11.19
C GLN A 186 -39.42 -41.66 11.69
N VAL A 187 -39.38 -40.39 11.29
CA VAL A 187 -38.33 -39.47 11.70
C VAL A 187 -38.88 -38.43 12.67
N GLU A 188 -38.43 -38.50 13.92
CA GLU A 188 -38.85 -37.55 14.94
C GLU A 188 -37.75 -36.54 15.19
N VAL A 189 -37.98 -35.30 14.75
CA VAL A 189 -37.06 -34.22 15.04
C VAL A 189 -37.21 -33.79 16.50
N VAL A 190 -36.22 -34.10 17.32
CA VAL A 190 -36.30 -33.87 18.76
C VAL A 190 -35.51 -32.64 19.19
N ASP A 191 -36.02 -31.95 20.21
CA ASP A 191 -35.33 -30.84 20.84
C ASP A 191 -33.95 -31.33 21.25
N SER A 192 -32.94 -30.52 20.98
CA SER A 192 -31.56 -30.96 21.10
C SER A 192 -30.90 -30.55 22.42
N LEU A 193 -31.69 -29.99 23.33
CA LEU A 193 -31.11 -29.35 24.51
C LEU A 193 -31.79 -29.74 25.82
N ALA A 194 -33.07 -30.11 25.77
CA ALA A 194 -33.85 -30.32 26.98
C ALA A 194 -33.28 -31.41 27.88
N ASP A 195 -32.91 -32.53 27.28
CA ASP A 195 -32.45 -33.69 28.03
C ASP A 195 -31.07 -33.48 28.62
N TYR A 196 -30.19 -32.84 27.84
CA TYR A 196 -28.84 -32.56 28.30
C TYR A 196 -28.85 -31.56 29.46
N ALA A 197 -29.71 -30.54 29.37
CA ALA A 197 -29.81 -29.54 30.42
C ALA A 197 -30.51 -30.13 31.64
N ALA A 198 -31.36 -31.11 31.41
CA ALA A 198 -32.05 -31.77 32.50
C ALA A 198 -31.09 -32.65 33.28
N TYR A 199 -30.17 -33.28 32.57
CA TYR A 199 -29.22 -34.19 33.20
C TYR A 199 -28.27 -33.41 34.11
N MET A 200 -27.80 -32.28 33.62
CA MET A 200 -26.85 -31.44 34.36
C MET A 200 -27.50 -30.84 35.61
N GLN A 201 -28.81 -30.66 35.55
CA GLN A 201 -29.55 -30.12 36.67
C GLN A 201 -29.72 -31.19 37.74
N GLU A 202 -29.64 -32.45 37.32
CA GLU A 202 -29.76 -33.59 38.22
C GLU A 202 -28.45 -33.88 38.93
N VAL A 203 -27.36 -33.86 38.18
CA VAL A 203 -26.05 -34.25 38.69
C VAL A 203 -25.36 -33.15 39.48
N PHE A 204 -25.70 -31.89 39.21
CA PHE A 204 -25.14 -30.77 39.94
C PHE A 204 -26.19 -30.05 40.77
N ASP A 205 -25.76 -29.48 41.88
CA ASP A 205 -26.65 -28.67 42.71
C ASP A 205 -26.76 -27.28 42.11
N PHE A 206 -27.53 -27.17 41.01
CA PHE A 206 -27.66 -25.91 40.29
C PHE A 206 -28.03 -24.75 41.19
N GLU A 207 -28.72 -25.02 42.28
CA GLU A 207 -29.11 -23.97 43.22
C GLU A 207 -27.89 -23.31 43.85
N ALA A 208 -26.88 -24.13 44.15
CA ALA A 208 -25.65 -23.65 44.77
C ALA A 208 -24.79 -22.93 43.74
N ILE A 209 -24.90 -23.35 42.49
CA ILE A 209 -24.15 -22.73 41.41
C ILE A 209 -24.73 -21.34 41.13
N ARG A 210 -26.05 -21.24 41.24
CA ARG A 210 -26.76 -19.98 41.09
C ARG A 210 -26.26 -18.96 42.10
N ALA A 211 -26.05 -19.40 43.33
CA ALA A 211 -25.57 -18.54 44.39
C ALA A 211 -24.20 -17.99 44.04
N LEU A 212 -23.47 -18.72 43.21
CA LEU A 212 -22.11 -18.32 42.86
C LEU A 212 -22.12 -17.26 41.77
N VAL A 213 -22.91 -17.49 40.72
CA VAL A 213 -22.91 -16.60 39.56
C VAL A 213 -23.85 -15.41 39.74
N GLN A 214 -24.89 -15.59 40.54
CA GLN A 214 -25.81 -14.48 40.87
C GLN A 214 -25.29 -13.68 42.07
N ARG A 215 -23.97 -13.56 42.17
CA ARG A 215 -23.35 -12.77 43.22
C ARG A 215 -22.75 -11.50 42.64
N LEU A 216 -22.11 -10.72 43.51
CA LEU A 216 -21.76 -9.35 43.18
C LEU A 216 -20.28 -9.24 42.82
N ASP A 217 -19.55 -10.34 42.94
CA ASP A 217 -18.11 -10.34 42.68
C ASP A 217 -17.67 -11.60 41.95
N PHE A 218 -18.43 -12.00 40.94
CA PHE A 218 -18.05 -13.13 40.10
C PHE A 218 -18.47 -12.94 38.65
N LYS A 219 -17.50 -12.59 37.82
CA LYS A 219 -17.74 -12.38 36.40
C LYS A 219 -17.28 -13.60 35.61
N VAL A 220 -18.16 -14.10 34.75
CA VAL A 220 -17.92 -15.32 33.98
C VAL A 220 -17.78 -14.99 32.50
N HIS A 221 -17.21 -15.93 31.74
CA HIS A 221 -16.95 -15.70 30.32
C HIS A 221 -16.81 -17.01 29.54
N VAL A 222 -17.90 -17.44 28.94
CA VAL A 222 -17.93 -18.68 28.18
C VAL A 222 -17.83 -18.41 26.68
N ASP A 223 -17.04 -19.20 25.98
CA ASP A 223 -16.91 -19.06 24.53
C ASP A 223 -17.07 -20.42 23.88
N SER A 224 -17.95 -20.51 22.89
CA SER A 224 -18.22 -21.78 22.23
C SER A 224 -17.59 -21.83 20.84
N LEU A 225 -16.89 -20.76 20.46
CA LEU A 225 -16.17 -20.72 19.19
C LEU A 225 -17.07 -21.05 18.01
N HIS A 226 -18.33 -20.68 18.13
CA HIS A 226 -19.35 -21.01 17.13
C HIS A 226 -19.43 -22.52 16.96
N GLY A 227 -19.34 -23.24 18.07
CA GLY A 227 -19.42 -24.70 18.07
C GLY A 227 -20.77 -25.19 18.56
N VAL A 228 -21.10 -26.45 18.31
CA VAL A 228 -22.41 -26.98 18.66
C VAL A 228 -22.68 -26.88 20.17
N SER A 229 -21.64 -26.63 20.93
CA SER A 229 -21.78 -26.38 22.36
C SER A 229 -22.49 -25.06 22.60
N GLY A 230 -22.52 -24.23 21.57
CA GLY A 230 -23.11 -22.90 21.65
C GLY A 230 -24.45 -22.89 22.34
N PRO A 231 -25.49 -23.36 21.66
CA PRO A 231 -26.87 -23.37 22.17
C PRO A 231 -26.98 -23.91 23.59
N TYR A 232 -26.19 -24.94 23.90
CA TYR A 232 -26.21 -25.54 25.22
C TYR A 232 -25.77 -24.52 26.26
N VAL A 233 -24.76 -23.73 25.92
CA VAL A 233 -24.24 -22.74 26.84
C VAL A 233 -25.33 -21.75 27.19
N ASP A 234 -26.12 -21.34 26.20
CA ASP A 234 -27.22 -20.42 26.42
C ASP A 234 -28.28 -21.08 27.30
N ARG A 235 -28.68 -22.29 26.93
CA ARG A 235 -29.77 -22.99 27.62
C ARG A 235 -29.41 -23.33 29.05
N ILE A 236 -28.12 -23.56 29.32
CA ILE A 236 -27.68 -23.95 30.66
C ILE A 236 -27.23 -22.74 31.49
N PHE A 237 -26.26 -21.99 30.98
CA PHE A 237 -25.66 -20.90 31.75
C PHE A 237 -26.62 -19.73 31.93
N HIS A 238 -27.44 -19.45 30.93
CA HIS A 238 -28.37 -18.33 31.01
C HIS A 238 -29.72 -18.78 31.56
N GLU A 239 -30.44 -19.61 30.81
CA GLU A 239 -31.78 -20.04 31.23
C GLU A 239 -31.71 -20.88 32.51
N GLY A 240 -30.66 -21.68 32.63
CA GLY A 240 -30.52 -22.58 33.77
C GLY A 240 -29.96 -21.88 34.99
N LEU A 241 -28.74 -21.39 34.90
CA LEU A 241 -28.10 -20.73 36.04
C LEU A 241 -28.61 -19.30 36.21
N GLY A 242 -28.61 -18.53 35.13
CA GLY A 242 -29.08 -17.16 35.18
C GLY A 242 -28.00 -16.16 34.83
N VAL A 243 -26.89 -16.66 34.32
CA VAL A 243 -25.80 -15.78 33.95
C VAL A 243 -26.27 -14.91 32.77
N PRO A 244 -25.94 -13.61 32.80
CA PRO A 244 -26.30 -12.75 31.66
C PRO A 244 -25.73 -13.24 30.34
N LYS A 245 -26.44 -12.94 29.25
CA LYS A 245 -26.06 -13.39 27.91
C LYS A 245 -24.80 -12.70 27.41
N THR A 246 -24.44 -11.61 28.06
CA THR A 246 -23.32 -10.79 27.61
C THR A 246 -22.00 -11.40 28.05
N SER A 247 -22.08 -12.47 28.84
CA SER A 247 -20.89 -13.20 29.29
C SER A 247 -20.58 -14.34 28.34
N LEU A 248 -21.62 -15.02 27.87
CA LEU A 248 -21.46 -16.09 26.90
C LEU A 248 -21.19 -15.46 25.54
N PHE A 249 -20.17 -15.96 24.85
CA PHE A 249 -19.76 -15.41 23.55
C PHE A 249 -19.73 -16.46 22.45
N ARG A 250 -19.95 -16.02 21.22
CA ARG A 250 -19.88 -16.87 20.04
C ARG A 250 -20.75 -18.11 20.20
N THR A 251 -21.90 -17.93 20.83
CA THR A 251 -22.81 -19.03 21.07
C THR A 251 -23.84 -19.15 19.96
N ASN A 252 -23.38 -19.00 18.72
CA ASN A 252 -24.22 -19.33 17.58
C ASN A 252 -23.46 -20.21 16.59
N VAL A 253 -24.09 -21.32 16.23
CA VAL A 253 -23.46 -22.30 15.37
C VAL A 253 -23.21 -21.71 14.00
N LEU A 254 -22.02 -21.94 13.46
CA LEU A 254 -21.62 -21.40 12.16
C LEU A 254 -20.55 -22.25 11.47
N PRO A 255 -20.38 -22.05 10.15
CA PRO A 255 -19.39 -22.77 9.34
C PRO A 255 -18.17 -21.91 9.04
N ASP A 256 -17.20 -21.87 9.95
CA ASP A 256 -16.10 -20.93 9.86
C ASP A 256 -15.31 -21.07 8.56
N PHE A 257 -14.91 -19.93 8.01
CA PHE A 257 -14.14 -19.85 6.78
C PHE A 257 -12.85 -19.03 7.03
N GLY A 258 -12.99 -17.97 7.83
CA GLY A 258 -11.87 -17.13 8.25
C GLY A 258 -11.85 -16.94 9.76
N GLY A 259 -11.89 -18.06 10.47
CA GLY A 259 -11.80 -18.12 11.93
C GLY A 259 -13.16 -18.46 12.55
N CYS A 260 -13.20 -19.06 13.74
CA CYS A 260 -12.03 -19.39 14.57
C CYS A 260 -11.87 -20.89 14.77
N HIS A 261 -10.63 -21.32 15.01
CA HIS A 261 -10.33 -22.73 15.19
C HIS A 261 -11.06 -23.30 16.39
N PRO A 262 -11.75 -24.46 16.22
CA PRO A 262 -12.51 -25.07 17.32
C PRO A 262 -11.65 -25.93 18.23
N ASP A 263 -10.34 -25.75 18.15
CA ASP A 263 -9.40 -26.52 18.97
C ASP A 263 -8.92 -25.64 20.13
N PRO A 264 -9.22 -26.02 21.38
CA PRO A 264 -8.70 -25.25 22.53
C PRO A 264 -7.16 -25.30 22.61
N ASN A 265 -6.53 -24.14 22.68
CA ASN A 265 -5.09 -24.04 22.90
C ASN A 265 -4.64 -22.65 23.33
N LEU A 266 -3.34 -22.48 23.51
CA LEU A 266 -2.79 -21.21 23.96
C LEU A 266 -2.73 -20.25 22.77
N THR A 267 -2.28 -20.76 21.63
CA THR A 267 -2.03 -19.96 20.43
C THR A 267 -3.33 -19.48 19.78
N TYR A 268 -3.20 -18.52 18.86
CA TYR A 268 -4.30 -17.95 18.05
C TYR A 268 -5.69 -17.97 18.66
N ALA A 269 -6.11 -19.13 19.17
CA ALA A 269 -7.32 -19.23 19.99
C ALA A 269 -7.07 -18.57 21.34
N ALA A 270 -6.13 -17.62 21.37
CA ALA A 270 -5.81 -16.89 22.56
C ALA A 270 -6.91 -15.91 22.91
N ASP A 271 -8.04 -15.99 22.21
CA ASP A 271 -9.18 -15.15 22.54
C ASP A 271 -9.49 -15.31 24.02
N LEU A 272 -10.03 -16.46 24.41
CA LEU A 272 -10.35 -16.70 25.82
C LEU A 272 -9.13 -16.41 26.68
N VAL A 273 -7.97 -16.81 26.19
CA VAL A 273 -6.71 -16.60 26.88
C VAL A 273 -6.50 -15.11 27.15
N HIS A 274 -6.73 -14.29 26.13
CA HIS A 274 -6.48 -12.86 26.21
C HIS A 274 -7.47 -12.22 27.16
N VAL A 275 -8.72 -12.63 27.11
CA VAL A 275 -9.76 -12.05 27.95
C VAL A 275 -9.33 -12.09 29.42
N MET A 276 -8.88 -13.26 29.87
CA MET A 276 -8.48 -13.41 31.26
C MET A 276 -7.23 -12.60 31.50
N GLY A 277 -6.41 -12.47 30.46
CA GLY A 277 -5.23 -11.63 30.51
C GLY A 277 -3.94 -12.40 30.36
N LEU A 278 -3.91 -13.31 29.39
CA LEU A 278 -2.78 -14.18 29.19
C LEU A 278 -2.25 -14.11 27.77
N LEU A 279 -1.04 -14.65 27.60
CA LEU A 279 -0.38 -14.69 26.30
C LEU A 279 -0.43 -16.10 25.81
N PRO A 280 -0.20 -16.28 24.51
CA PRO A 280 -0.31 -17.63 23.99
C PRO A 280 0.96 -18.44 24.28
N ASP A 281 1.80 -17.86 25.12
CA ASP A 281 2.97 -18.52 25.67
C ASP A 281 2.70 -18.83 27.15
N GLY A 282 1.94 -19.89 27.38
CA GLY A 282 1.60 -20.33 28.73
C GLY A 282 1.18 -19.23 29.68
N ASN A 283 1.30 -19.48 30.98
CA ASN A 283 1.17 -18.41 31.96
C ASN A 283 2.19 -17.32 31.64
N ALA A 284 1.71 -16.22 31.09
CA ALA A 284 2.53 -15.06 30.81
C ALA A 284 1.77 -13.80 31.18
N ASN A 285 2.41 -12.64 31.04
CA ASN A 285 1.82 -11.42 31.56
C ASN A 285 2.44 -10.16 30.96
N PRO A 286 1.61 -9.26 30.44
CA PRO A 286 2.15 -8.00 29.95
C PRO A 286 1.54 -6.76 30.62
N ALA A 287 0.49 -6.23 29.99
CA ALA A 287 -0.15 -5.01 30.43
C ALA A 287 -1.63 -5.30 30.65
N MET A 288 -1.90 -6.04 31.72
CA MET A 288 -3.25 -6.43 32.05
C MET A 288 -3.32 -6.82 33.52
N LYS A 289 -2.30 -6.41 34.26
CA LYS A 289 -2.12 -6.85 35.63
C LYS A 289 -3.26 -6.35 36.50
N HIS A 290 -3.38 -5.04 36.64
CA HIS A 290 -4.45 -4.47 37.45
C HIS A 290 -5.51 -3.83 36.56
N ILE A 291 -6.48 -4.65 36.18
CA ILE A 291 -7.65 -4.22 35.45
C ILE A 291 -8.89 -4.80 36.13
N SER A 292 -9.86 -3.94 36.43
CA SER A 292 -11.06 -4.35 37.16
C SER A 292 -12.05 -5.09 36.27
N THR A 293 -11.65 -5.32 35.02
CA THR A 293 -12.52 -5.89 34.00
C THR A 293 -12.04 -7.27 33.58
N VAL A 294 -11.30 -7.94 34.46
CA VAL A 294 -10.81 -9.28 34.16
C VAL A 294 -11.75 -10.29 34.81
N PRO A 295 -12.35 -11.16 33.98
CA PRO A 295 -13.27 -12.16 34.55
C PRO A 295 -12.55 -13.10 35.49
N SER A 296 -13.27 -13.60 36.49
CA SER A 296 -12.67 -14.50 37.47
C SER A 296 -12.76 -15.94 37.01
N PHE A 297 -13.50 -16.18 35.93
CA PHE A 297 -13.68 -17.51 35.37
C PHE A 297 -13.96 -17.40 33.88
N GLY A 298 -13.12 -18.03 33.07
CA GLY A 298 -13.37 -18.16 31.65
C GLY A 298 -13.22 -19.61 31.21
N VAL A 299 -14.06 -20.05 30.29
CA VAL A 299 -14.01 -21.41 29.78
C VAL A 299 -14.38 -21.43 28.32
N ALA A 300 -13.73 -22.29 27.54
CA ALA A 300 -14.10 -22.50 26.15
C ALA A 300 -14.36 -23.97 25.91
N PHE A 301 -15.11 -24.27 24.85
CA PHE A 301 -15.51 -25.63 24.55
C PHE A 301 -15.08 -26.07 23.16
N ASP A 302 -14.86 -27.37 23.02
CA ASP A 302 -14.46 -27.94 21.74
C ASP A 302 -15.54 -27.73 20.69
N GLY A 303 -15.24 -28.05 19.44
CA GLY A 303 -16.23 -28.02 18.38
C GLY A 303 -17.49 -28.76 18.78
N ASP A 304 -17.33 -30.02 19.19
CA ASP A 304 -18.46 -30.89 19.49
C ASP A 304 -18.69 -31.09 20.98
N ALA A 305 -18.24 -30.11 21.78
CA ALA A 305 -18.52 -30.09 23.21
C ALA A 305 -17.94 -31.27 23.98
N ASP A 306 -17.06 -32.04 23.35
CA ASP A 306 -16.48 -33.22 23.99
C ASP A 306 -15.27 -32.86 24.82
N ARG A 307 -14.64 -31.74 24.46
CA ARG A 307 -13.42 -31.30 25.14
C ARG A 307 -13.53 -29.84 25.56
N ASN A 308 -12.76 -29.45 26.58
CA ASN A 308 -12.88 -28.09 27.16
C ASN A 308 -11.57 -27.49 27.68
N MET A 309 -11.60 -26.19 27.90
CA MET A 309 -10.46 -25.44 28.41
C MET A 309 -10.96 -24.46 29.45
N ILE A 310 -10.43 -24.55 30.66
CA ILE A 310 -10.93 -23.76 31.79
C ILE A 310 -9.85 -22.87 32.36
N LEU A 311 -10.20 -21.60 32.54
CA LEU A 311 -9.25 -20.56 32.94
C LEU A 311 -9.77 -19.68 34.08
N GLY A 312 -8.82 -19.04 34.74
CA GLY A 312 -9.10 -18.10 35.82
C GLY A 312 -8.61 -16.72 35.56
N CYS A 313 -8.88 -15.80 36.48
CA CYS A 313 -8.31 -14.47 36.43
C CYS A 313 -6.80 -14.60 36.31
N ARG A 314 -6.31 -14.49 35.08
CA ARG A 314 -4.88 -14.52 34.78
C ARG A 314 -4.21 -15.84 35.10
N PHE A 315 -5.01 -16.89 35.29
CA PHE A 315 -4.46 -18.21 35.62
C PHE A 315 -4.91 -19.31 34.65
N PHE A 316 -3.93 -20.05 34.14
CA PHE A 316 -4.18 -21.20 33.27
C PHE A 316 -4.15 -22.48 34.09
N VAL A 317 -5.18 -23.29 33.93
CA VAL A 317 -5.26 -24.57 34.59
C VAL A 317 -4.88 -25.68 33.62
N ASN A 318 -3.72 -26.27 33.82
CA ASN A 318 -3.33 -27.43 33.02
C ASN A 318 -4.46 -28.46 33.03
N PRO A 319 -4.75 -29.07 31.88
CA PRO A 319 -5.89 -30.01 31.79
C PRO A 319 -5.78 -31.13 32.82
N SER A 320 -4.55 -31.44 33.21
CA SER A 320 -4.27 -32.48 34.16
C SER A 320 -4.47 -32.00 35.59
N ASP A 321 -3.96 -30.80 35.87
CA ASP A 321 -4.20 -30.18 37.16
C ASP A 321 -5.71 -30.02 37.36
N SER A 322 -6.42 -29.81 36.25
CA SER A 322 -7.87 -29.65 36.33
C SER A 322 -8.50 -30.95 36.78
N LEU A 323 -8.11 -32.05 36.15
CA LEU A 323 -8.62 -33.36 36.49
C LEU A 323 -8.48 -33.64 37.98
N ALA A 324 -7.28 -33.38 38.50
CA ALA A 324 -6.96 -33.64 39.89
C ALA A 324 -7.83 -32.85 40.85
N VAL A 325 -7.97 -31.55 40.60
CA VAL A 325 -8.76 -30.69 41.48
C VAL A 325 -10.21 -31.15 41.57
N LEU A 326 -10.75 -31.60 40.45
CA LEU A 326 -12.12 -32.12 40.43
C LEU A 326 -12.21 -33.40 41.26
N ALA A 327 -11.14 -34.19 41.26
CA ALA A 327 -11.10 -35.45 41.99
C ALA A 327 -11.01 -35.22 43.49
N ALA A 328 -10.20 -34.24 43.88
CA ALA A 328 -10.04 -33.91 45.28
C ALA A 328 -11.34 -33.37 45.87
N ASN A 329 -11.99 -32.46 45.13
CA ASN A 329 -13.21 -31.82 45.60
C ASN A 329 -14.44 -32.37 44.90
N ALA A 330 -14.56 -33.70 44.84
CA ALA A 330 -15.68 -34.34 44.18
C ALA A 330 -16.88 -34.51 45.10
N ASP A 331 -16.71 -34.13 46.36
CA ASP A 331 -17.79 -34.21 47.33
C ASP A 331 -18.77 -33.07 47.15
N CYS A 332 -18.62 -32.31 46.07
CA CYS A 332 -19.41 -31.11 45.87
C CYS A 332 -20.65 -31.38 45.01
N VAL A 333 -20.54 -32.31 44.06
CA VAL A 333 -21.66 -32.62 43.18
C VAL A 333 -22.50 -33.73 43.81
N PRO A 334 -23.84 -33.61 43.74
CA PRO A 334 -24.69 -34.69 44.25
C PRO A 334 -24.45 -36.03 43.55
N PHE A 335 -24.15 -35.99 42.25
CA PHE A 335 -23.98 -37.19 41.44
C PHE A 335 -23.09 -38.22 42.12
N PHE A 336 -21.96 -37.75 42.63
CA PHE A 336 -21.00 -38.60 43.29
C PHE A 336 -21.33 -38.77 44.76
N THR A 337 -22.06 -37.81 45.33
CA THR A 337 -22.38 -37.83 46.75
C THR A 337 -23.62 -38.66 47.02
N GLN A 338 -24.74 -38.27 46.42
CA GLN A 338 -26.00 -38.99 46.59
C GLN A 338 -25.87 -40.46 46.20
N SER A 339 -27.00 -41.18 46.28
CA SER A 339 -27.07 -42.61 46.00
C SER A 339 -26.30 -43.43 47.05
N SER A 340 -26.13 -42.86 48.24
CA SER A 340 -25.48 -43.53 49.36
C SER A 340 -24.16 -44.20 48.94
N SER A 341 -23.46 -43.55 48.02
CA SER A 341 -22.23 -44.10 47.45
C SER A 341 -21.12 -44.12 48.46
N SER A 342 -19.91 -44.44 48.01
CA SER A 342 -18.74 -44.49 48.87
C SER A 342 -18.03 -43.12 48.88
N GLY A 343 -18.54 -42.19 48.07
CA GLY A 343 -17.96 -40.87 47.94
C GLY A 343 -17.40 -40.71 46.54
N LEU A 344 -16.53 -41.65 46.19
CA LEU A 344 -15.89 -41.69 44.88
C LEU A 344 -14.94 -42.87 44.88
N LYS A 345 -15.25 -43.95 44.18
CA LYS A 345 -14.32 -45.07 44.08
C LYS A 345 -14.01 -45.40 42.64
N ALA A 346 -13.15 -44.58 42.05
CA ALA A 346 -12.65 -44.80 40.70
C ALA A 346 -11.91 -43.55 40.20
N VAL A 347 -11.03 -43.74 39.22
CA VAL A 347 -10.28 -42.65 38.59
C VAL A 347 -9.36 -43.21 37.52
N ALA A 348 -9.47 -42.71 36.30
CA ALA A 348 -8.67 -43.23 35.18
C ALA A 348 -8.15 -42.07 34.33
N ARG A 349 -7.02 -42.28 33.68
CA ARG A 349 -6.44 -41.25 32.84
C ARG A 349 -5.52 -41.85 31.80
N SER A 350 -5.39 -41.14 30.68
CA SER A 350 -4.48 -41.58 29.65
C SER A 350 -3.08 -41.49 30.22
N MET A 351 -2.21 -42.38 29.80
CA MET A 351 -0.84 -42.40 30.29
C MET A 351 -0.12 -41.08 29.95
N PRO A 352 -0.27 -40.58 28.71
CA PRO A 352 0.37 -39.32 28.33
C PRO A 352 0.01 -38.14 29.24
N THR A 353 -1.03 -38.29 30.05
CA THR A 353 -1.48 -37.25 30.98
C THR A 353 -0.62 -37.19 32.25
N SER A 354 -0.51 -36.00 32.84
CA SER A 354 0.24 -35.81 34.08
C SER A 354 -0.39 -36.56 35.23
N GLY A 355 0.44 -37.00 36.17
CA GLY A 355 -0.03 -37.83 37.26
C GLY A 355 -0.44 -37.07 38.50
N ALA A 356 -0.94 -35.85 38.33
CA ALA A 356 -1.40 -35.05 39.47
C ALA A 356 -2.67 -35.64 40.07
N VAL A 357 -3.31 -36.53 39.32
CA VAL A 357 -4.52 -37.19 39.76
C VAL A 357 -4.18 -38.46 40.53
N ASP A 358 -2.93 -38.89 40.41
CA ASP A 358 -2.44 -40.03 41.15
C ASP A 358 -2.29 -39.65 42.62
N ARG A 359 -1.79 -38.44 42.86
CA ARG A 359 -1.55 -37.96 44.21
C ARG A 359 -2.86 -37.71 44.94
N VAL A 360 -3.92 -37.48 44.18
CA VAL A 360 -5.25 -37.32 44.76
C VAL A 360 -5.82 -38.69 45.12
N ALA A 361 -5.36 -39.70 44.39
CA ALA A 361 -5.79 -41.07 44.65
C ALA A 361 -4.95 -41.69 45.77
N ALA A 362 -3.98 -40.93 46.26
CA ALA A 362 -3.17 -41.36 47.38
C ALA A 362 -3.79 -40.80 48.66
N ALA A 363 -4.02 -39.49 48.68
CA ALA A 363 -4.61 -38.84 49.83
C ALA A 363 -6.04 -39.33 50.07
N HIS A 364 -6.55 -40.10 49.11
CA HIS A 364 -7.81 -40.82 49.26
C HIS A 364 -7.57 -42.27 48.87
N ASP A 365 -8.64 -43.07 48.83
CA ASP A 365 -8.49 -44.51 48.72
C ASP A 365 -8.99 -45.07 47.39
N PHE A 366 -9.28 -44.23 46.41
CA PHE A 366 -9.88 -44.73 45.17
C PHE A 366 -8.83 -45.22 44.18
N ALA A 367 -9.12 -46.35 43.56
CA ALA A 367 -8.17 -47.08 42.74
C ALA A 367 -7.94 -46.41 41.39
N LEU A 368 -6.67 -46.25 41.04
CA LEU A 368 -6.26 -45.50 39.85
C LEU A 368 -6.04 -46.39 38.65
N PHE A 369 -6.09 -45.78 37.47
CA PHE A 369 -5.77 -46.45 36.21
C PHE A 369 -4.96 -45.55 35.31
N GLU A 370 -3.91 -46.08 34.71
CA GLU A 370 -3.12 -45.36 33.72
C GLU A 370 -3.27 -46.07 32.38
N VAL A 371 -4.33 -45.73 31.65
CA VAL A 371 -4.67 -46.44 30.42
C VAL A 371 -3.99 -45.78 29.22
N PRO A 372 -4.04 -46.45 28.05
CA PRO A 372 -3.53 -45.86 26.81
C PRO A 372 -4.44 -44.81 26.21
N THR A 373 -4.03 -44.28 25.07
CA THR A 373 -4.81 -43.28 24.36
C THR A 373 -5.93 -43.94 23.57
N GLY A 374 -7.15 -43.43 23.75
CA GLY A 374 -8.33 -44.05 23.17
C GLY A 374 -9.39 -44.19 24.24
N TRP A 375 -10.65 -44.03 23.87
CA TRP A 375 -11.72 -43.98 24.86
C TRP A 375 -12.15 -45.37 25.31
N LYS A 376 -11.99 -46.36 24.43
CA LYS A 376 -12.40 -47.75 24.71
C LYS A 376 -12.16 -48.14 26.16
N PHE A 377 -10.92 -47.97 26.60
CA PHE A 377 -10.50 -48.35 27.93
C PHE A 377 -11.40 -47.70 28.98
N PHE A 378 -11.72 -46.43 28.79
CA PHE A 378 -12.61 -45.72 29.70
C PHE A 378 -13.98 -46.40 29.66
N GLY A 379 -14.38 -46.86 28.49
CA GLY A 379 -15.67 -47.51 28.33
C GLY A 379 -15.73 -48.76 29.18
N ASN A 380 -14.69 -49.57 29.10
CA ASN A 380 -14.63 -50.81 29.84
C ASN A 380 -14.66 -50.56 31.34
N LEU A 381 -13.81 -49.67 31.81
CA LEU A 381 -13.73 -49.35 33.23
C LEU A 381 -15.09 -48.84 33.73
N MET A 382 -15.74 -48.03 32.91
CA MET A 382 -17.09 -47.59 33.24
C MET A 382 -18.02 -48.78 33.19
N ASP A 383 -17.98 -49.51 32.08
CA ASP A 383 -18.81 -50.68 31.89
C ASP A 383 -18.33 -51.84 32.76
N SER A 384 -18.61 -51.74 34.07
CA SER A 384 -18.33 -52.82 35.01
C SER A 384 -19.49 -52.97 36.00
N LYS A 385 -20.22 -51.90 36.24
CA LYS A 385 -21.34 -51.92 37.18
C LYS A 385 -22.58 -52.57 36.57
N ASP A 386 -22.88 -52.22 35.33
CA ASP A 386 -24.13 -52.65 34.71
C ASP A 386 -23.85 -53.57 33.51
N LEU A 387 -22.59 -53.96 33.35
CA LEU A 387 -22.22 -54.87 32.28
C LEU A 387 -20.79 -55.39 32.45
N TYR A 388 -20.62 -56.70 32.32
CA TYR A 388 -19.30 -57.35 32.29
C TYR A 388 -18.53 -57.26 33.61
N GLY A 389 -19.06 -57.93 34.63
CA GLY A 389 -18.36 -58.18 35.88
C GLY A 389 -17.45 -57.09 36.42
N GLY A 390 -16.28 -57.50 36.92
CA GLY A 390 -15.33 -56.56 37.47
C GLY A 390 -15.89 -55.89 38.72
N LYS A 391 -15.35 -54.72 39.05
CA LYS A 391 -15.78 -53.99 40.23
C LYS A 391 -17.17 -53.40 40.09
N ASP A 392 -18.05 -53.76 41.01
CA ASP A 392 -19.46 -53.41 40.94
C ASP A 392 -19.62 -51.89 40.90
N PHE A 393 -19.21 -51.19 41.96
CA PHE A 393 -19.30 -49.73 41.98
C PHE A 393 -18.46 -49.15 40.85
N ASN A 394 -18.95 -48.07 40.26
CA ASN A 394 -18.30 -47.44 39.13
C ASN A 394 -18.29 -45.91 39.13
N PRO A 395 -18.53 -45.26 40.29
CA PRO A 395 -18.48 -43.80 40.19
C PRO A 395 -17.12 -43.34 39.67
N LEU A 396 -16.95 -43.38 38.35
CA LEU A 396 -15.66 -43.15 37.72
C LEU A 396 -15.50 -41.77 37.14
N LEU A 397 -14.25 -41.31 37.18
CA LEU A 397 -13.84 -40.05 36.58
C LEU A 397 -12.81 -40.39 35.52
N CYS A 398 -12.71 -39.58 34.46
CA CYS A 398 -11.77 -39.86 33.39
C CYS A 398 -11.19 -38.56 32.84
N GLY A 399 -10.03 -38.64 32.22
CA GLY A 399 -9.43 -37.45 31.64
C GLY A 399 -8.23 -37.71 30.76
N GLU A 400 -7.99 -36.79 29.83
CA GLU A 400 -6.85 -36.86 28.94
C GLU A 400 -6.10 -35.53 28.94
N GLU A 401 -4.81 -35.60 28.64
CA GLU A 401 -3.97 -34.41 28.49
C GLU A 401 -4.59 -33.45 27.49
N SER A 402 -4.95 -33.96 26.32
CA SER A 402 -5.62 -33.14 25.32
C SER A 402 -7.06 -32.96 25.76
N PHE A 403 -7.23 -32.09 26.75
CA PHE A 403 -8.46 -31.85 27.54
C PHE A 403 -9.82 -32.43 27.18
N GLY A 404 -10.74 -32.18 28.10
CA GLY A 404 -12.11 -32.62 27.99
C GLY A 404 -12.55 -33.22 29.30
N THR A 405 -12.03 -34.42 29.61
CA THR A 405 -12.35 -35.06 30.86
C THR A 405 -13.84 -35.39 30.95
N GLY A 406 -14.20 -36.22 31.91
CA GLY A 406 -15.58 -36.64 32.01
C GLY A 406 -15.77 -37.58 33.18
N SER A 407 -16.91 -38.25 33.21
CA SER A 407 -17.17 -39.24 34.22
C SER A 407 -18.05 -40.32 33.64
N ASN A 408 -18.65 -41.12 34.51
CA ASN A 408 -19.50 -42.22 34.07
C ASN A 408 -20.94 -41.79 33.81
N HIS A 409 -21.23 -40.50 34.03
CA HIS A 409 -22.60 -40.00 33.88
C HIS A 409 -23.09 -40.21 32.46
N ILE A 410 -22.18 -40.13 31.51
CA ILE A 410 -22.44 -40.46 30.12
C ILE A 410 -21.27 -41.27 29.61
N ARG A 411 -21.32 -41.71 28.36
CA ARG A 411 -20.23 -42.50 27.79
C ARG A 411 -19.52 -41.72 26.71
N GLU A 412 -19.35 -40.43 26.98
CA GLU A 412 -18.54 -39.56 26.15
C GLU A 412 -17.89 -38.52 27.05
N LYS A 413 -16.68 -38.11 26.70
CA LYS A 413 -16.03 -37.00 27.39
C LYS A 413 -16.89 -35.76 27.22
N ASP A 414 -17.05 -35.00 28.29
CA ASP A 414 -17.96 -33.87 28.29
C ASP A 414 -17.29 -32.57 28.71
N GLY A 415 -17.41 -31.57 27.85
CA GLY A 415 -16.81 -30.27 28.12
C GLY A 415 -17.68 -29.43 29.04
N ILE A 416 -18.94 -29.27 28.68
CA ILE A 416 -19.83 -28.40 29.44
C ILE A 416 -20.02 -28.95 30.86
N TRP A 417 -19.97 -30.27 30.99
CA TRP A 417 -20.11 -30.91 32.29
C TRP A 417 -19.01 -30.47 33.22
N ALA A 418 -17.79 -30.47 32.69
CA ALA A 418 -16.62 -30.12 33.47
C ALA A 418 -16.73 -28.69 33.98
N SER A 419 -17.22 -27.80 33.13
CA SER A 419 -17.33 -26.39 33.48
C SER A 419 -18.30 -26.20 34.64
N LEU A 420 -19.32 -27.06 34.71
CA LEU A 420 -20.27 -27.03 35.81
C LEU A 420 -19.65 -27.66 37.03
N PHE A 421 -18.79 -28.65 36.81
CA PHE A 421 -18.07 -29.27 37.90
C PHE A 421 -17.24 -28.19 38.59
N TRP A 422 -16.42 -27.50 37.81
CA TRP A 422 -15.54 -26.47 38.35
C TRP A 422 -16.32 -25.37 39.05
N LEU A 423 -17.56 -25.15 38.65
CA LEU A 423 -18.40 -24.16 39.31
C LEU A 423 -18.80 -24.66 40.68
N SER A 424 -19.21 -25.93 40.74
CA SER A 424 -19.62 -26.55 42.00
C SER A 424 -18.48 -26.52 43.02
N VAL A 425 -17.27 -26.80 42.55
CA VAL A 425 -16.09 -26.79 43.42
C VAL A 425 -15.88 -25.41 44.01
N ILE A 426 -15.91 -24.39 43.16
CA ILE A 426 -15.73 -23.01 43.61
C ILE A 426 -16.92 -22.60 44.46
N ALA A 427 -18.09 -23.16 44.16
CA ALA A 427 -19.28 -22.89 44.94
C ALA A 427 -19.11 -23.42 46.35
N LYS A 428 -18.63 -24.66 46.47
CA LYS A 428 -18.42 -25.25 47.79
C LYS A 428 -17.28 -24.53 48.51
N ARG A 429 -17.54 -23.26 48.82
CA ARG A 429 -16.59 -22.42 49.50
C ARG A 429 -17.29 -21.44 50.43
N ASN A 430 -18.57 -21.20 50.17
CA ASN A 430 -19.38 -20.31 51.00
C ASN A 430 -18.77 -18.93 51.11
N ALA A 431 -19.17 -18.06 50.20
CA ALA A 431 -18.71 -16.69 50.18
C ALA A 431 -19.83 -15.64 50.23
N PRO A 432 -21.00 -15.97 50.81
CA PRO A 432 -21.96 -14.86 50.91
C PRO A 432 -21.45 -13.77 51.84
N GLY A 433 -21.33 -12.56 51.33
CA GLY A 433 -20.80 -11.44 52.10
C GLY A 433 -19.29 -11.38 52.03
N THR A 434 -18.62 -12.31 52.69
CA THR A 434 -17.17 -12.34 52.73
C THR A 434 -16.60 -12.61 51.35
N PRO A 435 -15.38 -12.11 51.08
CA PRO A 435 -14.74 -12.36 49.78
C PRO A 435 -14.46 -13.83 49.53
N LEU A 436 -14.41 -14.24 48.25
CA LEU A 436 -14.20 -15.63 47.89
C LEU A 436 -12.83 -15.88 47.29
N VAL A 437 -12.32 -17.08 47.57
CA VAL A 437 -11.11 -17.59 46.98
C VAL A 437 -11.27 -17.76 45.46
N GLY A 438 -10.31 -17.24 44.71
CA GLY A 438 -10.31 -17.40 43.28
C GLY A 438 -9.76 -18.75 42.88
N VAL A 439 -9.90 -19.08 41.59
CA VAL A 439 -9.44 -20.35 41.07
C VAL A 439 -7.94 -20.52 41.30
N GLN A 440 -7.19 -19.44 41.12
CA GLN A 440 -5.75 -19.53 41.25
C GLN A 440 -5.37 -20.05 42.62
N GLN A 441 -5.98 -19.49 43.65
CA GLN A 441 -5.77 -19.99 44.98
C GLN A 441 -6.14 -21.45 45.10
N ILE A 442 -7.38 -21.78 44.74
CA ILE A 442 -7.89 -23.14 44.86
C ILE A 442 -6.90 -24.16 44.31
N VAL A 443 -6.39 -23.90 43.12
CA VAL A 443 -5.41 -24.77 42.52
C VAL A 443 -4.12 -24.72 43.30
N GLU A 444 -3.77 -23.52 43.77
CA GLU A 444 -2.57 -23.35 44.55
C GLU A 444 -2.72 -24.00 45.91
N GLU A 445 -3.91 -23.90 46.48
CA GLU A 445 -4.22 -24.63 47.70
C GLU A 445 -4.07 -26.12 47.41
N HIS A 446 -4.57 -26.53 46.25
CA HIS A 446 -4.47 -27.92 45.85
C HIS A 446 -3.03 -28.28 45.57
N TRP A 447 -2.28 -27.32 45.03
CA TRP A 447 -0.86 -27.50 44.85
C TRP A 447 -0.20 -27.57 46.21
N ALA A 448 -0.82 -26.89 47.18
CA ALA A 448 -0.27 -26.80 48.52
C ALA A 448 -0.57 -28.06 49.31
N THR A 449 -1.63 -28.77 48.95
CA THR A 449 -2.00 -29.95 49.72
C THR A 449 -1.24 -31.19 49.26
N TYR A 450 -1.22 -31.41 47.94
CA TYR A 450 -0.69 -32.66 47.39
C TYR A 450 0.63 -32.48 46.65
N GLY A 451 1.08 -31.23 46.53
CA GLY A 451 2.28 -30.94 45.77
C GLY A 451 1.90 -30.76 44.31
N ARG A 452 2.78 -30.15 43.53
CA ARG A 452 2.47 -29.77 42.16
C ARG A 452 3.19 -30.65 41.15
N ASN A 453 2.43 -31.07 40.13
CA ASN A 453 2.97 -31.81 39.01
C ASN A 453 3.11 -30.92 37.79
N TYR A 454 4.31 -30.44 37.52
CA TYR A 454 4.56 -29.67 36.32
C TYR A 454 4.24 -30.51 35.09
N TYR A 455 3.72 -29.88 34.05
CA TYR A 455 3.38 -30.57 32.82
C TYR A 455 3.54 -29.66 31.62
N SER A 456 4.16 -30.20 30.58
CA SER A 456 4.44 -29.44 29.36
C SER A 456 4.81 -30.42 28.28
N ARG A 457 4.48 -30.08 27.04
CA ARG A 457 4.67 -31.00 25.93
C ARG A 457 5.47 -30.34 24.82
N TYR A 458 6.49 -31.04 24.34
CA TYR A 458 7.31 -30.57 23.24
C TYR A 458 7.00 -31.34 21.97
N ASP A 459 6.53 -30.63 20.95
CA ASP A 459 6.28 -31.23 19.63
C ASP A 459 7.42 -30.88 18.69
N TYR A 460 7.84 -31.87 17.92
CA TYR A 460 8.81 -31.65 16.85
C TYR A 460 8.22 -32.12 15.53
N GLU A 461 7.54 -31.21 14.85
CA GLU A 461 6.80 -31.51 13.63
C GLU A 461 7.69 -31.63 12.42
N ASP A 462 7.23 -32.42 11.45
CA ASP A 462 7.87 -32.51 10.14
C ASP A 462 9.33 -32.93 10.20
N VAL A 463 9.57 -34.05 10.89
CA VAL A 463 10.89 -34.65 10.91
C VAL A 463 10.86 -35.93 10.08
N SER A 464 12.02 -36.37 9.61
CA SER A 464 12.11 -37.59 8.85
C SER A 464 11.77 -38.78 9.72
N ALA A 465 10.88 -39.63 9.23
CA ALA A 465 10.50 -40.83 9.96
C ALA A 465 11.71 -41.68 10.28
N GLU A 466 12.74 -41.59 9.44
CA GLU A 466 14.03 -42.17 9.76
C GLU A 466 14.48 -41.67 11.13
N ALA A 467 14.74 -40.37 11.19
CA ALA A 467 15.24 -39.73 12.39
C ALA A 467 14.24 -39.88 13.54
N ALA A 468 12.94 -39.83 13.21
CA ALA A 468 11.91 -39.92 14.22
C ALA A 468 12.03 -41.25 14.95
N LYS A 469 12.05 -42.34 14.21
CA LYS A 469 12.16 -43.65 14.81
C LYS A 469 13.53 -43.81 15.46
N ALA A 470 14.55 -43.20 14.84
CA ALA A 470 15.90 -43.23 15.37
C ALA A 470 15.92 -42.67 16.80
N VAL A 471 15.16 -41.60 17.01
CA VAL A 471 15.06 -40.99 18.33
C VAL A 471 14.31 -41.92 19.28
N MET A 472 13.30 -42.59 18.77
CA MET A 472 12.50 -43.51 19.58
C MET A 472 13.35 -44.68 20.06
N ASP A 473 14.09 -45.28 19.12
CA ASP A 473 14.95 -46.42 19.43
C ASP A 473 16.07 -46.00 20.38
N THR A 474 16.68 -44.86 20.10
CA THR A 474 17.76 -44.35 20.91
C THR A 474 17.35 -44.17 22.37
N VAL A 475 16.18 -43.57 22.60
CA VAL A 475 15.72 -43.32 23.97
C VAL A 475 15.33 -44.62 24.63
N GLU A 476 14.76 -45.54 23.86
CA GLU A 476 14.58 -46.88 24.34
C GLU A 476 15.99 -47.47 24.47
N ASN A 477 16.49 -48.09 23.41
CA ASN A 477 17.73 -48.89 23.42
C ASN A 477 18.83 -48.39 24.35
N THR A 478 19.19 -47.11 24.24
CA THR A 478 20.33 -46.59 25.00
C THR A 478 20.01 -46.49 26.49
N VAL A 479 18.73 -46.29 26.83
CA VAL A 479 18.31 -46.22 28.22
C VAL A 479 17.99 -47.62 28.77
N VAL A 480 17.52 -48.52 27.90
CA VAL A 480 17.13 -49.86 28.33
C VAL A 480 18.29 -50.55 29.06
N ASP A 481 19.43 -50.62 28.39
CA ASP A 481 20.57 -51.37 28.91
C ASP A 481 21.53 -50.43 29.63
N ASP A 482 20.94 -49.52 30.40
CA ASP A 482 21.68 -48.58 31.24
C ASP A 482 20.67 -47.79 32.07
N VAL A 483 19.75 -48.52 32.71
CA VAL A 483 18.68 -47.91 33.50
C VAL A 483 19.21 -46.75 34.37
N PRO A 484 20.32 -46.97 35.10
CA PRO A 484 20.85 -45.90 35.95
C PRO A 484 21.91 -45.07 35.22
N ASN A 485 21.53 -44.54 34.06
CA ASN A 485 22.38 -43.64 33.30
C ASN A 485 22.02 -42.21 33.66
N LEU A 486 22.62 -41.24 32.97
CA LEU A 486 22.10 -39.88 32.99
C LEU A 486 22.20 -39.15 34.33
N ASN A 487 21.38 -38.11 34.44
CA ASN A 487 21.46 -37.16 35.54
C ASN A 487 20.27 -37.33 36.48
N GLY A 488 19.95 -36.25 37.20
CA GLY A 488 18.84 -36.27 38.14
C GLY A 488 18.97 -37.38 39.17
N VAL A 489 17.87 -37.69 39.84
CA VAL A 489 17.83 -38.82 40.77
C VAL A 489 17.81 -40.13 40.01
N ALA A 490 17.65 -41.23 40.73
CA ALA A 490 17.69 -42.55 40.13
C ALA A 490 16.58 -42.72 39.12
N CYS A 491 16.89 -42.45 37.86
CA CYS A 491 15.94 -42.64 36.77
C CYS A 491 15.76 -44.12 36.45
N LYS A 492 14.61 -44.67 36.82
CA LYS A 492 14.36 -46.10 36.64
C LYS A 492 13.01 -46.39 36.00
N THR A 493 12.63 -47.67 36.00
CA THR A 493 11.33 -48.09 35.48
C THR A 493 11.15 -47.60 34.04
N ILE A 494 12.26 -47.42 33.34
CA ILE A 494 12.24 -47.05 31.93
C ILE A 494 11.74 -48.19 31.05
N ASP A 495 10.79 -47.89 30.16
CA ASP A 495 10.18 -48.92 29.32
C ASP A 495 9.42 -48.32 28.14
N ASN A 496 9.09 -49.16 27.17
CA ASN A 496 8.14 -48.79 26.13
C ASN A 496 6.76 -49.25 26.55
N PHE A 497 5.94 -48.30 26.97
CA PHE A 497 4.70 -48.59 27.68
C PHE A 497 3.79 -49.60 27.00
N SER A 498 3.55 -50.71 27.70
CA SER A 498 2.60 -51.71 27.29
C SER A 498 1.52 -51.80 28.36
N TYR A 499 0.29 -52.06 27.93
CA TYR A 499 -0.84 -52.12 28.86
C TYR A 499 -1.81 -53.24 28.48
N THR A 500 -2.31 -53.93 29.50
CA THR A 500 -3.25 -55.03 29.31
C THR A 500 -4.61 -54.67 29.90
N ASP A 501 -5.63 -54.67 29.06
CA ASP A 501 -6.97 -54.24 29.48
C ASP A 501 -7.49 -55.21 30.53
N PRO A 502 -7.93 -54.68 31.69
CA PRO A 502 -8.37 -55.54 32.80
C PRO A 502 -9.77 -56.12 32.61
N ILE A 503 -10.56 -55.56 31.70
CA ILE A 503 -11.94 -55.99 31.54
C ILE A 503 -12.12 -56.93 30.35
N ASP A 504 -11.44 -56.64 29.24
CA ASP A 504 -11.57 -57.45 28.04
C ASP A 504 -10.33 -58.29 27.77
N GLY A 505 -9.20 -57.88 28.34
CA GLY A 505 -7.97 -58.63 28.19
C GLY A 505 -7.15 -58.25 26.96
N SER A 506 -7.43 -57.09 26.38
CA SER A 506 -6.67 -56.61 25.23
C SER A 506 -5.26 -56.25 25.69
N VAL A 507 -4.29 -56.41 24.80
CA VAL A 507 -2.91 -56.02 25.05
C VAL A 507 -2.49 -54.92 24.10
N SER A 508 -2.04 -53.80 24.67
CA SER A 508 -1.63 -52.65 23.87
C SER A 508 -0.16 -52.36 24.13
N THR A 509 0.60 -52.11 23.05
CA THR A 509 2.04 -51.90 23.14
C THR A 509 2.52 -50.65 22.40
N LYS A 510 3.81 -50.39 22.53
CA LYS A 510 4.48 -49.22 21.94
C LYS A 510 3.66 -47.94 22.05
N GLN A 511 3.01 -47.75 23.18
CA GLN A 511 2.23 -46.53 23.40
C GLN A 511 3.00 -45.52 24.24
N GLY A 512 4.30 -45.42 23.96
CA GLY A 512 5.14 -44.41 24.57
C GLY A 512 6.38 -44.97 25.27
N VAL A 513 7.54 -44.48 24.87
CA VAL A 513 8.76 -44.77 25.57
C VAL A 513 8.80 -43.93 26.83
N ARG A 514 8.59 -44.56 27.98
CA ARG A 514 8.65 -43.84 29.24
C ARG A 514 10.08 -43.77 29.75
N VAL A 515 10.37 -42.75 30.55
CA VAL A 515 11.65 -42.66 31.25
C VAL A 515 11.42 -42.08 32.63
N LEU A 516 11.04 -42.94 33.57
CA LEU A 516 10.59 -42.50 34.89
C LEU A 516 11.74 -42.20 35.84
N PHE A 517 11.50 -41.27 36.76
CA PHE A 517 12.44 -40.98 37.83
C PHE A 517 11.89 -41.53 39.14
N GLU A 518 12.64 -41.34 40.22
CA GLU A 518 12.28 -41.92 41.51
C GLU A 518 11.12 -41.17 42.16
N ASP A 519 11.28 -39.86 42.31
CA ASP A 519 10.29 -39.04 43.03
C ASP A 519 8.91 -39.09 42.39
N GLY A 520 8.87 -39.40 41.10
CA GLY A 520 7.63 -39.48 40.37
C GLY A 520 7.72 -38.79 39.02
N SER A 521 8.80 -38.04 38.83
CA SER A 521 9.02 -37.30 37.58
C SER A 521 9.20 -38.28 36.42
N ARG A 522 9.06 -37.76 35.20
CA ARG A 522 9.20 -38.59 34.00
C ARG A 522 9.21 -37.70 32.77
N PHE A 523 9.84 -38.19 31.70
CA PHE A 523 9.67 -37.59 30.38
C PHE A 523 9.36 -38.69 29.41
N VAL A 524 8.40 -38.42 28.54
CA VAL A 524 7.85 -39.43 27.66
C VAL A 524 7.89 -38.99 26.22
N LEU A 525 8.31 -39.90 25.36
CA LEU A 525 8.23 -39.70 23.93
C LEU A 525 7.18 -40.61 23.33
N ARG A 526 6.30 -40.02 22.54
CA ARG A 526 5.27 -40.76 21.82
C ARG A 526 5.29 -40.33 20.38
N LEU A 527 5.13 -41.30 19.49
CA LEU A 527 5.22 -41.04 18.07
C LEU A 527 3.83 -40.93 17.50
N SER A 528 3.53 -39.76 16.94
CA SER A 528 2.25 -39.54 16.28
C SER A 528 2.54 -39.28 14.81
N GLY A 529 2.12 -40.24 13.97
CA GLY A 529 2.28 -40.13 12.54
C GLY A 529 1.39 -41.11 11.79
N THR A 530 0.38 -40.59 11.12
CA THR A 530 -0.57 -41.39 10.35
C THR A 530 -0.21 -41.31 8.87
N GLY A 531 0.35 -42.40 8.36
CA GLY A 531 0.71 -42.47 6.95
C GLY A 531 2.03 -41.82 6.63
N SER A 532 2.25 -41.52 5.36
CA SER A 532 3.53 -40.99 4.88
C SER A 532 3.46 -39.46 4.76
N SER A 533 3.99 -38.78 5.78
CA SER A 533 4.02 -37.33 5.81
C SER A 533 4.97 -36.87 6.89
N GLY A 534 6.06 -37.61 7.06
CA GLY A 534 6.97 -37.40 8.16
C GLY A 534 6.37 -37.95 9.44
N ALA A 535 6.73 -37.33 10.56
CA ALA A 535 6.16 -37.71 11.85
C ALA A 535 6.40 -36.58 12.84
N THR A 536 5.78 -36.68 14.00
CA THR A 536 5.94 -35.68 15.04
C THR A 536 6.34 -36.29 16.38
N ILE A 537 7.54 -35.96 16.82
CA ILE A 537 8.05 -36.43 18.09
C ILE A 537 7.30 -35.74 19.20
N ARG A 538 6.59 -36.51 20.00
CA ARG A 538 5.78 -35.95 21.07
C ARG A 538 6.47 -36.14 22.42
N LEU A 539 7.25 -35.13 22.82
CA LEU A 539 8.03 -35.19 24.05
C LEU A 539 7.33 -34.54 25.22
N TYR A 540 7.01 -35.35 26.23
CA TYR A 540 6.21 -34.88 27.36
C TYR A 540 7.12 -34.69 28.56
N LEU A 541 6.82 -33.71 29.39
CA LEU A 541 7.69 -33.32 30.49
C LEU A 541 6.91 -33.18 31.79
N GLU A 542 7.40 -33.83 32.84
CA GLU A 542 6.71 -33.84 34.12
C GLU A 542 7.70 -33.88 35.26
N GLN A 543 7.69 -32.84 36.10
CA GLN A 543 8.59 -32.77 37.24
C GLN A 543 7.87 -32.43 38.54
N TYR A 544 7.88 -33.36 39.48
CA TYR A 544 7.23 -33.14 40.77
C TYR A 544 8.02 -32.14 41.61
N MET A 545 7.31 -31.40 42.46
CA MET A 545 7.94 -30.69 43.57
C MET A 545 6.91 -30.38 44.67
N ASP A 546 7.28 -30.65 45.92
CA ASP A 546 6.44 -30.33 47.08
C ASP A 546 7.15 -29.32 48.00
N SER A 547 8.24 -28.75 47.50
CA SER A 547 8.99 -27.73 48.22
C SER A 547 8.38 -26.35 47.94
N ALA A 548 8.95 -25.31 48.54
CA ALA A 548 8.55 -23.92 48.31
C ALA A 548 7.07 -23.69 48.58
N THR A 549 6.60 -24.28 49.67
CA THR A 549 5.19 -24.34 50.05
C THR A 549 5.22 -25.28 51.26
N VAL A 550 4.15 -25.48 52.03
CA VAL A 550 2.76 -25.24 51.65
C VAL A 550 1.97 -24.44 52.70
N LYS A 551 0.66 -24.27 52.44
CA LYS A 551 -0.28 -23.52 53.30
C LYS A 551 -0.03 -22.01 53.33
N SER A 552 1.20 -21.60 53.02
CA SER A 552 1.53 -20.18 52.95
C SER A 552 1.06 -19.60 51.62
N HIS A 553 0.12 -18.65 51.71
CA HIS A 553 -0.43 -18.00 50.52
C HIS A 553 0.66 -17.58 49.53
N LEU A 554 0.83 -18.39 48.48
CA LEU A 554 1.70 -18.08 47.35
C LEU A 554 3.20 -18.17 47.72
N ALA A 555 3.58 -19.29 48.35
CA ALA A 555 4.97 -19.57 48.72
C ALA A 555 5.71 -18.36 49.25
N GLU A 556 4.94 -17.38 49.75
CA GLU A 556 5.47 -16.07 50.12
C GLU A 556 6.33 -15.44 49.03
N LYS A 557 5.66 -15.07 47.93
CA LYS A 557 6.24 -14.33 46.80
C LYS A 557 7.36 -15.06 46.07
N THR A 558 7.69 -16.27 46.51
CA THR A 558 8.63 -17.11 45.79
C THR A 558 7.84 -18.09 44.95
N LEU A 559 7.16 -17.55 43.95
CA LEU A 559 6.50 -18.35 42.92
C LEU A 559 7.52 -18.73 41.86
N PRO A 560 7.99 -19.98 41.84
CA PRO A 560 9.00 -20.25 40.81
C PRO A 560 8.39 -20.30 39.43
N THR A 561 7.44 -21.22 39.23
CA THR A 561 6.59 -21.36 38.02
C THR A 561 7.04 -22.48 37.11
N ALA A 562 6.06 -23.21 36.58
CA ALA A 562 6.34 -24.38 35.78
C ALA A 562 6.70 -24.01 34.35
N SER A 563 7.99 -24.07 34.06
CA SER A 563 8.54 -23.64 32.78
C SER A 563 10.03 -23.44 32.95
N THR A 564 10.39 -22.89 34.10
CA THR A 564 11.76 -22.64 34.45
C THR A 564 12.38 -23.90 35.06
N ALA A 565 11.66 -24.49 36.01
CA ALA A 565 12.17 -25.65 36.71
C ALA A 565 12.16 -26.89 35.82
N LEU A 566 11.43 -26.79 34.71
CA LEU A 566 11.40 -27.86 33.74
C LEU A 566 12.64 -27.82 32.85
N LYS A 567 13.47 -26.79 33.03
CA LYS A 567 14.67 -26.66 32.22
C LYS A 567 15.61 -27.83 32.47
N ALA A 568 15.64 -28.28 33.72
CA ALA A 568 16.43 -29.44 34.09
C ALA A 568 16.02 -30.63 33.25
N LEU A 569 14.75 -31.00 33.37
CA LEU A 569 14.21 -32.15 32.67
C LEU A 569 14.38 -32.02 31.15
N ILE A 570 14.36 -30.79 30.66
CA ILE A 570 14.59 -30.56 29.24
C ILE A 570 16.03 -30.92 28.91
N GLY A 571 16.97 -30.42 29.71
CA GLY A 571 18.38 -30.62 29.46
C GLY A 571 18.71 -32.09 29.43
N VAL A 572 18.10 -32.84 30.34
CA VAL A 572 18.25 -34.28 30.37
C VAL A 572 17.72 -34.84 29.05
N ALA A 573 16.41 -34.77 28.86
CA ALA A 573 15.71 -35.36 27.71
C ALA A 573 16.45 -35.24 26.38
N LEU A 574 16.86 -34.03 26.04
CA LEU A 574 17.53 -33.79 24.76
C LEU A 574 18.86 -34.52 24.69
N GLN A 575 19.65 -34.40 25.75
CA GLN A 575 20.92 -35.08 25.85
C GLN A 575 20.70 -36.58 25.63
N VAL A 576 19.67 -37.10 26.27
CA VAL A 576 19.38 -38.53 26.28
C VAL A 576 18.99 -39.03 24.92
N SER A 577 17.91 -38.46 24.41
CA SER A 577 17.36 -38.84 23.14
C SER A 577 18.28 -38.50 21.98
N LYS A 578 19.37 -37.78 22.26
CA LYS A 578 20.24 -37.29 21.20
C LYS A 578 19.38 -36.59 20.16
N MET A 579 18.29 -36.00 20.64
CA MET A 579 17.24 -35.48 19.78
C MET A 579 17.74 -34.37 18.89
N GLU A 580 18.57 -33.51 19.46
CA GLU A 580 19.14 -32.41 18.70
C GLU A 580 20.12 -32.97 17.67
N SER A 581 20.79 -34.07 18.02
CA SER A 581 21.83 -34.64 17.17
C SER A 581 21.26 -35.51 16.04
N LEU A 582 20.05 -36.02 16.23
CA LEU A 582 19.44 -36.95 15.30
C LEU A 582 18.47 -36.29 14.31
N THR A 583 17.92 -35.16 14.71
CA THR A 583 16.86 -34.51 13.94
C THR A 583 17.29 -33.14 13.41
N GLY A 584 18.15 -32.45 14.15
CA GLY A 584 18.60 -31.13 13.76
C GLY A 584 17.70 -30.06 14.33
N ARG A 585 17.00 -30.40 15.41
CA ARG A 585 16.06 -29.49 16.05
C ARG A 585 16.55 -28.99 17.40
N LYS A 586 16.87 -27.71 17.45
CA LYS A 586 17.26 -27.07 18.70
C LYS A 586 16.02 -26.78 19.54
N THR A 587 15.02 -26.18 18.90
CA THR A 587 13.78 -25.78 19.57
C THR A 587 12.59 -26.50 18.97
N PRO A 588 11.58 -26.80 19.81
CA PRO A 588 10.38 -27.49 19.31
C PRO A 588 9.48 -26.62 18.47
N THR A 589 8.46 -27.23 17.88
CA THR A 589 7.46 -26.51 17.11
C THR A 589 6.38 -25.93 18.01
N VAL A 590 6.00 -26.70 19.02
CA VAL A 590 4.91 -26.34 19.90
C VAL A 590 5.31 -26.58 21.34
N ILE A 591 4.79 -25.77 22.25
CA ILE A 591 5.02 -25.99 23.67
C ILE A 591 3.77 -25.71 24.48
N THR A 592 3.42 -26.67 25.33
CA THR A 592 2.22 -26.61 26.15
C THR A 592 2.55 -26.06 27.53
N THR B 34 0.30 10.21 2.53
CA THR B 34 -0.72 11.24 2.64
C THR B 34 -0.12 12.52 3.16
N ALA B 35 0.98 12.93 2.52
CA ALA B 35 1.61 14.19 2.82
C ALA B 35 1.97 14.87 1.50
N ASN B 36 2.34 14.08 0.50
CA ASN B 36 2.60 14.62 -0.83
C ASN B 36 1.28 14.88 -1.54
N PHE B 37 0.24 14.16 -1.14
CA PHE B 37 -1.08 14.37 -1.68
C PHE B 37 -1.53 15.79 -1.39
N VAL B 38 -1.59 16.11 -0.10
CA VAL B 38 -2.07 17.41 0.33
C VAL B 38 -1.30 18.56 -0.32
N GLN B 39 0.03 18.48 -0.33
CA GLN B 39 0.82 19.53 -0.96
C GLN B 39 0.52 19.56 -2.45
N SER B 40 0.30 18.39 -3.03
CA SER B 40 0.09 18.30 -4.46
C SER B 40 -1.20 19.01 -4.88
N THR B 41 -2.25 18.92 -4.07
CA THR B 41 -3.49 19.60 -4.43
C THR B 41 -3.39 21.07 -4.11
N PHE B 42 -2.65 21.42 -3.08
CA PHE B 42 -2.36 22.82 -2.80
C PHE B 42 -1.49 23.42 -3.91
N ASN B 43 -1.00 22.59 -4.80
CA ASN B 43 -0.22 23.03 -5.94
C ASN B 43 -1.12 23.18 -7.16
N ALA B 44 -2.34 22.64 -7.06
CA ALA B 44 -3.38 22.90 -8.05
C ALA B 44 -4.09 24.20 -7.69
N LEU B 45 -3.55 24.92 -6.71
CA LEU B 45 -4.03 26.23 -6.34
C LEU B 45 -3.43 27.28 -7.27
N HIS B 46 -2.78 26.82 -8.32
CA HIS B 46 -2.17 27.73 -9.29
C HIS B 46 -3.22 28.46 -10.13
N ARG B 47 -4.48 28.22 -9.83
CA ARG B 47 -5.59 28.92 -10.47
C ARG B 47 -6.50 29.54 -9.41
N GLN B 48 -6.25 29.22 -8.16
CA GLN B 48 -7.11 29.64 -7.05
C GLN B 48 -6.77 31.06 -6.61
N GLY B 49 -5.64 31.22 -5.93
CA GLY B 49 -5.20 32.53 -5.49
C GLY B 49 -5.66 32.87 -4.09
N ALA B 50 -6.91 32.52 -3.77
CA ALA B 50 -7.51 32.86 -2.48
C ALA B 50 -6.99 31.89 -1.41
N VAL B 51 -6.23 32.44 -0.46
CA VAL B 51 -5.63 31.65 0.60
C VAL B 51 -6.42 31.62 1.91
N PRO B 52 -7.40 32.53 2.10
CA PRO B 52 -8.24 32.33 3.29
C PRO B 52 -9.23 31.18 3.18
N ASP B 53 -9.07 30.30 2.20
CA ASP B 53 -10.03 29.21 2.00
C ASP B 53 -10.01 28.31 3.21
N VAL B 54 -11.13 28.29 3.93
CA VAL B 54 -11.27 27.46 5.12
C VAL B 54 -11.36 26.01 4.69
N LEU B 55 -10.68 25.14 5.43
CA LEU B 55 -10.59 23.73 5.08
C LEU B 55 -11.19 22.88 6.18
N VAL B 56 -11.94 21.85 5.80
CA VAL B 56 -12.43 20.88 6.77
C VAL B 56 -11.60 19.60 6.65
N VAL B 57 -11.13 19.11 7.79
CA VAL B 57 -10.35 17.89 7.87
C VAL B 57 -10.99 16.90 8.81
N GLY B 58 -10.87 15.61 8.50
CA GLY B 58 -11.43 14.58 9.35
C GLY B 58 -11.63 13.31 8.55
N GLY B 59 -11.71 12.17 9.21
CA GLY B 59 -11.74 10.90 8.51
C GLY B 59 -12.50 9.79 9.18
N ASP B 60 -12.36 8.58 8.62
CA ASP B 60 -13.06 7.40 9.12
C ASP B 60 -12.32 6.76 10.28
N GLY B 61 -11.19 7.34 10.64
CA GLY B 61 -10.45 6.89 11.81
C GLY B 61 -9.86 5.51 11.63
N ARG B 62 -8.61 5.47 11.17
CA ARG B 62 -7.89 4.21 10.99
C ARG B 62 -6.40 4.49 10.73
N TYR B 63 -5.55 3.51 11.03
CA TYR B 63 -4.09 3.69 10.94
C TYR B 63 -3.53 4.17 9.56
N TYR B 64 -2.77 5.27 9.53
CA TYR B 64 -2.40 6.07 10.69
C TYR B 64 -3.16 7.38 10.65
N THR B 65 -4.02 7.59 11.64
CA THR B 65 -4.87 8.78 11.69
C THR B 65 -4.87 9.35 13.10
N SER B 66 -3.71 9.89 13.50
CA SER B 66 -3.59 10.60 14.75
C SER B 66 -2.63 11.76 14.57
N GLU B 67 -1.46 11.41 14.04
CA GLU B 67 -0.44 12.38 13.68
C GLU B 67 -0.68 12.85 12.27
N ALA B 68 -1.31 12.01 11.47
CA ALA B 68 -1.59 12.34 10.08
C ALA B 68 -2.32 13.67 9.97
N VAL B 69 -3.22 13.94 10.91
CA VAL B 69 -3.91 15.21 10.95
C VAL B 69 -2.93 16.34 11.19
N GLN B 70 -2.10 16.18 12.21
CA GLN B 70 -1.10 17.19 12.54
C GLN B 70 -0.24 17.53 11.34
N VAL B 71 0.01 16.54 10.50
CA VAL B 71 0.78 16.77 9.29
C VAL B 71 -0.02 17.67 8.36
N ILE B 72 -1.30 17.37 8.21
CA ILE B 72 -2.16 18.16 7.35
C ILE B 72 -2.20 19.61 7.83
N LEU B 73 -2.21 19.80 9.14
CA LEU B 73 -2.21 21.15 9.70
C LEU B 73 -0.89 21.86 9.41
N LYS B 74 0.22 21.12 9.49
CA LYS B 74 1.53 21.71 9.26
C LYS B 74 1.71 22.04 7.79
N VAL B 75 1.20 21.18 6.92
CA VAL B 75 1.37 21.36 5.48
C VAL B 75 0.48 22.49 4.96
N SER B 76 -0.80 22.45 5.31
CA SER B 76 -1.75 23.44 4.83
C SER B 76 -1.40 24.82 5.35
N ALA B 77 -1.04 24.91 6.62
CA ALA B 77 -0.69 26.20 7.22
C ALA B 77 0.51 26.81 6.52
N ALA B 78 1.35 25.95 5.95
CA ALA B 78 2.52 26.41 5.22
C ALA B 78 2.13 26.77 3.79
N ASN B 79 0.93 26.36 3.37
CA ASN B 79 0.45 26.64 2.02
C ASN B 79 -0.30 27.97 1.96
N GLY B 80 -0.86 28.39 3.10
CA GLY B 80 -1.50 29.69 3.21
C GLY B 80 -2.91 29.71 3.78
N VAL B 81 -3.45 28.53 4.09
CA VAL B 81 -4.77 28.46 4.70
C VAL B 81 -4.74 29.27 5.98
N ARG B 82 -5.84 29.98 6.26
CA ARG B 82 -5.90 30.86 7.42
C ARG B 82 -6.86 30.36 8.49
N CYS B 83 -7.54 29.25 8.20
CA CYS B 83 -8.42 28.63 9.18
C CYS B 83 -8.70 27.18 8.76
N VAL B 84 -8.60 26.26 9.71
CA VAL B 84 -8.87 24.84 9.47
C VAL B 84 -9.81 24.29 10.53
N TRP B 85 -10.89 23.66 10.07
CA TRP B 85 -11.84 23.01 10.96
C TRP B 85 -11.52 21.52 10.97
N VAL B 86 -11.10 21.01 12.12
CA VAL B 86 -10.82 19.59 12.25
C VAL B 86 -11.90 18.97 13.11
N GLY B 87 -12.34 17.77 12.75
CA GLY B 87 -13.31 17.07 13.56
C GLY B 87 -12.68 16.57 14.84
N GLN B 88 -13.48 16.40 15.88
CA GLN B 88 -12.97 15.93 17.16
C GLN B 88 -12.29 14.59 16.97
N HIS B 89 -11.05 14.47 17.44
CA HIS B 89 -10.27 13.24 17.37
C HIS B 89 -9.81 12.91 15.94
N GLY B 90 -10.07 13.80 15.00
CA GLY B 90 -9.77 13.57 13.60
C GLY B 90 -10.88 12.86 12.85
N LEU B 91 -11.96 12.54 13.57
CA LEU B 91 -13.05 11.73 13.03
C LEU B 91 -14.11 12.58 12.35
N LEU B 92 -14.66 12.05 11.25
CA LEU B 92 -15.63 12.77 10.45
C LEU B 92 -16.11 11.89 9.30
N SER B 93 -17.35 11.43 9.37
CA SER B 93 -17.92 10.61 8.31
C SER B 93 -18.04 11.44 7.04
N THR B 94 -17.96 10.79 5.89
CA THR B 94 -17.99 11.50 4.60
C THR B 94 -19.22 12.39 4.45
N PRO B 95 -20.41 11.86 4.77
CA PRO B 95 -21.58 12.74 4.73
C PRO B 95 -21.42 13.98 5.63
N ALA B 96 -21.05 13.80 6.89
CA ALA B 96 -20.94 14.93 7.82
C ALA B 96 -19.96 15.97 7.31
N VAL B 97 -18.96 15.55 6.55
CA VAL B 97 -17.99 16.47 6.01
C VAL B 97 -18.72 17.45 5.10
N SER B 98 -19.57 16.92 4.23
CA SER B 98 -20.26 17.75 3.25
C SER B 98 -21.22 18.73 3.92
N THR B 99 -21.83 18.32 5.02
CA THR B 99 -22.73 19.21 5.74
C THR B 99 -21.99 20.42 6.26
N MET B 100 -20.86 20.20 6.90
CA MET B 100 -20.05 21.29 7.43
C MET B 100 -19.66 22.28 6.34
N VAL B 101 -19.15 21.75 5.23
CA VAL B 101 -18.71 22.59 4.13
C VAL B 101 -19.90 23.35 3.54
N ARG B 102 -21.06 22.73 3.59
CA ARG B 102 -22.28 23.33 3.06
C ARG B 102 -22.98 24.21 4.10
N ARG B 103 -22.81 23.88 5.38
CA ARG B 103 -23.47 24.60 6.47
C ARG B 103 -22.50 25.56 7.18
N ARG B 104 -22.99 26.21 8.22
CA ARG B 104 -22.21 27.12 9.07
C ARG B 104 -21.98 28.48 8.42
N ARG B 105 -23.02 28.99 7.76
CA ARG B 105 -23.04 30.38 7.28
C ARG B 105 -23.93 31.24 8.17
N ASP B 106 -24.67 30.58 9.07
CA ASP B 106 -25.45 31.24 10.10
C ASP B 106 -24.75 31.06 11.46
N ALA B 107 -23.42 30.95 11.42
CA ALA B 107 -22.57 30.82 12.60
C ALA B 107 -21.12 30.80 12.18
N ASP B 108 -20.23 31.07 13.13
CA ASP B 108 -18.78 31.21 12.89
C ASP B 108 -18.38 32.51 12.18
N GLY B 109 -18.86 32.69 10.94
CA GLY B 109 -18.55 33.86 10.14
C GLY B 109 -17.70 33.51 8.93
N ARG B 110 -17.77 32.25 8.48
CA ARG B 110 -16.93 31.78 7.39
C ARG B 110 -17.39 30.43 6.86
N LYS B 111 -17.32 30.28 5.53
CA LYS B 111 -17.70 29.04 4.86
C LYS B 111 -16.46 28.37 4.30
N ALA B 112 -16.45 27.04 4.36
CA ALA B 112 -15.35 26.27 3.80
C ALA B 112 -15.40 26.28 2.26
N THR B 113 -14.24 26.16 1.64
CA THR B 113 -14.13 26.14 0.19
C THR B 113 -13.68 24.74 -0.29
N GLY B 114 -13.41 23.85 0.66
CA GLY B 114 -12.95 22.51 0.34
C GLY B 114 -12.76 21.70 1.61
N ALA B 115 -12.40 20.43 1.45
CA ALA B 115 -12.25 19.56 2.61
C ALA B 115 -11.43 18.31 2.25
N PHE B 116 -10.54 17.92 3.15
CA PHE B 116 -9.83 16.65 3.06
C PHE B 116 -10.50 15.60 3.92
N ILE B 117 -10.77 14.44 3.35
CA ILE B 117 -11.35 13.34 4.10
C ILE B 117 -10.43 12.13 4.06
N LEU B 118 -10.07 11.61 5.23
CA LEU B 118 -9.18 10.45 5.33
C LEU B 118 -9.98 9.16 5.34
N THR B 119 -10.44 8.74 4.16
CA THR B 119 -11.39 7.63 4.04
C THR B 119 -10.77 6.43 3.33
N ALA B 120 -10.98 5.26 3.92
CA ALA B 120 -10.33 4.02 3.47
C ALA B 120 -11.29 3.14 2.66
N SER B 121 -12.35 3.76 2.14
CA SER B 121 -13.40 3.04 1.41
C SER B 121 -13.09 3.05 -0.09
N HIS B 122 -12.97 1.90 -0.77
CA HIS B 122 -13.09 0.55 -0.19
C HIS B 122 -11.73 0.02 0.26
N ASN B 123 -11.76 -1.08 1.00
CA ASN B 123 -10.56 -1.80 1.48
C ASN B 123 -9.91 -1.18 2.73
N PRO B 124 -10.66 -1.05 3.83
CA PRO B 124 -9.89 -0.67 5.01
C PRO B 124 -9.05 -1.81 5.59
N GLY B 125 -7.73 -1.58 5.66
CA GLY B 125 -6.74 -2.64 5.86
C GLY B 125 -6.11 -2.84 7.23
N GLY B 126 -5.43 -1.83 7.78
CA GLY B 126 -4.68 -1.99 9.03
C GLY B 126 -3.60 -0.92 9.23
N PRO B 127 -2.48 -1.29 9.92
CA PRO B 127 -1.31 -0.41 10.02
C PRO B 127 -0.19 -0.81 9.05
N ASP B 128 0.03 -0.08 7.95
CA ASP B 128 -0.85 1.01 7.52
C ASP B 128 -0.82 1.08 5.99
N ALA B 129 -1.81 0.43 5.37
CA ALA B 129 -1.82 0.19 3.93
C ALA B 129 -3.12 0.63 3.29
N ASP B 130 -3.03 1.70 2.51
CA ASP B 130 -4.15 2.24 1.74
C ASP B 130 -3.80 3.62 1.20
N PHE B 131 -4.13 3.86 -0.06
CA PHE B 131 -4.07 5.19 -0.67
C PHE B 131 -5.46 5.81 -0.69
N GLY B 132 -5.91 6.25 0.49
CA GLY B 132 -7.28 6.70 0.69
C GLY B 132 -7.37 8.01 1.43
N ILE B 133 -6.74 9.04 0.86
CA ILE B 133 -7.05 10.42 1.22
C ILE B 133 -7.83 11.01 0.03
N LYS B 134 -8.96 11.61 0.33
CA LYS B 134 -9.87 12.10 -0.70
C LYS B 134 -10.13 13.59 -0.49
N TYR B 135 -10.49 14.28 -1.57
CA TYR B 135 -10.70 15.72 -1.49
C TYR B 135 -12.04 16.12 -2.07
N ASN B 136 -12.69 17.09 -1.42
CA ASN B 136 -14.01 17.54 -1.84
C ASN B 136 -14.03 19.05 -2.05
N SER B 137 -14.66 19.49 -3.14
CA SER B 137 -14.64 20.89 -3.52
C SER B 137 -15.78 21.65 -2.85
N GLU B 138 -15.77 22.98 -3.00
CA GLU B 138 -16.64 23.85 -2.22
C GLU B 138 -18.12 23.52 -2.33
N ASN B 139 -18.50 22.78 -3.37
CA ASN B 139 -19.89 22.37 -3.48
C ASN B 139 -20.21 21.24 -2.52
N GLY B 140 -19.21 20.80 -1.77
CA GLY B 140 -19.41 19.79 -0.75
C GLY B 140 -19.35 18.38 -1.30
N GLY B 141 -19.23 18.26 -2.62
CA GLY B 141 -19.12 16.97 -3.27
C GLY B 141 -17.70 16.68 -3.68
N PRO B 142 -17.42 15.43 -4.05
CA PRO B 142 -16.09 15.02 -4.51
C PRO B 142 -15.55 15.94 -5.59
N ALA B 143 -14.24 15.94 -5.77
CA ALA B 143 -13.63 16.84 -6.72
C ALA B 143 -13.88 16.39 -8.15
N PRO B 144 -14.11 17.36 -9.05
CA PRO B 144 -14.31 17.00 -10.46
C PRO B 144 -13.08 16.35 -11.09
N GLU B 145 -13.29 15.54 -12.12
CA GLU B 145 -12.21 14.79 -12.76
C GLU B 145 -11.11 15.68 -13.31
N LYS B 146 -11.42 16.95 -13.54
CA LYS B 146 -10.44 17.90 -14.06
C LYS B 146 -9.52 18.35 -12.95
N LEU B 147 -10.05 18.43 -11.73
CA LEU B 147 -9.24 18.78 -10.58
C LEU B 147 -8.43 17.57 -10.13
N THR B 148 -9.13 16.47 -9.87
CA THR B 148 -8.49 15.25 -9.33
C THR B 148 -7.31 14.82 -10.17
N SER B 149 -7.49 14.69 -11.47
CA SER B 149 -6.40 14.26 -12.34
C SER B 149 -5.27 15.28 -12.29
N GLN B 150 -5.62 16.55 -12.21
CA GLN B 150 -4.62 17.62 -12.11
C GLN B 150 -3.78 17.41 -10.88
N ILE B 151 -4.44 17.02 -9.80
CA ILE B 151 -3.74 16.75 -8.55
C ILE B 151 -2.75 15.62 -8.77
N TYR B 152 -3.24 14.52 -9.34
CA TYR B 152 -2.41 13.35 -9.65
C TYR B 152 -1.22 13.73 -10.51
N GLU B 153 -1.42 14.65 -11.44
CA GLU B 153 -0.34 15.11 -12.29
C GLU B 153 0.71 15.80 -11.44
N GLU B 154 0.28 16.32 -10.30
CA GLU B 154 1.18 17.06 -9.44
C GLU B 154 1.78 16.16 -8.35
N THR B 155 1.10 15.07 -7.99
CA THR B 155 1.65 14.15 -7.01
C THR B 155 2.94 13.52 -7.53
N VAL B 156 3.04 13.40 -8.85
CA VAL B 156 4.23 12.81 -9.45
C VAL B 156 5.24 13.91 -9.76
N LYS B 157 4.74 15.08 -10.11
CA LYS B 157 5.61 16.20 -10.46
C LYS B 157 6.21 16.84 -9.22
N ILE B 158 5.72 16.45 -8.05
CA ILE B 158 6.13 17.10 -6.82
C ILE B 158 7.60 16.82 -6.52
N THR B 159 8.27 17.81 -5.94
CA THR B 159 9.68 17.72 -5.59
C THR B 159 9.91 18.10 -4.14
N HIS B 160 8.91 18.71 -3.52
CA HIS B 160 9.02 19.02 -2.10
C HIS B 160 7.65 19.09 -1.43
N ILE B 161 7.66 19.08 -0.10
CA ILE B 161 6.48 19.38 0.68
C ILE B 161 6.78 20.57 1.56
N LYS B 162 5.82 21.48 1.68
CA LYS B 162 6.01 22.68 2.48
C LYS B 162 5.38 22.47 3.85
N MET B 163 6.19 22.60 4.89
CA MET B 163 5.75 22.32 6.27
C MET B 163 5.87 23.55 7.16
N ALA B 164 5.15 23.50 8.28
CA ALA B 164 5.24 24.53 9.30
C ALA B 164 5.97 23.99 10.51
N PRO B 165 7.30 24.19 10.55
CA PRO B 165 8.10 23.51 11.57
C PRO B 165 7.75 23.92 12.98
N THR B 166 7.75 25.22 13.23
CA THR B 166 7.61 25.75 14.58
C THR B 166 6.14 25.86 14.96
N LEU B 167 5.26 25.46 14.06
CA LEU B 167 3.84 25.45 14.36
C LEU B 167 3.54 24.40 15.42
N PRO B 168 2.95 24.81 16.56
CA PRO B 168 2.69 23.86 17.65
C PRO B 168 1.65 22.79 17.31
N GLU B 169 1.78 21.62 17.93
CA GLU B 169 0.77 20.57 17.79
C GLU B 169 -0.52 21.00 18.44
N VAL B 170 -1.58 21.08 17.65
CA VAL B 170 -2.90 21.43 18.16
C VAL B 170 -3.59 20.18 18.68
N ASP B 171 -4.28 20.29 19.81
CA ASP B 171 -4.94 19.13 20.37
C ASP B 171 -6.21 18.85 19.58
N ILE B 172 -6.23 17.69 18.93
CA ILE B 172 -7.34 17.29 18.08
C ILE B 172 -8.54 16.84 18.91
N HIS B 173 -8.35 16.73 20.22
CA HIS B 173 -9.33 16.08 21.09
C HIS B 173 -10.01 17.03 22.07
N THR B 174 -9.74 18.33 21.95
CA THR B 174 -10.41 19.33 22.78
C THR B 174 -11.09 20.40 21.93
N LEU B 175 -12.35 20.69 22.25
CA LEU B 175 -13.14 21.64 21.48
C LEU B 175 -12.67 23.07 21.70
N GLY B 176 -12.52 23.80 20.60
CA GLY B 176 -12.13 25.19 20.66
C GLY B 176 -11.43 25.69 19.41
N THR B 177 -11.01 26.95 19.45
CA THR B 177 -10.33 27.60 18.35
C THR B 177 -8.95 28.06 18.82
N TYR B 178 -7.92 27.70 18.07
CA TYR B 178 -6.56 28.08 18.41
C TYR B 178 -5.95 28.91 17.29
N THR B 179 -5.70 30.18 17.58
CA THR B 179 -5.14 31.11 16.60
C THR B 179 -3.65 31.35 16.79
N PHE B 180 -2.87 31.25 15.72
CA PHE B 180 -1.41 31.37 15.81
C PHE B 180 -0.88 32.60 15.09
N ASP B 181 -0.59 33.66 15.85
CA ASP B 181 -0.16 34.93 15.27
C ASP B 181 1.28 34.92 14.77
N ASP B 182 1.70 33.83 14.12
CA ASP B 182 2.99 33.81 13.44
C ASP B 182 2.88 33.00 12.14
N TYR B 183 1.69 32.48 11.86
CA TYR B 183 1.37 31.91 10.57
C TYR B 183 0.00 32.44 10.11
N ASN B 184 -0.59 33.28 10.94
CA ASN B 184 -1.97 33.72 10.73
C ASN B 184 -2.82 32.48 10.52
N PHE B 185 -2.50 31.42 11.26
CA PHE B 185 -3.16 30.15 11.09
C PHE B 185 -4.06 29.82 12.27
N GLN B 186 -5.22 29.24 11.97
CA GLN B 186 -6.20 28.94 13.00
C GLN B 186 -6.75 27.53 12.81
N VAL B 187 -6.64 26.71 13.86
CA VAL B 187 -7.32 25.43 13.86
C VAL B 187 -8.50 25.50 14.80
N GLU B 188 -9.61 24.96 14.34
CA GLU B 188 -10.85 25.00 15.08
C GLU B 188 -11.36 23.58 15.22
N VAL B 189 -11.20 23.02 16.41
CA VAL B 189 -11.68 21.67 16.65
C VAL B 189 -13.17 21.73 16.92
N VAL B 190 -13.93 21.12 16.02
CA VAL B 190 -15.38 21.21 16.03
C VAL B 190 -16.04 19.89 16.37
N ASP B 191 -17.16 19.96 17.06
CA ASP B 191 -17.97 18.77 17.29
C ASP B 191 -18.25 18.09 15.96
N SER B 192 -17.91 16.81 15.87
CA SER B 192 -18.03 16.07 14.63
C SER B 192 -19.46 15.62 14.37
N LEU B 193 -20.34 15.84 15.34
CA LEU B 193 -21.70 15.30 15.30
C LEU B 193 -22.80 16.37 15.28
N ALA B 194 -22.46 17.57 15.74
CA ALA B 194 -23.48 18.60 15.96
C ALA B 194 -24.18 19.04 14.68
N ASP B 195 -23.39 19.51 13.72
CA ASP B 195 -23.93 19.98 12.45
C ASP B 195 -24.84 18.94 11.83
N TYR B 196 -24.42 17.69 11.90
CA TYR B 196 -25.12 16.59 11.24
C TYR B 196 -26.37 16.18 12.01
N ALA B 197 -26.29 16.22 13.33
CA ALA B 197 -27.46 15.91 14.15
C ALA B 197 -28.49 17.03 14.03
N ALA B 198 -28.01 18.22 13.67
CA ALA B 198 -28.86 19.40 13.53
C ALA B 198 -29.60 19.39 12.21
N TYR B 199 -28.94 18.88 11.17
CA TYR B 199 -29.55 18.78 9.85
C TYR B 199 -30.61 17.69 9.85
N MET B 200 -30.26 16.53 10.39
CA MET B 200 -31.17 15.39 10.40
C MET B 200 -32.48 15.68 11.10
N GLN B 201 -32.41 16.44 12.18
CA GLN B 201 -33.60 16.79 12.94
C GLN B 201 -34.44 17.81 12.17
N GLU B 202 -33.83 18.39 11.14
CA GLU B 202 -34.47 19.37 10.27
C GLU B 202 -34.87 18.72 8.93
N VAL B 203 -34.34 17.54 8.64
CA VAL B 203 -34.72 16.80 7.44
C VAL B 203 -35.89 15.86 7.75
N PHE B 204 -35.77 15.11 8.83
CA PHE B 204 -36.80 14.16 9.23
C PHE B 204 -37.57 14.65 10.45
N ASP B 205 -38.77 14.11 10.64
CA ASP B 205 -39.59 14.45 11.79
C ASP B 205 -39.30 13.48 12.92
N PHE B 206 -38.24 13.77 13.68
CA PHE B 206 -37.75 12.85 14.71
C PHE B 206 -38.86 12.47 15.68
N GLU B 207 -39.65 13.44 16.12
CA GLU B 207 -40.68 13.19 17.11
C GLU B 207 -41.62 12.06 16.69
N ALA B 208 -41.86 11.94 15.39
CA ALA B 208 -42.72 10.88 14.87
C ALA B 208 -41.98 9.55 14.92
N ILE B 209 -40.70 9.59 14.58
CA ILE B 209 -39.89 8.38 14.58
C ILE B 209 -39.77 7.87 16.00
N ARG B 210 -39.62 8.78 16.96
CA ARG B 210 -39.53 8.41 18.37
C ARG B 210 -40.68 7.48 18.71
N ALA B 211 -41.90 7.92 18.41
CA ALA B 211 -43.10 7.17 18.71
C ALA B 211 -43.01 5.76 18.16
N LEU B 212 -42.38 5.63 16.99
CA LEU B 212 -42.25 4.33 16.35
C LEU B 212 -41.21 3.47 17.05
N VAL B 213 -40.10 4.10 17.41
CA VAL B 213 -38.97 3.36 17.97
C VAL B 213 -39.10 3.20 19.48
N GLN B 214 -40.08 3.89 20.06
CA GLN B 214 -40.34 3.78 21.50
C GLN B 214 -41.58 2.91 21.72
N ARG B 215 -41.92 2.13 20.70
CA ARG B 215 -43.02 1.19 20.75
C ARG B 215 -42.65 -0.01 21.62
N LEU B 216 -43.60 -0.91 21.84
CA LEU B 216 -43.33 -2.14 22.60
C LEU B 216 -42.89 -3.32 21.75
N ASP B 217 -43.17 -3.29 20.45
CA ASP B 217 -42.89 -4.42 19.57
C ASP B 217 -42.12 -4.04 18.30
N PHE B 218 -41.14 -3.16 18.44
CA PHE B 218 -40.25 -2.82 17.33
C PHE B 218 -38.79 -2.90 17.73
N LYS B 219 -38.18 -4.03 17.41
CA LYS B 219 -36.79 -4.30 17.76
C LYS B 219 -35.87 -3.78 16.65
N VAL B 220 -34.88 -2.99 17.03
CA VAL B 220 -33.92 -2.41 16.08
C VAL B 220 -32.54 -3.02 16.29
N HIS B 221 -31.71 -2.98 15.25
CA HIS B 221 -30.37 -3.55 15.32
C HIS B 221 -29.44 -2.77 14.40
N VAL B 222 -28.62 -1.89 14.98
CA VAL B 222 -27.69 -1.07 14.20
C VAL B 222 -26.25 -1.52 14.40
N ASP B 223 -25.60 -1.92 13.31
CA ASP B 223 -24.22 -2.38 13.33
C ASP B 223 -23.37 -1.42 12.52
N SER B 224 -22.24 -1.00 13.07
CA SER B 224 -21.36 -0.06 12.37
C SER B 224 -20.02 -0.68 11.97
N LEU B 225 -19.83 -1.96 12.32
CA LEU B 225 -18.59 -2.67 11.99
C LEU B 225 -17.37 -1.90 12.47
N HIS B 226 -17.53 -1.24 13.62
CA HIS B 226 -16.49 -0.38 14.18
C HIS B 226 -16.02 0.65 13.16
N GLY B 227 -16.97 1.18 12.40
CA GLY B 227 -16.69 2.21 11.41
C GLY B 227 -17.03 3.58 11.94
N VAL B 228 -16.93 4.60 11.10
CA VAL B 228 -17.05 5.99 11.54
C VAL B 228 -18.52 6.43 11.69
N SER B 229 -19.45 5.52 11.42
CA SER B 229 -20.87 5.80 11.62
C SER B 229 -21.26 5.71 13.09
N GLY B 230 -20.51 4.92 13.85
CA GLY B 230 -20.82 4.62 15.24
C GLY B 230 -21.31 5.77 16.09
N PRO B 231 -20.45 6.77 16.31
CA PRO B 231 -20.83 7.91 17.16
C PRO B 231 -22.11 8.59 16.68
N TYR B 232 -22.30 8.65 15.37
CA TYR B 232 -23.50 9.28 14.82
C TYR B 232 -24.72 8.44 15.17
N VAL B 233 -24.54 7.12 15.19
CA VAL B 233 -25.62 6.24 15.59
C VAL B 233 -25.99 6.56 17.02
N ASP B 234 -24.97 6.65 17.89
CA ASP B 234 -25.20 6.93 19.30
C ASP B 234 -25.95 8.24 19.49
N ARG B 235 -25.41 9.33 18.94
CA ARG B 235 -26.01 10.65 19.11
C ARG B 235 -27.44 10.69 18.56
N ILE B 236 -27.68 10.00 17.46
CA ILE B 236 -28.94 10.12 16.77
C ILE B 236 -29.96 9.09 17.27
N PHE B 237 -29.59 7.82 17.25
CA PHE B 237 -30.53 6.77 17.60
C PHE B 237 -30.81 6.71 19.11
N HIS B 238 -29.78 6.91 19.92
CA HIS B 238 -29.98 6.87 21.36
C HIS B 238 -30.51 8.21 21.88
N GLU B 239 -29.69 9.25 21.79
CA GLU B 239 -30.06 10.53 22.37
C GLU B 239 -31.21 11.17 21.59
N GLY B 240 -31.16 11.07 20.27
CA GLY B 240 -32.14 11.73 19.43
C GLY B 240 -33.48 11.02 19.40
N LEU B 241 -33.47 9.74 19.04
CA LEU B 241 -34.70 8.99 18.89
C LEU B 241 -35.11 8.28 20.18
N GLY B 242 -34.20 7.52 20.78
CA GLY B 242 -34.45 6.92 22.08
C GLY B 242 -34.14 5.43 22.17
N VAL B 243 -33.43 4.90 21.20
CA VAL B 243 -33.10 3.47 21.21
C VAL B 243 -32.15 3.18 22.36
N PRO B 244 -32.39 2.09 23.09
CA PRO B 244 -31.38 1.71 24.09
C PRO B 244 -30.06 1.36 23.43
N LYS B 245 -28.95 1.72 24.06
CA LYS B 245 -27.64 1.49 23.47
C LYS B 245 -27.34 0.00 23.40
N THR B 246 -28.18 -0.79 24.05
CA THR B 246 -28.05 -2.24 23.99
C THR B 246 -28.39 -2.76 22.60
N SER B 247 -29.05 -1.91 21.82
CA SER B 247 -29.48 -2.26 20.47
C SER B 247 -28.48 -1.75 19.42
N LEU B 248 -27.61 -0.83 19.84
CA LEU B 248 -26.58 -0.28 18.97
C LEU B 248 -25.27 -1.02 19.13
N PHE B 249 -24.81 -1.70 18.08
CA PHE B 249 -23.64 -2.56 18.16
C PHE B 249 -22.44 -2.00 17.39
N ARG B 250 -21.26 -2.37 17.87
CA ARG B 250 -19.98 -1.92 17.28
C ARG B 250 -19.93 -0.41 17.04
N THR B 251 -20.41 0.36 18.00
CA THR B 251 -20.51 1.82 17.86
C THR B 251 -19.21 2.55 18.21
N ASN B 252 -18.12 1.79 18.37
CA ASN B 252 -16.83 2.34 18.76
C ASN B 252 -15.80 2.21 17.64
N VAL B 253 -15.22 3.34 17.24
CA VAL B 253 -14.30 3.40 16.10
C VAL B 253 -12.93 2.79 16.37
N LEU B 254 -12.50 1.88 15.49
CA LEU B 254 -11.20 1.24 15.60
C LEU B 254 -10.41 1.43 14.30
N PRO B 255 -9.15 0.97 14.27
CA PRO B 255 -8.30 1.01 13.07
C PRO B 255 -8.09 -0.37 12.41
N ASP B 256 -9.11 -1.23 12.51
CA ASP B 256 -9.10 -2.64 12.10
C ASP B 256 -7.98 -3.11 11.15
N PHE B 257 -7.47 -4.31 11.45
CA PHE B 257 -6.28 -4.85 10.79
C PHE B 257 -6.29 -6.37 10.59
N GLY B 258 -6.52 -6.82 9.36
CA GLY B 258 -6.50 -8.24 9.07
C GLY B 258 -7.57 -9.02 9.82
N GLY B 259 -8.45 -8.32 10.50
CA GLY B 259 -9.55 -8.91 11.24
C GLY B 259 -10.79 -8.06 11.08
N CYS B 260 -11.78 -8.64 10.43
CA CYS B 260 -13.11 -8.06 10.17
C CYS B 260 -13.15 -7.32 8.84
N HIS B 261 -14.33 -6.82 8.52
CA HIS B 261 -14.66 -6.22 7.22
C HIS B 261 -15.61 -5.04 7.45
N PRO B 262 -15.25 -3.82 7.00
CA PRO B 262 -16.09 -2.65 7.26
C PRO B 262 -16.95 -2.16 6.08
N ASP B 263 -17.02 -2.91 4.98
CA ASP B 263 -17.83 -2.51 3.82
C ASP B 263 -19.01 -3.48 3.69
N PRO B 264 -20.26 -2.96 3.78
CA PRO B 264 -21.43 -3.84 3.85
C PRO B 264 -21.60 -4.70 2.62
N ASN B 265 -21.79 -5.99 2.86
CA ASN B 265 -22.04 -6.96 1.80
C ASN B 265 -22.70 -8.22 2.38
N LEU B 266 -23.10 -9.13 1.51
CA LEU B 266 -23.83 -10.31 1.95
C LEU B 266 -22.87 -11.33 2.58
N THR B 267 -21.59 -11.21 2.24
CA THR B 267 -20.62 -12.22 2.64
C THR B 267 -20.22 -12.03 4.11
N TYR B 268 -19.20 -11.22 4.36
CA TYR B 268 -18.61 -11.12 5.69
C TYR B 268 -19.47 -10.34 6.68
N ALA B 269 -20.42 -9.56 6.18
CA ALA B 269 -21.38 -8.91 7.05
C ALA B 269 -22.56 -9.84 7.25
N ALA B 270 -22.30 -11.14 7.12
CA ALA B 270 -23.28 -12.15 7.48
C ALA B 270 -23.63 -11.99 8.95
N ASP B 271 -22.78 -11.24 9.67
CA ASP B 271 -23.03 -10.86 11.06
C ASP B 271 -24.42 -10.24 11.21
N LEU B 272 -24.67 -9.12 10.55
CA LEU B 272 -26.00 -8.56 10.57
C LEU B 272 -27.00 -9.54 9.98
N VAL B 273 -26.70 -10.00 8.77
CA VAL B 273 -27.58 -10.91 8.03
C VAL B 273 -28.04 -12.07 8.90
N HIS B 274 -27.12 -12.71 9.60
CA HIS B 274 -27.45 -13.85 10.46
C HIS B 274 -28.33 -13.39 11.61
N VAL B 275 -28.01 -12.23 12.17
CA VAL B 275 -28.78 -11.70 13.29
C VAL B 275 -30.22 -11.47 12.86
N MET B 276 -30.40 -11.06 11.61
CA MET B 276 -31.73 -10.88 11.05
C MET B 276 -32.30 -12.21 10.63
N GLY B 277 -31.42 -13.17 10.36
CA GLY B 277 -31.84 -14.52 10.02
C GLY B 277 -31.91 -14.77 8.53
N LEU B 278 -30.79 -14.62 7.85
CA LEU B 278 -30.66 -14.96 6.44
C LEU B 278 -29.31 -15.67 6.23
N LEU B 279 -29.00 -16.04 4.97
CA LEU B 279 -27.79 -16.81 4.67
C LEU B 279 -26.88 -16.06 3.69
N PRO B 280 -25.56 -16.33 3.72
CA PRO B 280 -24.69 -15.72 2.71
C PRO B 280 -24.86 -16.31 1.31
N ASP B 281 -23.96 -15.95 0.40
CA ASP B 281 -23.89 -16.52 -0.94
C ASP B 281 -25.22 -16.28 -1.69
N GLY B 282 -25.56 -15.01 -1.89
CA GLY B 282 -26.77 -14.64 -2.60
C GLY B 282 -28.00 -15.29 -2.00
N ASN B 283 -28.03 -15.35 -0.66
CA ASN B 283 -29.07 -16.02 0.13
C ASN B 283 -30.18 -16.71 -0.65
N ALA B 284 -31.01 -15.89 -1.30
CA ALA B 284 -32.23 -16.32 -1.99
C ALA B 284 -33.31 -16.80 -1.01
N ASN B 285 -32.97 -16.89 0.28
CA ASN B 285 -33.90 -17.34 1.31
C ASN B 285 -33.43 -16.83 2.67
N PRO B 286 -34.32 -16.90 3.68
CA PRO B 286 -33.97 -16.46 5.04
C PRO B 286 -33.51 -17.54 6.02
N ALA B 287 -32.81 -18.58 5.55
CA ALA B 287 -32.34 -19.67 6.41
C ALA B 287 -33.49 -20.41 7.07
N MET B 288 -33.33 -21.71 7.26
CA MET B 288 -34.40 -22.49 7.85
C MET B 288 -34.21 -22.58 9.36
N LYS B 289 -33.75 -21.46 9.94
CA LYS B 289 -33.54 -21.34 11.37
C LYS B 289 -34.44 -20.26 11.96
N HIS B 290 -35.06 -20.54 13.10
CA HIS B 290 -35.90 -19.56 13.76
C HIS B 290 -36.20 -19.91 15.22
N ILE B 291 -35.37 -19.40 16.12
CA ILE B 291 -35.70 -19.42 17.55
C ILE B 291 -36.02 -17.98 17.93
N SER B 292 -37.14 -17.52 17.37
CA SER B 292 -37.67 -16.18 17.56
C SER B 292 -37.69 -15.72 19.02
N THR B 293 -37.77 -14.40 19.27
CA THR B 293 -38.00 -13.37 18.25
C THR B 293 -36.73 -12.66 17.81
N VAL B 294 -36.64 -12.43 16.50
CA VAL B 294 -35.51 -11.77 15.87
C VAL B 294 -35.84 -10.31 15.63
N PRO B 295 -34.81 -9.45 15.58
CA PRO B 295 -34.96 -8.03 15.27
C PRO B 295 -35.96 -7.70 14.17
N SER B 296 -36.73 -6.63 14.35
CA SER B 296 -37.76 -6.26 13.40
C SER B 296 -37.20 -5.35 12.31
N PHE B 297 -35.99 -4.83 12.54
CA PHE B 297 -35.38 -3.87 11.63
C PHE B 297 -33.88 -3.80 11.87
N GLY B 298 -33.10 -4.04 10.83
CA GLY B 298 -31.65 -4.03 10.93
C GLY B 298 -30.99 -3.14 9.89
N VAL B 299 -29.82 -2.62 10.23
CA VAL B 299 -29.09 -1.77 9.30
C VAL B 299 -27.61 -1.75 9.64
N ALA B 300 -26.79 -1.76 8.58
CA ALA B 300 -25.35 -1.62 8.71
C ALA B 300 -24.88 -0.41 7.91
N PHE B 301 -23.66 0.03 8.14
CA PHE B 301 -23.10 1.19 7.43
C PHE B 301 -21.70 0.93 6.88
N ASP B 302 -21.26 1.82 5.99
CA ASP B 302 -19.95 1.72 5.37
C ASP B 302 -18.85 2.07 6.36
N GLY B 303 -17.61 1.89 5.93
CA GLY B 303 -16.47 2.40 6.67
C GLY B 303 -16.56 3.91 6.84
N ASP B 304 -17.09 4.59 5.82
CA ASP B 304 -17.20 6.04 5.83
C ASP B 304 -18.65 6.52 5.91
N ALA B 305 -19.55 5.59 6.20
CA ALA B 305 -20.96 5.90 6.44
C ALA B 305 -21.62 6.55 5.24
N ASP B 306 -21.12 6.26 4.05
CA ASP B 306 -21.72 6.76 2.82
C ASP B 306 -22.77 5.78 2.33
N ARG B 307 -22.56 4.51 2.63
CA ARG B 307 -23.42 3.44 2.13
C ARG B 307 -24.21 2.78 3.26
N ASN B 308 -25.34 2.17 2.91
CA ASN B 308 -26.19 1.52 3.89
C ASN B 308 -26.82 0.24 3.37
N MET B 309 -26.98 -0.73 4.27
CA MET B 309 -27.60 -2.01 3.97
C MET B 309 -28.83 -2.20 4.85
N ILE B 310 -30.01 -2.12 4.24
CA ILE B 310 -31.27 -2.20 4.98
C ILE B 310 -31.86 -3.60 4.90
N LEU B 311 -32.04 -4.23 6.04
CA LEU B 311 -32.70 -5.53 6.13
C LEU B 311 -33.96 -5.40 6.96
N GLY B 312 -34.82 -6.40 6.86
CA GLY B 312 -36.01 -6.48 7.67
C GLY B 312 -36.02 -7.76 8.47
N CYS B 313 -37.01 -7.90 9.34
CA CYS B 313 -37.20 -9.14 10.08
C CYS B 313 -37.25 -10.33 9.12
N ARG B 314 -36.12 -10.98 8.93
CA ARG B 314 -36.03 -12.16 8.07
C ARG B 314 -36.26 -11.82 6.61
N PHE B 315 -35.98 -10.58 6.23
CA PHE B 315 -36.23 -10.11 4.86
C PHE B 315 -35.12 -9.22 4.32
N PHE B 316 -34.52 -9.66 3.21
CA PHE B 316 -33.49 -8.89 2.52
C PHE B 316 -34.12 -7.90 1.53
N VAL B 317 -33.57 -6.69 1.47
CA VAL B 317 -34.07 -5.63 0.61
C VAL B 317 -33.01 -5.20 -0.39
N ASN B 318 -33.26 -5.46 -1.67
CA ASN B 318 -32.36 -5.01 -2.71
C ASN B 318 -32.21 -3.49 -2.67
N PRO B 319 -30.96 -2.99 -2.69
CA PRO B 319 -30.72 -1.54 -2.63
C PRO B 319 -31.49 -0.76 -3.70
N SER B 320 -31.77 -1.44 -4.80
CA SER B 320 -32.49 -0.84 -5.90
C SER B 320 -33.97 -0.83 -5.59
N ASP B 321 -34.44 -1.92 -5.00
CA ASP B 321 -35.81 -1.97 -4.51
C ASP B 321 -35.94 -1.06 -3.32
N SER B 322 -34.85 -0.86 -2.60
CA SER B 322 -34.84 0.14 -1.55
C SER B 322 -35.09 1.50 -2.17
N LEU B 323 -34.26 1.85 -3.15
CA LEU B 323 -34.36 3.10 -3.87
C LEU B 323 -35.79 3.40 -4.31
N ALA B 324 -36.50 2.38 -4.76
CA ALA B 324 -37.85 2.55 -5.27
C ALA B 324 -38.83 2.81 -4.14
N VAL B 325 -38.69 2.07 -3.04
CA VAL B 325 -39.59 2.24 -1.91
C VAL B 325 -39.44 3.64 -1.33
N LEU B 326 -38.21 4.09 -1.23
CA LEU B 326 -37.94 5.41 -0.69
C LEU B 326 -38.50 6.49 -1.61
N ALA B 327 -38.46 6.23 -2.92
CA ALA B 327 -38.88 7.22 -3.90
C ALA B 327 -40.41 7.33 -3.99
N ALA B 328 -41.10 6.24 -3.69
CA ALA B 328 -42.56 6.23 -3.76
C ALA B 328 -43.16 6.86 -2.51
N ASN B 329 -42.71 6.40 -1.34
CA ASN B 329 -43.25 6.86 -0.06
C ASN B 329 -42.40 7.98 0.55
N ALA B 330 -41.96 8.91 -0.29
CA ALA B 330 -41.10 10.02 0.15
C ALA B 330 -41.88 11.15 0.77
N ASP B 331 -43.20 11.09 0.66
CA ASP B 331 -44.05 12.11 1.25
C ASP B 331 -44.25 11.88 2.75
N CYS B 332 -43.62 10.83 3.26
CA CYS B 332 -43.65 10.53 4.69
C CYS B 332 -42.52 11.28 5.39
N VAL B 333 -41.48 11.58 4.63
CA VAL B 333 -40.37 12.39 5.11
C VAL B 333 -40.66 13.85 4.81
N PRO B 334 -40.30 14.77 5.74
CA PRO B 334 -40.34 16.20 5.42
C PRO B 334 -39.39 16.55 4.28
N PHE B 335 -38.89 17.79 4.26
CA PHE B 335 -37.93 18.20 3.24
C PHE B 335 -38.54 18.09 1.85
N PHE B 336 -38.93 16.87 1.48
CA PHE B 336 -39.64 16.63 0.23
C PHE B 336 -41.05 17.24 0.23
N THR B 337 -41.63 17.42 1.41
CA THR B 337 -42.99 17.96 1.50
C THR B 337 -43.04 19.47 1.73
N GLN B 338 -41.95 20.18 1.43
CA GLN B 338 -41.85 21.59 1.82
C GLN B 338 -41.58 22.59 0.69
N SER B 339 -40.52 22.36 -0.10
CA SER B 339 -40.16 23.30 -1.15
C SER B 339 -40.98 23.06 -2.42
N SER B 340 -40.79 21.90 -3.03
CA SER B 340 -41.70 21.44 -4.09
C SER B 340 -42.94 20.83 -3.43
N SER B 341 -43.49 21.53 -2.45
CA SER B 341 -44.51 20.97 -1.56
C SER B 341 -45.76 20.55 -2.33
N SER B 342 -46.09 19.25 -2.38
CA SER B 342 -45.33 18.13 -1.80
C SER B 342 -44.96 17.15 -2.90
N GLY B 343 -43.95 16.33 -2.65
CA GLY B 343 -43.50 15.33 -3.59
C GLY B 343 -42.14 15.61 -4.20
N LEU B 344 -41.55 14.59 -4.82
CA LEU B 344 -40.22 14.71 -5.43
C LEU B 344 -40.30 15.31 -6.81
N LYS B 345 -39.18 15.84 -7.28
CA LYS B 345 -39.12 16.45 -8.60
C LYS B 345 -38.30 15.60 -9.57
N ALA B 346 -37.37 14.81 -9.06
CA ALA B 346 -36.57 13.96 -9.95
C ALA B 346 -35.88 12.82 -9.20
N VAL B 347 -35.60 11.73 -9.92
CA VAL B 347 -34.85 10.61 -9.38
C VAL B 347 -33.78 10.19 -10.39
N ALA B 348 -32.63 9.75 -9.90
CA ALA B 348 -31.53 9.35 -10.77
C ALA B 348 -30.83 8.09 -10.25
N ARG B 349 -30.40 7.22 -11.14
CA ARG B 349 -29.74 5.97 -10.73
C ARG B 349 -28.61 5.60 -11.67
N SER B 350 -27.64 4.87 -11.13
CA SER B 350 -26.58 4.31 -11.95
C SER B 350 -27.23 3.32 -12.90
N MET B 351 -26.71 3.20 -14.11
CA MET B 351 -27.31 2.32 -15.10
C MET B 351 -27.48 0.89 -14.59
N PRO B 352 -26.45 0.33 -13.93
CA PRO B 352 -26.56 -1.07 -13.47
C PRO B 352 -27.67 -1.32 -12.45
N THR B 353 -28.10 -0.27 -11.75
CA THR B 353 -29.13 -0.41 -10.72
C THR B 353 -30.44 -0.86 -11.36
N SER B 354 -31.28 -1.52 -10.58
CA SER B 354 -32.56 -2.00 -11.08
C SER B 354 -33.56 -0.86 -11.20
N GLY B 355 -34.35 -0.91 -12.28
CA GLY B 355 -35.30 0.15 -12.56
C GLY B 355 -36.63 -0.03 -11.86
N ALA B 356 -36.62 -0.66 -10.68
CA ALA B 356 -37.83 -0.76 -9.89
C ALA B 356 -38.34 0.63 -9.55
N VAL B 357 -37.43 1.59 -9.56
CA VAL B 357 -37.77 2.97 -9.27
C VAL B 357 -38.36 3.64 -10.50
N ASP B 358 -38.17 3.01 -11.66
CA ASP B 358 -38.76 3.52 -12.89
C ASP B 358 -40.27 3.28 -12.89
N ARG B 359 -40.69 2.20 -12.26
CA ARG B 359 -42.12 1.92 -12.10
C ARG B 359 -42.73 2.91 -11.12
N VAL B 360 -41.91 3.41 -10.21
CA VAL B 360 -42.37 4.45 -9.30
C VAL B 360 -42.38 5.78 -10.00
N ALA B 361 -41.45 5.98 -10.94
CA ALA B 361 -41.35 7.22 -11.69
C ALA B 361 -42.36 7.30 -12.82
N ALA B 362 -43.06 6.19 -13.05
CA ALA B 362 -44.09 6.14 -14.07
C ALA B 362 -45.46 6.44 -13.46
N ALA B 363 -45.76 5.78 -12.33
CA ALA B 363 -47.02 6.00 -11.63
C ALA B 363 -46.98 7.32 -10.89
N HIS B 364 -45.84 8.00 -10.96
CA HIS B 364 -45.72 9.36 -10.46
C HIS B 364 -45.08 10.20 -11.57
N ASP B 365 -44.81 11.48 -11.28
CA ASP B 365 -44.29 12.41 -12.30
C ASP B 365 -42.78 12.61 -12.17
N PHE B 366 -42.11 11.70 -11.47
CA PHE B 366 -40.67 11.81 -11.23
C PHE B 366 -39.86 11.73 -12.52
N ALA B 367 -39.00 12.71 -12.71
CA ALA B 367 -38.06 12.68 -13.81
C ALA B 367 -37.13 11.52 -13.57
N LEU B 368 -36.76 10.82 -14.63
CA LEU B 368 -35.93 9.63 -14.51
C LEU B 368 -34.62 9.78 -15.26
N PHE B 369 -33.57 9.22 -14.68
CA PHE B 369 -32.23 9.31 -15.24
C PHE B 369 -31.46 8.00 -15.10
N GLU B 370 -31.13 7.40 -16.24
CA GLU B 370 -30.28 6.23 -16.27
C GLU B 370 -28.84 6.71 -16.47
N VAL B 371 -28.14 6.89 -15.35
CA VAL B 371 -26.83 7.51 -15.36
C VAL B 371 -25.73 6.44 -15.26
N PRO B 372 -24.50 6.75 -15.72
CA PRO B 372 -23.37 5.83 -15.60
C PRO B 372 -22.83 5.70 -14.19
N THR B 373 -22.03 4.67 -13.94
CA THR B 373 -21.35 4.52 -12.67
C THR B 373 -20.41 5.69 -12.43
N GLY B 374 -20.64 6.39 -11.34
CA GLY B 374 -19.91 7.60 -11.02
C GLY B 374 -20.82 8.59 -10.32
N TRP B 375 -20.27 9.31 -9.37
CA TRP B 375 -21.06 10.28 -8.62
C TRP B 375 -21.10 11.60 -9.38
N LYS B 376 -20.09 11.84 -10.21
CA LYS B 376 -20.01 13.05 -11.01
C LYS B 376 -21.37 13.40 -11.62
N PHE B 377 -22.08 12.38 -12.10
CA PHE B 377 -23.34 12.59 -12.78
C PHE B 377 -24.43 12.99 -11.80
N PHE B 378 -24.38 12.47 -10.59
CA PHE B 378 -25.37 12.82 -9.59
C PHE B 378 -25.20 14.28 -9.18
N GLY B 379 -23.96 14.70 -8.96
CA GLY B 379 -23.68 16.05 -8.53
C GLY B 379 -24.10 17.10 -9.53
N ASN B 380 -24.02 16.75 -10.81
CA ASN B 380 -24.43 17.64 -11.89
C ASN B 380 -25.95 17.79 -11.93
N LEU B 381 -26.66 16.66 -11.88
CA LEU B 381 -28.12 16.69 -11.88
C LEU B 381 -28.65 17.42 -10.67
N MET B 382 -27.99 17.24 -9.53
CA MET B 382 -28.40 17.88 -8.29
C MET B 382 -28.22 19.39 -8.40
N ASP B 383 -27.12 19.81 -9.00
CA ASP B 383 -26.80 21.23 -9.10
C ASP B 383 -27.53 21.87 -10.28
N SER B 384 -28.34 22.87 -9.97
CA SER B 384 -29.18 23.62 -10.90
C SER B 384 -30.39 24.09 -10.09
N LYS B 385 -30.66 25.40 -9.98
CA LYS B 385 -29.78 26.48 -10.41
C LYS B 385 -28.95 26.99 -9.23
N ASP B 386 -27.72 26.49 -9.12
CA ASP B 386 -26.82 26.95 -8.07
C ASP B 386 -25.35 26.84 -8.48
N LEU B 387 -24.90 27.57 -9.50
CA LEU B 387 -25.71 28.36 -10.42
C LEU B 387 -25.49 27.76 -11.80
N TYR B 388 -26.48 27.03 -12.30
CA TYR B 388 -26.42 26.43 -13.63
C TYR B 388 -27.56 26.96 -14.51
N GLY B 389 -27.70 28.27 -14.55
CA GLY B 389 -28.69 28.92 -15.39
C GLY B 389 -30.12 28.68 -14.94
N GLY B 390 -30.53 27.42 -14.86
CA GLY B 390 -31.89 27.09 -14.52
C GLY B 390 -32.26 25.68 -14.90
N LYS B 391 -33.53 25.34 -14.66
CA LYS B 391 -34.11 24.05 -15.03
C LYS B 391 -33.45 22.87 -14.33
N ASP B 392 -34.16 21.74 -14.38
CA ASP B 392 -33.70 20.49 -13.77
C ASP B 392 -33.34 20.72 -12.31
N PHE B 393 -34.36 20.99 -11.51
CA PHE B 393 -34.16 21.26 -10.09
C PHE B 393 -34.35 20.01 -9.24
N ASN B 394 -34.35 20.24 -7.92
CA ASN B 394 -34.61 19.22 -6.91
C ASN B 394 -35.84 19.65 -6.13
N PRO B 395 -36.29 18.83 -5.15
CA PRO B 395 -35.76 17.58 -4.59
C PRO B 395 -35.34 16.55 -5.64
N LEU B 396 -34.11 16.09 -5.52
CA LEU B 396 -33.59 14.98 -6.32
C LEU B 396 -33.29 13.82 -5.39
N LEU B 397 -33.56 12.62 -5.87
CA LEU B 397 -33.26 11.40 -5.12
C LEU B 397 -32.31 10.58 -5.97
N CYS B 398 -31.33 9.95 -5.35
CA CYS B 398 -30.35 9.17 -6.11
C CYS B 398 -30.03 7.86 -5.41
N GLY B 399 -29.57 6.89 -6.18
CA GLY B 399 -29.23 5.58 -5.64
C GLY B 399 -28.30 4.79 -6.53
N GLU B 400 -27.62 3.83 -5.92
CA GLU B 400 -26.73 2.93 -6.63
C GLU B 400 -26.91 1.52 -6.07
N GLU B 401 -26.63 0.51 -6.89
CA GLU B 401 -26.86 -0.88 -6.49
C GLU B 401 -25.82 -1.34 -5.48
N SER B 402 -24.77 -0.55 -5.30
CA SER B 402 -23.75 -0.83 -4.30
C SER B 402 -24.12 -0.24 -2.95
N PHE B 403 -25.30 -0.60 -2.44
CA PHE B 403 -25.75 -0.17 -1.12
C PHE B 403 -25.58 1.33 -0.85
N GLY B 404 -25.79 2.15 -1.87
CA GLY B 404 -25.63 3.59 -1.74
C GLY B 404 -26.89 4.37 -2.09
N THR B 405 -27.24 5.33 -1.23
CA THR B 405 -28.40 6.18 -1.45
C THR B 405 -28.16 7.57 -0.90
N GLY B 406 -28.96 8.54 -1.34
CA GLY B 406 -28.81 9.92 -0.91
C GLY B 406 -29.68 10.88 -1.72
N SER B 407 -29.64 12.16 -1.36
CA SER B 407 -30.45 13.16 -2.07
C SER B 407 -29.66 14.44 -2.28
N ASN B 408 -30.37 15.55 -2.42
CA ASN B 408 -29.73 16.84 -2.67
C ASN B 408 -29.46 17.63 -1.39
N HIS B 409 -29.63 17.00 -0.23
CA HIS B 409 -29.47 17.73 1.03
C HIS B 409 -27.99 17.86 1.41
N ILE B 410 -27.18 16.92 0.92
CA ILE B 410 -25.72 17.07 0.89
C ILE B 410 -25.21 16.49 -0.42
N ARG B 411 -23.96 16.77 -0.75
CA ARG B 411 -23.39 16.30 -2.01
C ARG B 411 -22.53 15.06 -1.81
N GLU B 412 -23.07 14.10 -1.06
CA GLU B 412 -22.41 12.83 -0.81
C GLU B 412 -23.44 11.80 -0.40
N LYS B 413 -23.30 10.58 -0.91
CA LYS B 413 -24.22 9.51 -0.58
C LYS B 413 -24.23 9.33 0.92
N ASP B 414 -25.41 9.11 1.49
CA ASP B 414 -25.55 8.99 2.94
C ASP B 414 -26.12 7.64 3.31
N GLY B 415 -25.80 7.18 4.52
CA GLY B 415 -26.24 5.89 5.00
C GLY B 415 -27.25 6.01 6.12
N ILE B 416 -26.94 6.86 7.09
CA ILE B 416 -27.82 7.07 8.22
C ILE B 416 -29.10 7.75 7.76
N TRP B 417 -28.98 8.59 6.74
CA TRP B 417 -30.10 9.29 6.15
C TRP B 417 -31.15 8.30 5.63
N ALA B 418 -30.70 7.32 4.84
CA ALA B 418 -31.60 6.32 4.26
C ALA B 418 -32.21 5.42 5.32
N SER B 419 -31.47 5.16 6.39
CA SER B 419 -31.98 4.36 7.49
C SER B 419 -33.09 5.15 8.18
N LEU B 420 -32.84 6.43 8.39
CA LEU B 420 -33.85 7.30 8.95
C LEU B 420 -35.02 7.45 7.98
N PHE B 421 -34.73 7.39 6.69
CA PHE B 421 -35.77 7.43 5.66
C PHE B 421 -36.68 6.23 5.81
N TRP B 422 -36.09 5.04 5.87
CA TRP B 422 -36.88 3.85 6.03
C TRP B 422 -37.68 3.87 7.33
N LEU B 423 -37.05 4.31 8.42
CA LEU B 423 -37.77 4.45 9.69
C LEU B 423 -38.94 5.43 9.59
N SER B 424 -38.81 6.44 8.73
CA SER B 424 -39.90 7.37 8.48
C SER B 424 -41.01 6.66 7.71
N VAL B 425 -40.62 5.76 6.81
CA VAL B 425 -41.60 5.02 6.02
C VAL B 425 -42.33 4.02 6.89
N ILE B 426 -41.65 3.45 7.88
CA ILE B 426 -42.32 2.52 8.79
C ILE B 426 -43.36 3.28 9.59
N ALA B 427 -42.97 4.45 10.09
CA ALA B 427 -43.82 5.23 10.99
C ALA B 427 -45.12 5.64 10.30
N LYS B 428 -45.07 5.73 8.98
CA LYS B 428 -46.25 6.04 8.19
C LYS B 428 -46.04 5.40 6.82
N ARG B 429 -46.83 4.40 6.42
CA ARG B 429 -48.08 3.96 7.06
C ARG B 429 -47.94 3.51 8.52
N ASN B 430 -48.72 4.18 9.37
CA ASN B 430 -48.60 4.09 10.81
C ASN B 430 -49.39 2.92 11.36
N ALA B 431 -49.11 2.56 12.61
CA ALA B 431 -49.80 1.46 13.26
C ALA B 431 -50.07 1.67 14.75
N PRO B 432 -50.32 2.92 15.19
CA PRO B 432 -50.75 3.03 16.58
C PRO B 432 -52.17 2.49 16.75
N GLY B 433 -52.54 1.86 17.86
CA GLY B 433 -51.67 1.63 18.99
C GLY B 433 -51.19 0.18 19.04
N THR B 434 -51.80 -0.68 18.23
CA THR B 434 -51.50 -2.12 18.28
C THR B 434 -51.14 -2.83 16.96
N PRO B 435 -51.62 -2.36 15.80
CA PRO B 435 -51.17 -3.15 14.64
C PRO B 435 -49.67 -3.02 14.39
N LEU B 436 -49.15 -3.71 13.38
CA LEU B 436 -47.75 -3.57 13.00
C LEU B 436 -47.52 -3.84 11.52
N VAL B 437 -46.65 -3.03 10.92
CA VAL B 437 -46.30 -3.17 9.51
C VAL B 437 -44.79 -3.30 9.39
N GLY B 438 -44.34 -4.49 9.02
CA GLY B 438 -42.93 -4.75 8.89
C GLY B 438 -42.38 -4.27 7.56
N VAL B 439 -41.08 -4.45 7.38
CA VAL B 439 -40.44 -4.12 6.12
C VAL B 439 -40.95 -5.06 5.03
N GLN B 440 -41.03 -6.34 5.37
CA GLN B 440 -41.47 -7.37 4.45
C GLN B 440 -42.80 -7.00 3.78
N GLN B 441 -43.77 -6.60 4.58
CA GLN B 441 -45.06 -6.19 4.03
C GLN B 441 -44.92 -4.98 3.11
N ILE B 442 -44.35 -3.90 3.62
CA ILE B 442 -44.18 -2.67 2.85
C ILE B 442 -43.62 -2.95 1.46
N VAL B 443 -42.60 -3.79 1.40
CA VAL B 443 -42.01 -4.17 0.12
C VAL B 443 -43.03 -4.93 -0.70
N GLU B 444 -43.72 -5.87 -0.07
CA GLU B 444 -44.69 -6.70 -0.76
C GLU B 444 -45.84 -5.85 -1.32
N GLU B 445 -46.23 -4.82 -0.58
CA GLU B 445 -47.26 -3.91 -1.06
C GLU B 445 -46.74 -3.11 -2.24
N HIS B 446 -45.50 -2.66 -2.10
CA HIS B 446 -44.84 -1.87 -3.15
C HIS B 446 -44.79 -2.69 -4.44
N TRP B 447 -44.56 -3.98 -4.29
CA TRP B 447 -44.56 -4.90 -5.42
C TRP B 447 -45.97 -5.11 -5.95
N ALA B 448 -46.94 -5.13 -5.04
CA ALA B 448 -48.33 -5.36 -5.41
C ALA B 448 -48.85 -4.24 -6.30
N THR B 449 -48.33 -3.03 -6.08
CA THR B 449 -48.79 -1.85 -6.79
C THR B 449 -47.95 -1.57 -8.03
N TYR B 450 -46.63 -1.61 -7.85
CA TYR B 450 -45.69 -1.24 -8.92
C TYR B 450 -45.10 -2.46 -9.63
N GLY B 451 -45.39 -3.66 -9.12
CA GLY B 451 -44.78 -4.86 -9.65
C GLY B 451 -43.41 -5.00 -9.02
N ARG B 452 -42.82 -6.19 -9.13
CA ARG B 452 -41.47 -6.42 -8.61
C ARG B 452 -40.42 -6.51 -9.70
N ASN B 453 -39.26 -5.94 -9.41
CA ASN B 453 -38.06 -6.14 -10.22
C ASN B 453 -37.12 -7.10 -9.54
N TYR B 454 -37.10 -8.34 -10.02
CA TYR B 454 -36.07 -9.28 -9.61
C TYR B 454 -34.73 -8.73 -10.03
N TYR B 455 -33.79 -8.68 -9.08
CA TYR B 455 -32.45 -8.20 -9.38
C TYR B 455 -31.43 -9.10 -8.72
N SER B 456 -30.37 -9.40 -9.47
CA SER B 456 -29.31 -10.26 -8.99
C SER B 456 -28.05 -9.93 -9.77
N ARG B 457 -26.93 -10.53 -9.38
CA ARG B 457 -25.68 -10.29 -10.06
C ARG B 457 -24.77 -11.50 -10.01
N TYR B 458 -24.31 -11.91 -11.18
CA TYR B 458 -23.35 -12.99 -11.32
C TYR B 458 -21.98 -12.40 -11.60
N ASP B 459 -20.95 -12.93 -10.93
CA ASP B 459 -19.61 -12.38 -11.03
C ASP B 459 -18.58 -13.46 -11.35
N TYR B 460 -18.00 -13.37 -12.54
CA TYR B 460 -16.96 -14.29 -12.98
C TYR B 460 -15.58 -13.66 -12.80
N GLU B 461 -14.95 -13.98 -11.67
CA GLU B 461 -13.71 -13.33 -11.29
C GLU B 461 -12.48 -13.84 -12.02
N ASP B 462 -11.56 -12.92 -12.26
CA ASP B 462 -10.23 -13.23 -12.78
C ASP B 462 -10.27 -14.09 -14.04
N VAL B 463 -10.83 -13.54 -15.11
CA VAL B 463 -10.81 -14.19 -16.41
C VAL B 463 -9.80 -13.49 -17.30
N SER B 464 -9.32 -14.19 -18.33
CA SER B 464 -8.33 -13.63 -19.23
C SER B 464 -8.94 -12.49 -20.05
N ALA B 465 -8.20 -11.38 -20.15
CA ALA B 465 -8.70 -10.18 -20.83
C ALA B 465 -9.07 -10.47 -22.29
N GLU B 466 -8.40 -11.44 -22.90
CA GLU B 466 -8.69 -11.79 -24.28
C GLU B 466 -10.03 -12.48 -24.38
N ALA B 467 -10.28 -13.44 -23.49
CA ALA B 467 -11.53 -14.16 -23.46
C ALA B 467 -12.65 -13.25 -22.96
N ALA B 468 -12.29 -12.31 -22.09
CA ALA B 468 -13.26 -11.36 -21.55
C ALA B 468 -13.72 -10.40 -22.64
N LYS B 469 -12.76 -9.79 -23.32
CA LYS B 469 -13.04 -8.88 -24.41
C LYS B 469 -13.82 -9.59 -25.51
N ALA B 470 -13.54 -10.89 -25.67
CA ALA B 470 -14.23 -11.71 -26.66
C ALA B 470 -15.72 -11.78 -26.35
N VAL B 471 -16.06 -12.01 -25.08
CA VAL B 471 -17.46 -12.11 -24.67
C VAL B 471 -18.19 -10.80 -24.96
N MET B 472 -17.64 -9.70 -24.45
CA MET B 472 -18.26 -8.39 -24.61
C MET B 472 -18.51 -8.04 -26.08
N ASP B 473 -17.51 -8.27 -26.91
CA ASP B 473 -17.65 -8.01 -28.34
C ASP B 473 -18.60 -9.01 -28.99
N THR B 474 -18.56 -10.26 -28.53
CA THR B 474 -19.46 -11.28 -29.03
C THR B 474 -20.90 -10.85 -28.79
N VAL B 475 -21.13 -10.28 -27.61
CA VAL B 475 -22.47 -9.86 -27.22
C VAL B 475 -22.84 -8.55 -27.90
N GLU B 476 -21.87 -7.67 -28.10
CA GLU B 476 -22.12 -6.42 -28.81
C GLU B 476 -22.36 -6.65 -30.30
N ASN B 477 -21.82 -7.75 -30.83
CA ASN B 477 -22.03 -8.09 -32.24
C ASN B 477 -23.39 -8.76 -32.46
N THR B 478 -23.80 -9.61 -31.52
CA THR B 478 -25.15 -10.16 -31.56
C THR B 478 -26.14 -9.12 -31.06
N VAL B 479 -25.62 -7.98 -30.60
CA VAL B 479 -26.46 -6.82 -30.28
C VAL B 479 -26.83 -6.13 -31.58
N VAL B 480 -25.91 -6.14 -32.53
CA VAL B 480 -26.19 -5.66 -33.88
C VAL B 480 -27.20 -6.59 -34.54
N ASP B 481 -27.38 -7.76 -33.92
CA ASP B 481 -28.27 -8.80 -34.40
C ASP B 481 -29.55 -8.87 -33.56
N ASP B 482 -30.67 -9.23 -34.19
CA ASP B 482 -31.97 -9.19 -33.54
C ASP B 482 -32.71 -10.52 -33.55
N VAL B 483 -32.25 -11.49 -32.76
CA VAL B 483 -32.95 -12.77 -32.66
C VAL B 483 -32.83 -13.40 -31.26
N PRO B 484 -33.61 -12.89 -30.30
CA PRO B 484 -33.52 -13.40 -28.92
C PRO B 484 -34.51 -14.53 -28.63
N ASN B 485 -34.58 -14.94 -27.36
CA ASN B 485 -35.59 -15.89 -26.92
C ASN B 485 -36.90 -15.15 -26.66
N LEU B 486 -37.91 -15.91 -26.25
CA LEU B 486 -39.30 -15.47 -26.35
C LEU B 486 -40.09 -15.90 -25.13
N ASN B 487 -39.41 -16.05 -24.01
CA ASN B 487 -40.06 -16.42 -22.75
C ASN B 487 -41.08 -15.36 -22.37
N GLY B 488 -40.85 -14.14 -22.81
CA GLY B 488 -41.80 -13.05 -22.65
C GLY B 488 -41.97 -12.33 -23.96
N VAL B 489 -41.39 -11.13 -24.06
CA VAL B 489 -41.41 -10.36 -25.28
C VAL B 489 -40.01 -10.39 -25.90
N ALA B 490 -39.92 -10.10 -27.19
CA ALA B 490 -38.65 -10.05 -27.89
C ALA B 490 -37.85 -8.81 -27.51
N CYS B 491 -36.53 -8.89 -27.64
CA CYS B 491 -35.65 -7.76 -27.37
C CYS B 491 -35.96 -6.60 -28.29
N LYS B 492 -36.46 -5.52 -27.69
CA LYS B 492 -36.82 -4.34 -28.46
C LYS B 492 -35.72 -3.28 -28.44
N THR B 493 -34.62 -3.58 -27.75
CA THR B 493 -33.49 -2.67 -27.72
C THR B 493 -32.25 -3.40 -27.19
N ILE B 494 -31.17 -3.30 -27.94
CA ILE B 494 -29.89 -3.87 -27.54
C ILE B 494 -28.76 -2.95 -27.98
N ASP B 495 -27.88 -2.59 -27.05
CA ASP B 495 -26.84 -1.61 -27.34
C ASP B 495 -25.69 -1.66 -26.34
N ASN B 496 -24.63 -0.92 -26.64
CA ASN B 496 -23.53 -0.71 -25.71
C ASN B 496 -23.67 0.70 -25.12
N PHE B 497 -24.03 0.74 -23.84
CA PHE B 497 -24.49 1.95 -23.18
C PHE B 497 -23.62 3.18 -23.44
N SER B 498 -24.28 4.25 -23.86
CA SER B 498 -23.64 5.55 -24.02
C SER B 498 -24.48 6.59 -23.29
N TYR B 499 -23.81 7.59 -22.73
CA TYR B 499 -24.49 8.62 -21.95
C TYR B 499 -23.89 10.00 -22.17
N THR B 500 -24.78 10.96 -22.43
CA THR B 500 -24.38 12.35 -22.63
C THR B 500 -24.96 13.23 -21.52
N ASP B 501 -24.09 13.74 -20.65
CA ASP B 501 -24.53 14.48 -19.47
C ASP B 501 -25.32 15.72 -19.89
N PRO B 502 -26.58 15.83 -19.45
CA PRO B 502 -27.40 16.98 -19.87
C PRO B 502 -26.88 18.32 -19.34
N ILE B 503 -26.14 18.29 -18.24
CA ILE B 503 -25.76 19.53 -17.57
C ILE B 503 -24.42 20.08 -18.07
N ASP B 504 -23.39 19.25 -18.09
CA ASP B 504 -22.06 19.71 -18.50
C ASP B 504 -21.78 19.39 -19.96
N GLY B 505 -22.43 18.35 -20.47
CA GLY B 505 -22.27 17.96 -21.86
C GLY B 505 -21.13 16.97 -22.08
N SER B 506 -20.84 16.17 -21.07
CA SER B 506 -19.82 15.14 -21.18
C SER B 506 -20.41 13.93 -21.88
N VAL B 507 -19.61 13.28 -22.70
CA VAL B 507 -20.04 12.09 -23.44
C VAL B 507 -19.30 10.85 -22.94
N SER B 508 -20.06 9.86 -22.47
CA SER B 508 -19.47 8.62 -21.98
C SER B 508 -19.82 7.48 -22.93
N THR B 509 -18.81 6.66 -23.23
CA THR B 509 -18.96 5.53 -24.14
C THR B 509 -18.39 4.26 -23.52
N LYS B 510 -18.77 3.11 -24.08
CA LYS B 510 -18.34 1.82 -23.56
C LYS B 510 -18.72 1.71 -22.09
N GLN B 511 -19.99 1.94 -21.80
CA GLN B 511 -20.48 1.96 -20.42
C GLN B 511 -21.34 0.74 -20.09
N GLY B 512 -21.15 -0.33 -20.85
CA GLY B 512 -21.81 -1.60 -20.58
C GLY B 512 -22.71 -2.05 -21.72
N VAL B 513 -22.65 -3.34 -22.03
CA VAL B 513 -23.48 -3.94 -23.06
C VAL B 513 -24.85 -4.27 -22.51
N ARG B 514 -25.88 -3.54 -22.95
CA ARG B 514 -27.23 -3.74 -22.48
C ARG B 514 -28.03 -4.67 -23.38
N VAL B 515 -29.02 -5.34 -22.79
CA VAL B 515 -29.98 -6.11 -23.55
C VAL B 515 -31.38 -5.86 -22.98
N LEU B 516 -32.10 -4.93 -23.58
CA LEU B 516 -33.40 -4.51 -23.05
C LEU B 516 -34.56 -5.27 -23.68
N PHE B 517 -35.59 -5.53 -22.87
CA PHE B 517 -36.85 -6.10 -23.34
C PHE B 517 -37.95 -5.05 -23.25
N GLU B 518 -39.13 -5.38 -23.75
CA GLU B 518 -40.24 -4.43 -23.77
C GLU B 518 -40.88 -4.30 -22.40
N ASP B 519 -41.08 -5.44 -21.75
CA ASP B 519 -41.71 -5.48 -20.44
C ASP B 519 -40.98 -4.58 -19.47
N GLY B 520 -39.66 -4.65 -19.50
CA GLY B 520 -38.82 -3.89 -18.59
C GLY B 520 -37.62 -4.71 -18.17
N SER B 521 -37.76 -6.02 -18.25
CA SER B 521 -36.67 -6.92 -17.90
C SER B 521 -35.45 -6.65 -18.78
N ARG B 522 -34.30 -7.14 -18.35
CA ARG B 522 -33.05 -6.98 -19.08
C ARG B 522 -31.94 -7.83 -18.50
N PHE B 523 -30.84 -7.98 -19.25
CA PHE B 523 -29.60 -8.50 -18.69
C PHE B 523 -28.43 -7.78 -19.35
N VAL B 524 -27.45 -7.39 -18.54
CA VAL B 524 -26.38 -6.50 -18.97
C VAL B 524 -25.02 -7.09 -18.65
N LEU B 525 -24.04 -6.76 -19.49
CA LEU B 525 -22.66 -7.15 -19.27
C LEU B 525 -21.75 -5.94 -19.23
N ARG B 526 -21.17 -5.73 -18.05
CA ARG B 526 -20.18 -4.68 -17.82
C ARG B 526 -18.96 -5.31 -17.19
N LEU B 527 -17.79 -5.05 -17.77
CA LEU B 527 -16.55 -5.54 -17.21
C LEU B 527 -15.88 -4.45 -16.41
N SER B 528 -15.57 -4.76 -15.16
CA SER B 528 -14.86 -3.87 -14.27
C SER B 528 -13.84 -4.64 -13.47
N GLY B 529 -12.59 -4.62 -13.95
CA GLY B 529 -11.49 -5.29 -13.30
C GLY B 529 -10.33 -4.34 -13.12
N THR B 530 -9.13 -4.81 -13.46
CA THR B 530 -7.94 -4.00 -13.38
C THR B 530 -7.29 -3.84 -14.76
N GLY B 531 -6.91 -2.61 -15.09
CA GLY B 531 -6.37 -2.30 -16.41
C GLY B 531 -5.05 -2.99 -16.69
N SER B 532 -4.21 -3.10 -15.67
CA SER B 532 -2.89 -3.72 -15.80
C SER B 532 -2.85 -5.07 -15.07
N SER B 533 -4.01 -5.71 -14.94
CA SER B 533 -4.09 -7.04 -14.33
C SER B 533 -5.36 -7.76 -14.79
N GLY B 534 -5.74 -8.81 -14.08
CA GLY B 534 -6.91 -9.61 -14.45
C GLY B 534 -8.19 -8.82 -14.43
N ALA B 535 -9.18 -9.28 -15.18
CA ALA B 535 -10.47 -8.62 -15.28
C ALA B 535 -11.61 -9.51 -14.77
N THR B 536 -12.76 -8.90 -14.53
CA THR B 536 -13.92 -9.59 -13.97
C THR B 536 -15.17 -9.31 -14.79
N ILE B 537 -15.99 -10.33 -15.00
CA ILE B 537 -17.22 -10.17 -15.73
C ILE B 537 -18.41 -10.01 -14.80
N ARG B 538 -19.02 -8.84 -14.87
CA ARG B 538 -20.18 -8.51 -14.04
C ARG B 538 -21.46 -8.64 -14.87
N LEU B 539 -22.10 -9.80 -14.78
CA LEU B 539 -23.35 -10.05 -15.50
C LEU B 539 -24.56 -9.69 -14.66
N TYR B 540 -25.30 -8.69 -15.11
CA TYR B 540 -26.47 -8.24 -14.40
C TYR B 540 -27.70 -8.98 -14.92
N LEU B 541 -28.67 -9.19 -14.04
CA LEU B 541 -29.87 -9.95 -14.37
C LEU B 541 -31.11 -9.29 -13.78
N GLU B 542 -32.04 -8.91 -14.65
CA GLU B 542 -33.26 -8.23 -14.22
C GLU B 542 -34.50 -8.79 -14.91
N GLN B 543 -35.41 -9.33 -14.10
CA GLN B 543 -36.65 -9.92 -14.59
C GLN B 543 -37.87 -9.27 -13.95
N TYR B 544 -38.61 -8.50 -14.75
CA TYR B 544 -39.81 -7.84 -14.26
C TYR B 544 -40.99 -8.80 -14.26
N MET B 545 -41.77 -8.77 -13.19
CA MET B 545 -42.98 -9.58 -13.09
C MET B 545 -44.05 -8.86 -12.27
N ASP B 546 -45.07 -8.35 -12.95
CA ASP B 546 -46.23 -7.80 -12.26
C ASP B 546 -47.48 -8.59 -12.61
N SER B 547 -47.91 -9.43 -11.69
CA SER B 547 -49.13 -10.20 -11.86
C SER B 547 -49.92 -10.15 -10.56
N ALA B 548 -49.54 -10.99 -9.61
CA ALA B 548 -50.20 -11.06 -8.32
C ALA B 548 -49.51 -12.13 -7.48
N THR B 549 -49.87 -13.38 -7.71
CA THR B 549 -49.31 -14.51 -6.98
C THR B 549 -49.40 -14.30 -5.47
N VAL B 550 -50.63 -14.23 -4.96
CA VAL B 550 -50.85 -13.95 -3.55
C VAL B 550 -51.70 -15.04 -2.89
N LYS B 551 -51.09 -16.20 -2.74
CA LYS B 551 -51.77 -17.37 -2.20
C LYS B 551 -50.73 -18.24 -1.50
N SER B 552 -49.58 -18.34 -2.15
CA SER B 552 -48.41 -19.03 -1.60
C SER B 552 -47.19 -18.18 -1.85
N HIS B 553 -46.60 -17.61 -0.81
CA HIS B 553 -45.46 -16.71 -0.98
C HIS B 553 -44.27 -17.32 -1.78
N LEU B 554 -43.55 -18.42 -1.45
CA LEU B 554 -43.62 -19.48 -0.38
C LEU B 554 -43.87 -20.81 -1.08
N ALA B 555 -44.45 -20.77 -2.28
CA ALA B 555 -45.00 -21.97 -2.95
C ALA B 555 -44.14 -23.22 -2.83
N GLU B 556 -44.81 -24.36 -2.89
CA GLU B 556 -44.23 -25.66 -2.57
C GLU B 556 -43.62 -26.27 -3.82
N LYS B 557 -42.98 -27.43 -3.65
CA LYS B 557 -42.30 -28.15 -4.75
C LYS B 557 -41.02 -27.43 -5.22
N THR B 558 -40.92 -26.13 -4.96
CA THR B 558 -39.78 -25.30 -5.35
C THR B 558 -40.25 -23.86 -5.18
N LEU B 559 -39.34 -22.93 -4.90
CA LEU B 559 -39.73 -21.54 -4.67
C LEU B 559 -39.81 -20.74 -5.99
N PRO B 560 -41.02 -20.32 -6.40
CA PRO B 560 -41.23 -19.56 -7.65
C PRO B 560 -41.03 -18.06 -7.46
N THR B 561 -40.36 -17.72 -6.38
CA THR B 561 -40.08 -16.33 -6.04
C THR B 561 -38.64 -16.17 -5.55
N ALA B 562 -38.02 -17.28 -5.14
CA ALA B 562 -36.66 -17.25 -4.63
C ALA B 562 -35.67 -17.28 -5.78
N SER B 563 -35.63 -16.18 -6.53
CA SER B 563 -34.67 -16.02 -7.61
C SER B 563 -34.77 -17.12 -8.69
N THR B 564 -35.93 -17.78 -8.78
CA THR B 564 -36.13 -18.79 -9.80
C THR B 564 -36.76 -18.14 -11.02
N ALA B 565 -37.46 -17.02 -10.80
CA ALA B 565 -38.06 -16.28 -11.90
C ALA B 565 -36.97 -15.82 -12.86
N LEU B 566 -35.77 -15.68 -12.34
CA LEU B 566 -34.63 -15.26 -13.15
C LEU B 566 -34.01 -16.43 -13.91
N LYS B 567 -34.32 -17.64 -13.47
CA LYS B 567 -33.73 -18.85 -14.06
C LYS B 567 -33.92 -18.86 -15.56
N ALA B 568 -35.11 -18.45 -16.00
CA ALA B 568 -35.38 -18.33 -17.43
C ALA B 568 -34.33 -17.45 -18.07
N LEU B 569 -34.07 -16.31 -17.44
CA LEU B 569 -33.15 -15.32 -17.99
C LEU B 569 -31.72 -15.83 -18.00
N ILE B 570 -31.39 -16.69 -17.05
CA ILE B 570 -30.05 -17.27 -16.97
C ILE B 570 -29.78 -18.11 -18.21
N GLY B 571 -30.73 -18.99 -18.53
CA GLY B 571 -30.62 -19.81 -19.72
C GLY B 571 -30.42 -18.96 -20.96
N VAL B 572 -31.19 -17.90 -21.05
CA VAL B 572 -31.14 -16.99 -22.21
C VAL B 572 -29.83 -16.19 -22.23
N ALA B 573 -29.45 -15.65 -21.08
CA ALA B 573 -28.20 -14.89 -21.00
C ALA B 573 -27.02 -15.79 -21.33
N LEU B 574 -26.99 -16.98 -20.73
CA LEU B 574 -25.92 -17.94 -20.99
C LEU B 574 -25.96 -18.41 -22.44
N GLN B 575 -27.13 -18.33 -23.06
CA GLN B 575 -27.29 -18.77 -24.45
C GLN B 575 -26.69 -17.73 -25.40
N VAL B 576 -27.00 -16.47 -25.15
CA VAL B 576 -26.54 -15.40 -26.02
C VAL B 576 -25.04 -15.17 -25.84
N SER B 577 -24.64 -14.99 -24.59
CA SER B 577 -23.24 -14.78 -24.26
C SER B 577 -22.42 -16.04 -24.49
N LYS B 578 -22.97 -17.19 -24.09
CA LYS B 578 -22.27 -18.46 -24.27
C LYS B 578 -20.94 -18.45 -23.50
N MET B 579 -21.00 -18.12 -22.22
CA MET B 579 -19.79 -18.04 -21.40
C MET B 579 -19.09 -19.38 -21.27
N GLU B 580 -19.86 -20.43 -20.98
CA GLU B 580 -19.29 -21.76 -20.77
C GLU B 580 -18.36 -22.18 -21.91
N SER B 581 -18.72 -21.77 -23.12
CA SER B 581 -17.95 -22.12 -24.31
C SER B 581 -16.93 -21.04 -24.66
N LEU B 582 -16.93 -19.95 -23.90
CA LEU B 582 -16.00 -18.83 -24.15
C LEU B 582 -14.93 -18.69 -23.10
N THR B 583 -15.27 -18.98 -21.84
CA THR B 583 -14.31 -18.88 -20.74
C THR B 583 -14.08 -20.24 -20.08
N GLY B 584 -14.93 -21.21 -20.38
CA GLY B 584 -14.74 -22.57 -19.90
C GLY B 584 -15.37 -22.78 -18.53
N ARG B 585 -15.45 -21.72 -17.75
CA ARG B 585 -16.10 -21.76 -16.44
C ARG B 585 -17.59 -21.48 -16.60
N LYS B 586 -18.41 -22.43 -16.17
CA LYS B 586 -19.85 -22.24 -16.12
C LYS B 586 -20.24 -21.97 -14.67
N THR B 587 -21.28 -21.17 -14.48
CA THR B 587 -21.75 -20.78 -13.15
C THR B 587 -20.73 -19.83 -12.52
N PRO B 588 -21.18 -18.66 -12.04
CA PRO B 588 -20.24 -17.61 -11.65
C PRO B 588 -19.38 -17.95 -10.45
N THR B 589 -18.27 -17.24 -10.33
CA THR B 589 -17.41 -17.35 -9.16
C THR B 589 -18.19 -16.83 -7.94
N VAL B 590 -19.01 -15.82 -8.17
CA VAL B 590 -19.79 -15.20 -7.12
C VAL B 590 -21.18 -14.86 -7.63
N ILE B 591 -22.18 -15.10 -6.79
CA ILE B 591 -23.55 -14.67 -7.07
C ILE B 591 -23.93 -13.62 -6.03
N THR B 592 -24.71 -12.64 -6.46
CA THR B 592 -25.18 -11.57 -5.58
C THR B 592 -26.70 -11.59 -5.47
N ASN C 32 10.93 13.40 -35.55
CA ASN C 32 9.81 14.09 -36.19
C ASN C 32 10.27 14.74 -37.49
N TYR C 33 11.17 15.70 -37.38
CA TYR C 33 11.86 16.27 -38.55
C TYR C 33 13.35 16.36 -38.24
N THR C 34 14.00 17.41 -38.76
CA THR C 34 15.46 17.65 -38.74
C THR C 34 16.01 17.23 -40.10
N ALA C 35 17.22 17.65 -40.39
CA ALA C 35 17.82 17.43 -41.72
C ALA C 35 16.97 18.10 -42.80
N ASN C 36 15.75 17.58 -42.99
CA ASN C 36 14.82 18.15 -43.95
C ASN C 36 14.56 19.61 -43.65
N PHE C 37 14.69 19.98 -42.38
CA PHE C 37 14.62 21.39 -42.00
C PHE C 37 15.76 22.17 -42.63
N VAL C 38 16.96 21.66 -42.45
CA VAL C 38 18.15 22.32 -42.91
C VAL C 38 18.11 22.47 -44.42
N GLN C 39 17.87 21.36 -45.10
CA GLN C 39 17.84 21.33 -46.55
C GLN C 39 16.77 22.27 -47.09
N SER C 40 15.64 22.33 -46.39
CA SER C 40 14.54 23.21 -46.79
C SER C 40 14.93 24.66 -46.59
N THR C 41 15.73 24.92 -45.56
CA THR C 41 16.18 26.27 -45.28
C THR C 41 17.20 26.71 -46.32
N PHE C 42 17.96 25.74 -46.82
CA PHE C 42 18.93 26.02 -47.87
C PHE C 42 18.26 26.12 -49.22
N ASN C 43 17.07 25.55 -49.34
CA ASN C 43 16.28 25.68 -50.56
C ASN C 43 15.38 26.91 -50.51
N ALA C 44 15.25 27.49 -49.33
CA ALA C 44 14.53 28.75 -49.17
C ALA C 44 15.47 29.87 -49.59
N LEU C 45 16.70 29.76 -49.14
CA LEU C 45 17.77 30.57 -49.67
C LEU C 45 17.98 30.06 -51.08
N HIS C 46 18.53 30.88 -51.96
CA HIS C 46 18.51 30.57 -53.39
C HIS C 46 19.54 29.50 -53.76
N ARG C 47 19.66 28.51 -52.90
CA ARG C 47 20.62 27.41 -53.03
C ARG C 47 22.08 27.92 -53.00
N GLN C 48 22.76 27.96 -54.14
CA GLN C 48 24.18 28.32 -54.19
C GLN C 48 24.37 29.77 -54.61
N GLY C 49 25.46 30.39 -54.18
CA GLY C 49 25.70 31.79 -54.46
C GLY C 49 27.15 32.16 -54.32
N ALA C 50 27.50 32.81 -53.21
CA ALA C 50 28.87 33.24 -52.96
C ALA C 50 29.32 32.79 -51.57
N VAL C 51 30.63 32.69 -51.40
CA VAL C 51 31.22 32.06 -50.23
C VAL C 51 31.71 33.11 -49.24
N PRO C 52 32.08 32.70 -48.02
CA PRO C 52 32.16 31.34 -47.45
C PRO C 52 30.84 30.83 -46.88
N ASP C 53 29.77 31.63 -46.96
CA ASP C 53 28.50 31.31 -46.31
C ASP C 53 28.75 30.71 -44.93
N VAL C 54 29.35 31.50 -44.06
CA VAL C 54 29.73 31.05 -42.73
C VAL C 54 28.53 30.73 -41.87
N LEU C 55 28.51 29.53 -41.32
CA LEU C 55 27.36 29.05 -40.57
C LEU C 55 27.68 28.85 -39.10
N VAL C 56 26.86 29.43 -38.24
CA VAL C 56 26.97 29.18 -36.81
C VAL C 56 25.99 28.07 -36.44
N VAL C 57 26.47 27.10 -35.67
CA VAL C 57 25.63 26.01 -35.20
C VAL C 57 25.78 25.88 -33.68
N GLY C 58 24.69 25.51 -33.03
CA GLY C 58 24.69 25.36 -31.59
C GLY C 58 23.27 25.40 -31.08
N GLY C 59 23.07 25.14 -29.79
CA GLY C 59 21.74 25.20 -29.23
C GLY C 59 21.66 24.99 -27.73
N ASP C 60 20.44 24.76 -27.27
CA ASP C 60 20.18 24.55 -25.86
C ASP C 60 20.75 23.23 -25.38
N GLY C 61 20.36 22.84 -24.17
CA GLY C 61 20.75 21.58 -23.60
C GLY C 61 20.27 20.44 -24.46
N ARG C 62 20.63 19.22 -24.08
CA ARG C 62 20.36 18.06 -24.92
C ARG C 62 18.87 17.83 -25.14
N TYR C 63 18.58 17.20 -26.27
CA TYR C 63 17.26 16.84 -26.72
C TYR C 63 17.53 16.05 -27.99
N TYR C 64 17.97 14.81 -27.81
CA TYR C 64 18.86 14.13 -28.77
C TYR C 64 20.09 15.03 -28.90
N THR C 65 20.22 15.72 -30.03
CA THR C 65 21.23 16.76 -30.19
C THR C 65 22.65 16.32 -29.82
N SER C 66 23.13 15.28 -30.50
CA SER C 66 24.50 14.81 -30.33
C SER C 66 25.14 14.57 -31.69
N GLU C 67 24.73 13.49 -32.35
CA GLU C 67 25.14 13.25 -33.73
C GLU C 67 24.25 14.03 -34.68
N ALA C 68 23.27 14.75 -34.12
CA ALA C 68 22.39 15.58 -34.92
C ALA C 68 23.15 16.81 -35.42
N VAL C 69 24.20 17.17 -34.71
CA VAL C 69 25.04 18.28 -35.12
C VAL C 69 25.80 17.87 -36.36
N GLN C 70 26.38 16.68 -36.31
CA GLN C 70 27.12 16.15 -37.45
C GLN C 70 26.27 16.20 -38.70
N VAL C 71 25.02 15.76 -38.59
CA VAL C 71 24.12 15.74 -39.74
C VAL C 71 23.97 17.14 -40.34
N ILE C 72 23.76 18.15 -39.49
CA ILE C 72 23.69 19.53 -39.94
C ILE C 72 24.96 19.94 -40.67
N LEU C 73 26.10 19.43 -40.21
CA LEU C 73 27.37 19.71 -40.87
C LEU C 73 27.37 19.08 -42.26
N LYS C 74 26.96 17.82 -42.32
CA LYS C 74 26.93 17.08 -43.58
C LYS C 74 26.13 17.88 -44.60
N VAL C 75 24.91 18.25 -44.20
CA VAL C 75 23.99 18.98 -45.06
C VAL C 75 24.53 20.37 -45.42
N SER C 76 25.02 21.09 -44.42
CA SER C 76 25.58 22.41 -44.62
C SER C 76 26.70 22.36 -45.65
N ALA C 77 27.61 21.41 -45.45
CA ALA C 77 28.70 21.20 -46.38
C ALA C 77 28.18 20.84 -47.75
N ALA C 78 27.13 20.04 -47.79
CA ALA C 78 26.57 19.55 -49.05
C ALA C 78 25.95 20.67 -49.88
N ASN C 79 25.43 21.70 -49.21
CA ASN C 79 24.80 22.81 -49.91
C ASN C 79 25.82 23.85 -50.35
N GLY C 80 26.96 23.88 -49.68
CA GLY C 80 28.10 24.66 -50.15
C GLY C 80 28.64 25.73 -49.22
N VAL C 81 28.39 25.61 -47.92
CA VAL C 81 29.04 26.50 -46.99
C VAL C 81 30.49 26.04 -46.84
N ARG C 82 31.44 26.96 -46.93
CA ARG C 82 32.85 26.58 -46.85
C ARG C 82 33.36 26.53 -45.42
N CYS C 83 32.55 27.01 -44.49
CA CYS C 83 32.95 26.99 -43.08
C CYS C 83 31.74 27.02 -42.16
N VAL C 84 31.84 26.31 -41.05
CA VAL C 84 30.79 26.24 -40.05
C VAL C 84 31.38 26.41 -38.66
N TRP C 85 30.65 27.11 -37.79
CA TRP C 85 31.08 27.31 -36.42
C TRP C 85 30.18 26.54 -35.46
N VAL C 86 30.75 25.68 -34.63
CA VAL C 86 29.97 24.91 -33.67
C VAL C 86 30.40 25.23 -32.22
N GLY C 87 29.44 25.59 -31.39
CA GLY C 87 29.73 25.82 -29.98
C GLY C 87 30.26 24.55 -29.35
N GLN C 88 31.14 24.69 -28.37
CA GLN C 88 31.78 23.54 -27.75
C GLN C 88 30.76 22.51 -27.26
N HIS C 89 31.01 21.24 -27.58
CA HIS C 89 30.12 20.13 -27.20
C HIS C 89 28.79 20.19 -27.94
N GLY C 90 28.58 21.23 -28.76
CA GLY C 90 27.30 21.44 -29.41
C GLY C 90 26.37 22.33 -28.59
N LEU C 91 26.79 22.67 -27.38
CA LEU C 91 26.01 23.52 -26.49
C LEU C 91 26.26 24.97 -26.82
N LEU C 92 25.20 25.77 -26.80
CA LEU C 92 25.31 27.18 -27.14
C LEU C 92 23.98 27.90 -26.91
N SER C 93 23.96 28.82 -25.95
CA SER C 93 22.74 29.56 -25.59
C SER C 93 22.30 30.48 -26.71
N THR C 94 21.00 30.66 -26.85
CA THR C 94 20.45 31.43 -27.96
C THR C 94 20.97 32.86 -27.99
N PRO C 95 20.94 33.57 -26.84
CA PRO C 95 21.54 34.91 -26.86
C PRO C 95 23.00 34.91 -27.29
N ALA C 96 23.74 33.88 -26.91
CA ALA C 96 25.14 33.78 -27.30
C ALA C 96 25.30 33.46 -28.78
N VAL C 97 24.28 32.87 -29.40
CA VAL C 97 24.29 32.72 -30.85
C VAL C 97 24.41 34.10 -31.45
N SER C 98 23.46 34.94 -31.08
CA SER C 98 23.27 36.24 -31.70
C SER C 98 24.49 37.14 -31.57
N THR C 99 25.31 36.91 -30.55
CA THR C 99 26.57 37.64 -30.41
C THR C 99 27.56 37.12 -31.43
N MET C 100 27.72 35.81 -31.47
CA MET C 100 28.75 35.17 -32.27
C MET C 100 28.53 35.33 -33.77
N VAL C 101 27.26 35.32 -34.20
CA VAL C 101 26.94 35.37 -35.62
C VAL C 101 27.36 36.68 -36.24
N ARG C 102 27.11 37.77 -35.52
CA ARG C 102 27.26 39.11 -36.09
C ARG C 102 28.50 39.84 -35.59
N ARG C 103 29.12 39.38 -34.51
CA ARG C 103 30.26 40.09 -33.92
C ARG C 103 31.45 39.20 -33.59
N ARG C 104 31.60 38.08 -34.29
CA ARG C 104 32.79 37.26 -34.15
C ARG C 104 33.78 37.67 -35.23
N ARG C 105 35.06 37.73 -34.85
CA ARG C 105 36.09 38.29 -35.71
C ARG C 105 37.26 37.34 -35.98
N ASP C 106 37.26 36.75 -37.17
CA ASP C 106 38.45 36.11 -37.72
C ASP C 106 38.52 36.33 -39.23
N ALA C 107 39.73 36.50 -39.74
CA ALA C 107 39.92 36.88 -41.14
C ALA C 107 39.81 35.68 -42.05
N ASP C 108 39.83 34.49 -41.46
CA ASP C 108 39.70 33.25 -42.22
C ASP C 108 38.33 32.62 -41.97
N GLY C 109 37.66 33.09 -40.93
CA GLY C 109 36.31 32.65 -40.63
C GLY C 109 35.29 33.69 -41.06
N ARG C 110 35.55 34.95 -40.74
CA ARG C 110 34.66 36.08 -41.05
C ARG C 110 33.32 35.98 -40.32
N LYS C 111 32.72 37.13 -40.01
CA LYS C 111 31.39 37.19 -39.41
C LYS C 111 30.38 36.36 -40.21
N ALA C 112 29.52 35.62 -39.53
CA ALA C 112 28.57 34.74 -40.19
C ALA C 112 27.34 35.48 -40.70
N THR C 113 26.63 34.85 -41.62
CA THR C 113 25.45 35.44 -42.24
C THR C 113 24.18 34.68 -41.89
N GLY C 114 24.34 33.64 -41.06
CA GLY C 114 23.21 32.83 -40.67
C GLY C 114 23.58 31.84 -39.58
N ALA C 115 22.56 31.25 -38.95
CA ALA C 115 22.77 30.30 -37.88
C ALA C 115 21.57 29.40 -37.65
N PHE C 116 21.84 28.15 -37.29
CA PHE C 116 20.83 27.20 -36.87
C PHE C 116 20.86 27.05 -35.36
N ILE C 117 19.76 27.39 -34.70
CA ILE C 117 19.68 27.29 -33.25
C ILE C 117 18.80 26.12 -32.84
N LEU C 118 19.42 25.09 -32.27
CA LEU C 118 18.73 23.88 -31.88
C LEU C 118 17.98 24.07 -30.56
N THR C 119 16.81 24.70 -30.61
CA THR C 119 15.97 24.82 -29.43
C THR C 119 14.52 25.08 -29.80
N ALA C 120 13.61 24.68 -28.91
CA ALA C 120 12.21 25.06 -29.03
C ALA C 120 11.84 26.00 -27.89
N SER C 121 12.81 26.22 -26.99
CA SER C 121 12.67 27.15 -25.86
C SER C 121 11.47 26.83 -24.97
N HIS C 122 10.26 27.02 -25.52
CA HIS C 122 9.00 26.90 -24.77
C HIS C 122 8.26 25.59 -25.08
N ASN C 123 8.92 24.46 -24.84
CA ASN C 123 8.30 23.15 -25.04
C ASN C 123 8.95 22.08 -24.14
N PRO C 124 8.19 21.51 -23.17
CA PRO C 124 8.71 20.45 -22.32
C PRO C 124 8.53 19.05 -22.94
N GLY C 125 8.80 18.00 -22.19
CA GLY C 125 8.57 16.65 -22.67
C GLY C 125 9.45 15.59 -22.04
N GLY C 126 9.87 14.63 -22.87
CA GLY C 126 10.63 13.49 -22.42
C GLY C 126 11.28 12.78 -23.59
N PRO C 127 11.03 11.47 -23.74
CA PRO C 127 11.59 10.77 -24.90
C PRO C 127 10.87 11.14 -26.21
N ASP C 128 11.64 11.59 -27.21
CA ASP C 128 11.10 11.95 -28.52
C ASP C 128 10.01 13.02 -28.39
N ALA C 129 10.43 14.22 -27.97
CA ALA C 129 9.49 15.31 -27.73
C ALA C 129 9.79 16.49 -28.64
N ASP C 130 8.83 16.77 -29.53
CA ASP C 130 8.86 17.86 -30.51
C ASP C 130 10.23 18.48 -30.76
N PHE C 131 10.92 17.97 -31.79
CA PHE C 131 12.23 18.47 -32.15
C PHE C 131 12.13 19.96 -32.48
N GLY C 132 13.15 20.72 -32.06
CA GLY C 132 13.15 22.16 -32.19
C GLY C 132 14.37 22.69 -32.93
N ILE C 133 14.14 23.19 -34.14
CA ILE C 133 15.19 23.86 -34.90
C ILE C 133 14.70 25.25 -35.30
N LYS C 134 15.60 26.22 -35.19
CA LYS C 134 15.33 27.59 -35.57
C LYS C 134 16.46 28.07 -36.47
N TYR C 135 16.16 29.00 -37.37
CA TYR C 135 17.19 29.65 -38.14
C TYR C 135 17.25 31.13 -37.80
N ASN C 136 18.46 31.68 -37.87
CA ASN C 136 18.65 33.12 -37.67
C ASN C 136 19.42 33.68 -38.86
N SER C 137 18.98 34.82 -39.35
CA SER C 137 19.58 35.42 -40.53
C SER C 137 20.75 36.29 -40.13
N GLU C 138 21.33 36.98 -41.10
CA GLU C 138 22.60 37.69 -40.93
C GLU C 138 22.61 38.74 -39.81
N ASN C 139 21.44 39.28 -39.44
CA ASN C 139 21.38 40.27 -38.38
C ASN C 139 21.48 39.64 -37.00
N GLY C 140 21.68 38.32 -36.98
CA GLY C 140 21.81 37.58 -35.74
C GLY C 140 20.48 37.26 -35.09
N GLY C 141 19.41 37.87 -35.60
CA GLY C 141 18.10 37.65 -35.05
C GLY C 141 17.36 36.52 -35.74
N PRO C 142 16.21 36.13 -35.20
CA PRO C 142 15.37 35.13 -35.87
C PRO C 142 15.00 35.54 -37.28
N ALA C 143 14.78 34.56 -38.15
CA ALA C 143 14.47 34.84 -39.55
C ALA C 143 13.12 35.55 -39.66
N PRO C 144 13.02 36.52 -40.58
CA PRO C 144 11.73 37.19 -40.84
C PRO C 144 10.63 36.23 -41.27
N GLU C 145 9.43 36.76 -41.53
CA GLU C 145 8.28 35.94 -41.83
C GLU C 145 8.36 35.28 -43.20
N LYS C 146 8.95 35.99 -44.17
CA LYS C 146 9.07 35.46 -45.53
C LYS C 146 9.86 34.16 -45.51
N LEU C 147 11.04 34.21 -44.89
CA LEU C 147 11.91 33.05 -44.78
C LEU C 147 11.18 31.89 -44.11
N THR C 148 10.68 32.14 -42.91
CA THR C 148 10.03 31.10 -42.11
C THR C 148 8.93 30.38 -42.87
N SER C 149 8.14 31.14 -43.63
CA SER C 149 7.06 30.57 -44.43
C SER C 149 7.66 29.72 -45.54
N GLN C 150 8.77 30.18 -46.08
CA GLN C 150 9.46 29.43 -47.12
C GLN C 150 10.06 28.15 -46.55
N ILE C 151 10.46 28.18 -45.28
CA ILE C 151 11.02 26.99 -44.65
C ILE C 151 10.00 25.86 -44.61
N TYR C 152 8.84 26.15 -44.02
CA TYR C 152 7.77 25.18 -43.93
C TYR C 152 7.34 24.71 -45.30
N GLU C 153 7.24 25.64 -46.24
CA GLU C 153 6.88 25.32 -47.62
C GLU C 153 7.84 24.28 -48.18
N GLU C 154 9.13 24.59 -48.14
CA GLU C 154 10.15 23.71 -48.72
C GLU C 154 10.28 22.43 -47.90
N THR C 155 9.86 22.47 -46.65
CA THR C 155 9.84 21.28 -45.80
C THR C 155 8.76 20.32 -46.29
N VAL C 156 7.75 20.86 -46.95
CA VAL C 156 6.68 20.06 -47.54
C VAL C 156 7.06 19.58 -48.94
N LYS C 157 7.78 20.41 -49.69
CA LYS C 157 8.12 20.13 -51.08
C LYS C 157 9.32 19.19 -51.23
N ILE C 158 10.06 18.96 -50.14
CA ILE C 158 11.32 18.24 -50.24
C ILE C 158 11.11 16.75 -50.50
N THR C 159 11.87 16.22 -51.46
CA THR C 159 11.73 14.82 -51.85
C THR C 159 13.02 14.06 -51.57
N HIS C 160 14.12 14.80 -51.45
CA HIS C 160 15.42 14.20 -51.15
C HIS C 160 16.32 15.19 -50.40
N ILE C 161 17.34 14.67 -49.74
CA ILE C 161 18.25 15.47 -48.95
C ILE C 161 19.65 15.44 -49.56
N LYS C 162 20.35 16.56 -49.49
CA LYS C 162 21.74 16.64 -49.94
C LYS C 162 22.70 16.42 -48.77
N MET C 163 23.41 15.29 -48.78
CA MET C 163 24.24 14.88 -47.65
C MET C 163 25.72 15.00 -47.99
N ALA C 164 26.57 14.66 -47.03
CA ALA C 164 28.01 14.61 -47.25
C ALA C 164 28.60 13.38 -46.57
N PRO C 165 28.41 12.21 -47.20
CA PRO C 165 28.83 10.87 -46.72
C PRO C 165 30.27 10.75 -46.21
N THR C 166 31.21 11.43 -46.85
CA THR C 166 32.64 11.21 -46.58
C THR C 166 33.17 12.09 -45.45
N LEU C 167 32.34 13.03 -45.00
CA LEU C 167 32.71 13.91 -43.91
C LEU C 167 32.80 13.11 -42.61
N PRO C 168 33.93 13.20 -41.90
CA PRO C 168 34.07 12.43 -40.65
C PRO C 168 33.46 13.10 -39.44
N GLU C 169 32.77 12.30 -38.63
CA GLU C 169 32.20 12.75 -37.37
C GLU C 169 33.19 13.58 -36.56
N VAL C 170 33.02 14.90 -36.63
CA VAL C 170 33.94 15.86 -36.01
C VAL C 170 33.91 15.81 -34.49
N ASP C 171 35.03 16.20 -33.86
CA ASP C 171 35.13 16.33 -32.41
C ASP C 171 34.58 17.70 -31.99
N ILE C 172 33.39 17.70 -31.41
CA ILE C 172 32.71 18.95 -31.03
C ILE C 172 33.21 19.45 -29.67
N HIS C 173 34.06 18.65 -29.04
CA HIS C 173 34.43 18.85 -27.66
C HIS C 173 35.88 19.31 -27.48
N THR C 174 36.62 19.35 -28.59
CA THR C 174 37.97 19.91 -28.61
C THR C 174 37.99 21.14 -29.49
N LEU C 175 38.27 22.29 -28.88
CA LEU C 175 38.29 23.54 -29.61
C LEU C 175 39.35 23.52 -30.71
N GLY C 176 39.07 24.23 -31.79
CA GLY C 176 39.96 24.29 -32.93
C GLY C 176 39.20 24.23 -34.23
N THR C 177 39.89 24.50 -35.33
CA THR C 177 39.30 24.43 -36.66
C THR C 177 39.62 23.09 -37.32
N TYR C 178 38.69 22.61 -38.13
CA TYR C 178 38.86 21.35 -38.84
C TYR C 178 38.55 21.54 -40.32
N THR C 179 39.58 21.51 -41.14
CA THR C 179 39.41 21.54 -42.58
C THR C 179 39.54 20.12 -43.13
N PHE C 180 38.89 19.87 -44.25
CA PHE C 180 38.87 18.54 -44.84
C PHE C 180 39.25 18.58 -46.32
N ASP C 181 39.77 17.45 -46.79
CA ASP C 181 40.32 17.34 -48.12
C ASP C 181 40.16 15.90 -48.56
N ASP C 182 39.83 15.63 -49.84
CA ASP C 182 39.56 16.65 -50.84
C ASP C 182 38.18 17.23 -50.63
N TYR C 183 38.13 18.52 -50.34
CA TYR C 183 36.89 19.17 -49.97
C TYR C 183 36.98 20.68 -50.13
N ASN C 184 35.98 21.37 -49.59
CA ASN C 184 36.05 22.81 -49.44
C ASN C 184 35.23 23.21 -48.24
N PHE C 185 35.32 22.39 -47.19
CA PHE C 185 34.52 22.58 -45.98
C PHE C 185 35.42 22.75 -44.76
N GLN C 186 34.92 23.46 -43.75
CA GLN C 186 35.72 23.76 -42.57
C GLN C 186 34.88 23.87 -41.31
N VAL C 187 35.15 23.02 -40.33
CA VAL C 187 34.42 23.05 -39.06
C VAL C 187 35.27 23.67 -37.95
N GLU C 188 34.76 24.76 -37.38
CA GLU C 188 35.47 25.46 -36.32
C GLU C 188 34.74 25.35 -35.00
N VAL C 189 35.08 24.34 -34.21
CA VAL C 189 34.56 24.26 -32.88
C VAL C 189 35.05 25.49 -32.14
N VAL C 190 34.11 26.31 -31.70
CA VAL C 190 34.43 27.59 -31.08
C VAL C 190 34.05 27.51 -29.61
N ASP C 191 34.83 28.18 -28.77
CA ASP C 191 34.49 28.31 -27.36
C ASP C 191 33.15 28.99 -27.23
N SER C 192 32.18 28.23 -26.79
CA SER C 192 30.79 28.64 -26.85
C SER C 192 30.46 29.76 -25.86
N LEU C 193 31.45 30.15 -25.07
CA LEU C 193 31.19 30.94 -23.89
C LEU C 193 31.94 32.26 -23.84
N ALA C 194 33.26 32.19 -24.03
CA ALA C 194 34.16 33.30 -23.79
C ALA C 194 33.67 34.63 -24.36
N ASP C 195 33.15 34.59 -25.57
CA ASP C 195 32.74 35.79 -26.29
C ASP C 195 31.56 36.45 -25.57
N TYR C 196 30.63 35.62 -25.12
CA TYR C 196 29.44 36.11 -24.42
C TYR C 196 29.83 36.85 -23.14
N ALA C 197 30.67 36.21 -22.33
CA ALA C 197 31.06 36.74 -21.03
C ALA C 197 31.87 38.02 -21.20
N ALA C 198 32.61 38.11 -22.30
CA ALA C 198 33.39 39.30 -22.59
C ALA C 198 32.45 40.47 -22.81
N TYR C 199 31.40 40.23 -23.59
CA TYR C 199 30.42 41.28 -23.88
C TYR C 199 29.79 41.79 -22.59
N MET C 200 29.46 40.88 -21.68
CA MET C 200 28.79 41.29 -20.45
C MET C 200 29.67 42.16 -19.58
N GLN C 201 30.99 41.93 -19.62
CA GLN C 201 31.91 42.77 -18.90
C GLN C 201 31.97 44.13 -19.59
N GLU C 202 31.67 44.12 -20.89
CA GLU C 202 31.69 45.34 -21.69
C GLU C 202 30.37 46.10 -21.58
N VAL C 203 29.32 45.42 -21.12
CA VAL C 203 28.00 46.03 -21.01
C VAL C 203 27.80 46.60 -19.61
N PHE C 204 28.31 45.90 -18.60
CA PHE C 204 28.09 46.29 -17.20
C PHE C 204 29.40 46.60 -16.49
N ASP C 205 29.29 47.36 -15.40
CA ASP C 205 30.42 47.67 -14.54
C ASP C 205 30.64 46.54 -13.56
N PHE C 206 31.38 45.53 -13.99
CA PHE C 206 31.57 44.31 -13.21
C PHE C 206 32.10 44.59 -11.81
N GLU C 207 32.91 45.63 -11.66
CA GLU C 207 33.44 45.96 -10.34
C GLU C 207 32.29 46.28 -9.40
N ALA C 208 31.30 47.01 -9.89
CA ALA C 208 30.14 47.39 -9.09
C ALA C 208 29.34 46.16 -8.72
N ILE C 209 29.16 45.28 -9.70
CA ILE C 209 28.41 44.05 -9.49
C ILE C 209 29.17 43.15 -8.54
N ARG C 210 30.49 43.14 -8.69
CA ARG C 210 31.36 42.33 -7.84
C ARG C 210 31.28 42.81 -6.40
N ALA C 211 31.21 44.13 -6.23
CA ALA C 211 31.10 44.73 -4.91
C ALA C 211 29.83 44.27 -4.21
N LEU C 212 28.81 43.97 -5.00
CA LEU C 212 27.55 43.51 -4.45
C LEU C 212 27.69 42.08 -3.92
N VAL C 213 28.30 41.21 -4.72
CA VAL C 213 28.41 39.80 -4.36
C VAL C 213 29.39 39.64 -3.21
N GLN C 214 30.49 40.38 -3.27
CA GLN C 214 31.53 40.29 -2.26
C GLN C 214 30.99 40.70 -0.90
N ARG C 215 29.95 41.52 -0.90
CA ARG C 215 29.33 41.95 0.35
C ARG C 215 28.80 40.75 1.11
N LEU C 216 28.67 40.91 2.42
CA LEU C 216 28.22 39.82 3.30
C LEU C 216 26.73 39.91 3.61
N ASP C 217 26.07 40.97 3.13
CA ASP C 217 24.65 41.14 3.30
C ASP C 217 23.95 40.97 1.96
N PHE C 218 24.53 40.16 1.08
CA PHE C 218 23.90 39.86 -0.20
C PHE C 218 24.15 38.42 -0.64
N LYS C 219 23.14 37.60 -0.45
CA LYS C 219 23.17 36.21 -0.87
C LYS C 219 22.38 36.06 -2.17
N VAL C 220 23.01 35.45 -3.16
CA VAL C 220 22.43 35.30 -4.48
C VAL C 220 21.95 33.86 -4.66
N HIS C 221 21.22 33.59 -5.73
CA HIS C 221 20.80 32.22 -6.03
C HIS C 221 20.41 32.05 -7.50
N VAL C 222 21.28 31.40 -8.27
CA VAL C 222 21.04 31.20 -9.70
C VAL C 222 20.66 29.76 -9.99
N ASP C 223 19.60 29.60 -10.80
CA ASP C 223 19.17 28.28 -11.24
C ASP C 223 19.16 28.32 -12.77
N SER C 224 19.27 27.16 -13.40
CA SER C 224 19.24 27.09 -14.85
C SER C 224 18.50 25.85 -15.35
N LEU C 225 17.87 25.16 -14.41
CA LEU C 225 17.04 24.00 -14.71
C LEU C 225 17.81 23.00 -15.59
N HIS C 226 19.09 22.87 -15.28
CA HIS C 226 20.01 22.01 -16.03
C HIS C 226 19.96 22.35 -17.51
N GLY C 227 19.80 23.64 -17.80
CA GLY C 227 19.69 24.13 -19.15
C GLY C 227 21.00 24.67 -19.67
N VAL C 228 20.99 25.10 -20.92
CA VAL C 228 22.20 25.58 -21.57
C VAL C 228 22.66 26.88 -20.95
N SER C 229 21.87 27.39 -20.01
CA SER C 229 22.28 28.55 -19.25
C SER C 229 23.21 28.16 -18.10
N GLY C 230 23.47 26.87 -17.96
CA GLY C 230 24.32 26.38 -16.88
C GLY C 230 25.74 26.87 -16.99
N PRO C 231 26.45 26.48 -18.05
CA PRO C 231 27.87 26.81 -18.20
C PRO C 231 28.14 28.31 -18.19
N TYR C 232 27.17 29.10 -18.64
CA TYR C 232 27.40 30.54 -18.73
C TYR C 232 27.44 31.20 -17.35
N VAL C 233 26.59 30.75 -16.43
CA VAL C 233 26.58 31.34 -15.10
C VAL C 233 27.80 30.87 -14.33
N ASP C 234 28.35 29.72 -14.71
CA ASP C 234 29.60 29.28 -14.09
C ASP C 234 30.67 30.32 -14.37
N ARG C 235 30.90 30.66 -15.62
CA ARG C 235 32.02 31.52 -15.97
C ARG C 235 31.78 32.97 -15.59
N ILE C 236 30.52 33.39 -15.64
CA ILE C 236 30.19 34.78 -15.38
C ILE C 236 30.05 35.02 -13.89
N PHE C 237 29.11 34.33 -13.25
CA PHE C 237 28.84 34.60 -11.84
C PHE C 237 30.00 34.16 -10.94
N HIS C 238 30.49 32.94 -11.12
CA HIS C 238 31.56 32.45 -10.25
C HIS C 238 32.90 33.07 -10.64
N GLU C 239 33.46 32.61 -11.75
CA GLU C 239 34.79 33.03 -12.17
C GLU C 239 34.85 34.52 -12.46
N GLY C 240 33.76 35.06 -13.02
CA GLY C 240 33.71 36.45 -13.41
C GLY C 240 33.37 37.40 -12.28
N LEU C 241 32.21 37.20 -11.67
CA LEU C 241 31.78 38.08 -10.59
C LEU C 241 32.38 37.64 -9.28
N GLY C 242 32.05 36.42 -8.85
CA GLY C 242 32.60 35.87 -7.63
C GLY C 242 31.60 35.20 -6.73
N VAL C 243 30.44 34.82 -7.27
CA VAL C 243 29.44 34.16 -6.45
C VAL C 243 29.95 32.75 -6.12
N PRO C 244 29.75 32.29 -4.87
CA PRO C 244 30.16 30.92 -4.54
C PRO C 244 29.31 29.88 -5.25
N LYS C 245 29.85 28.69 -5.47
CA LYS C 245 29.11 27.64 -6.14
C LYS C 245 27.97 27.08 -5.28
N THR C 246 27.92 27.49 -4.02
CA THR C 246 26.85 27.09 -3.12
C THR C 246 25.58 27.87 -3.46
N SER C 247 25.76 28.94 -4.22
CA SER C 247 24.64 29.78 -4.67
C SER C 247 24.16 29.31 -6.04
N LEU C 248 25.09 28.84 -6.87
CA LEU C 248 24.76 28.36 -8.21
C LEU C 248 24.31 26.91 -8.17
N PHE C 249 23.06 26.66 -8.55
CA PHE C 249 22.52 25.31 -8.55
C PHE C 249 22.13 24.85 -9.95
N ARG C 250 22.18 23.54 -10.18
CA ARG C 250 21.77 22.94 -11.44
C ARG C 250 22.52 23.51 -12.62
N THR C 251 23.75 23.95 -12.41
CA THR C 251 24.52 24.57 -13.48
C THR C 251 25.03 23.57 -14.53
N ASN C 252 24.56 22.33 -14.44
CA ASN C 252 24.96 21.26 -15.35
C ASN C 252 23.92 20.99 -16.42
N VAL C 253 24.32 21.08 -17.68
CA VAL C 253 23.42 20.80 -18.80
C VAL C 253 23.09 19.32 -18.85
N LEU C 254 21.80 18.99 -18.86
CA LEU C 254 21.37 17.60 -18.92
C LEU C 254 20.27 17.33 -19.96
N PRO C 255 20.31 16.14 -20.60
CA PRO C 255 19.23 15.72 -21.50
C PRO C 255 17.91 15.39 -20.80
N ASP C 256 16.85 16.06 -21.22
CA ASP C 256 15.51 15.83 -20.69
C ASP C 256 14.97 14.45 -21.02
N PHE C 257 14.75 13.61 -20.01
CA PHE C 257 14.25 12.26 -20.25
C PHE C 257 13.10 11.86 -19.33
N GLY C 258 12.76 12.70 -18.35
CA GLY C 258 11.58 12.47 -17.55
C GLY C 258 11.60 12.93 -16.10
N GLY C 259 11.87 14.22 -15.89
CA GLY C 259 11.82 14.79 -14.55
C GLY C 259 12.82 15.92 -14.33
N CYS C 260 12.86 16.89 -15.23
CA CYS C 260 13.76 18.04 -15.07
C CYS C 260 13.12 19.35 -15.56
N HIS C 261 12.63 19.33 -16.80
CA HIS C 261 11.81 20.40 -17.41
C HIS C 261 12.24 21.88 -17.21
N PRO C 262 12.47 22.62 -18.31
CA PRO C 262 13.04 23.97 -18.21
C PRO C 262 12.06 25.09 -18.55
N ASP C 263 11.20 25.47 -17.61
CA ASP C 263 10.32 26.62 -17.84
C ASP C 263 10.17 27.54 -16.63
N PRO C 264 10.56 28.81 -16.77
CA PRO C 264 10.49 29.76 -15.65
C PRO C 264 9.18 30.52 -15.58
N ASN C 265 8.30 30.10 -14.68
CA ASN C 265 7.10 30.89 -14.39
C ASN C 265 6.40 30.38 -13.14
N LEU C 266 5.67 31.28 -12.46
CA LEU C 266 4.96 30.97 -11.22
C LEU C 266 3.87 29.92 -11.44
N THR C 267 4.11 28.66 -11.06
CA THR C 267 5.35 28.19 -10.48
C THR C 267 5.70 26.84 -11.07
N TYR C 268 5.81 26.78 -12.39
CA TYR C 268 6.37 25.62 -13.04
C TYR C 268 7.81 25.46 -12.55
N ALA C 269 8.36 26.57 -12.05
CA ALA C 269 9.62 26.57 -11.34
C ALA C 269 9.35 26.78 -9.85
N ALA C 270 8.40 26.03 -9.32
CA ALA C 270 8.05 26.11 -7.92
C ALA C 270 9.28 25.93 -7.04
N ASP C 271 10.31 25.29 -7.58
CA ASP C 271 11.52 25.04 -6.83
C ASP C 271 12.22 26.35 -6.49
N LEU C 272 12.50 27.17 -7.50
CA LEU C 272 13.12 28.47 -7.26
C LEU C 272 12.20 29.34 -6.41
N VAL C 273 10.91 29.27 -6.70
CA VAL C 273 9.93 30.10 -6.02
C VAL C 273 9.90 29.78 -4.54
N HIS C 274 9.92 28.48 -4.23
CA HIS C 274 10.00 28.02 -2.85
C HIS C 274 11.26 28.55 -2.20
N VAL C 275 12.37 28.45 -2.91
CA VAL C 275 13.67 28.89 -2.41
C VAL C 275 13.61 30.34 -1.93
N MET C 276 12.91 31.18 -2.67
CA MET C 276 12.83 32.61 -2.34
C MET C 276 11.67 32.87 -1.39
N GLY C 277 11.10 31.80 -0.86
CA GLY C 277 10.08 31.90 0.15
C GLY C 277 8.77 32.41 -0.42
N LEU C 278 8.18 31.66 -1.34
CA LEU C 278 6.90 32.03 -1.92
C LEU C 278 6.04 30.79 -2.23
N LEU C 279 4.84 31.03 -2.74
CA LEU C 279 3.86 29.97 -2.97
C LEU C 279 3.78 29.56 -4.44
N PRO C 280 2.85 28.65 -4.80
CA PRO C 280 2.71 28.21 -6.20
C PRO C 280 2.05 29.08 -7.30
N ASP C 281 1.51 30.29 -7.13
CA ASP C 281 1.40 31.03 -5.89
C ASP C 281 0.05 31.74 -5.89
N GLY C 282 -0.29 32.35 -4.77
CA GLY C 282 -1.48 33.16 -4.64
C GLY C 282 -1.29 34.06 -3.43
N ASN C 283 -0.48 35.09 -3.61
CA ASN C 283 0.17 35.81 -2.50
C ASN C 283 1.24 34.87 -1.99
N ALA C 284 2.11 35.36 -1.11
CA ALA C 284 3.23 34.52 -0.68
C ALA C 284 3.67 34.83 0.74
N ASN C 285 3.40 33.89 1.64
CA ASN C 285 3.73 34.08 3.05
C ASN C 285 5.04 33.36 3.42
N PRO C 286 5.12 32.03 3.24
CA PRO C 286 4.12 30.99 2.99
C PRO C 286 3.32 30.45 4.20
N ALA C 287 3.79 30.37 5.45
CA ALA C 287 5.09 30.87 5.94
C ALA C 287 6.06 29.74 6.20
N MET C 288 7.34 30.09 6.19
CA MET C 288 8.40 29.17 6.55
C MET C 288 8.40 29.07 8.08
N LYS C 289 8.14 30.21 8.71
CA LYS C 289 7.99 30.33 10.16
C LYS C 289 7.61 31.79 10.45
N HIS C 290 8.63 32.63 10.61
CA HIS C 290 8.44 34.07 10.70
C HIS C 290 9.66 34.78 10.13
N ILE C 291 10.83 34.21 10.41
CA ILE C 291 12.08 34.73 9.89
C ILE C 291 13.04 33.56 9.63
N SER C 292 13.14 33.18 8.37
CA SER C 292 14.03 32.08 7.97
C SER C 292 15.28 32.67 7.33
N THR C 293 15.97 31.85 6.53
CA THR C 293 17.18 32.27 5.84
C THR C 293 17.03 32.00 4.35
N VAL C 294 16.61 33.04 3.62
CA VAL C 294 16.36 32.94 2.18
C VAL C 294 17.16 33.99 1.43
N PRO C 295 17.71 33.63 0.25
CA PRO C 295 18.51 34.55 -0.56
C PRO C 295 17.89 35.95 -0.69
N SER C 296 18.72 36.96 -0.89
CA SER C 296 18.25 38.31 -1.08
C SER C 296 18.00 38.62 -2.55
N PHE C 297 18.35 37.68 -3.42
CA PHE C 297 18.21 37.86 -4.86
C PHE C 297 18.41 36.54 -5.58
N GLY C 298 17.50 36.20 -6.49
CA GLY C 298 17.57 34.91 -7.14
C GLY C 298 16.95 34.90 -8.52
N VAL C 299 17.60 34.18 -9.43
CA VAL C 299 17.21 34.19 -10.83
C VAL C 299 17.23 32.78 -11.41
N ALA C 300 16.24 32.48 -12.25
CA ALA C 300 16.27 31.27 -13.06
C ALA C 300 16.24 31.62 -14.54
N PHE C 301 16.57 30.65 -15.38
CA PHE C 301 16.58 30.83 -16.82
C PHE C 301 15.83 29.69 -17.47
N ASP C 302 15.27 29.93 -18.64
CA ASP C 302 14.55 28.88 -19.36
C ASP C 302 15.55 28.01 -20.10
N GLY C 303 15.05 27.23 -21.06
CA GLY C 303 15.87 26.24 -21.74
C GLY C 303 17.02 26.83 -22.52
N ASP C 304 16.80 27.98 -23.16
CA ASP C 304 17.78 28.55 -24.07
C ASP C 304 18.29 29.91 -23.61
N ALA C 305 18.01 30.24 -22.36
CA ALA C 305 18.56 31.43 -21.71
C ALA C 305 18.05 32.73 -22.32
N ASP C 306 16.96 32.68 -23.08
CA ASP C 306 16.40 33.89 -23.66
C ASP C 306 15.33 34.50 -22.76
N ARG C 307 15.00 33.79 -21.68
CA ARG C 307 14.02 34.28 -20.72
C ARG C 307 14.65 34.34 -19.34
N ASN C 308 14.01 35.06 -18.43
CA ASN C 308 14.51 35.18 -17.06
C ASN C 308 13.37 35.31 -16.04
N MET C 309 13.61 34.79 -14.85
CA MET C 309 12.70 34.96 -13.73
C MET C 309 13.46 35.54 -12.56
N ILE C 310 13.08 36.75 -12.15
CA ILE C 310 13.85 37.50 -11.16
C ILE C 310 13.01 37.80 -9.94
N LEU C 311 13.54 37.42 -8.78
CA LEU C 311 12.87 37.62 -7.50
C LEU C 311 13.80 38.25 -6.48
N GLY C 312 13.20 38.95 -5.51
CA GLY C 312 13.92 39.46 -4.36
C GLY C 312 13.57 38.59 -3.16
N CYS C 313 14.14 38.90 -2.00
CA CYS C 313 13.80 38.17 -0.78
C CYS C 313 12.30 38.29 -0.51
N ARG C 314 11.59 37.17 -0.60
CA ARG C 314 10.16 37.12 -0.29
C ARG C 314 9.32 37.98 -1.24
N PHE C 315 9.94 38.46 -2.32
CA PHE C 315 9.32 39.38 -3.25
C PHE C 315 9.35 38.81 -4.66
N PHE C 316 8.25 38.97 -5.40
CA PHE C 316 8.18 38.52 -6.79
C PHE C 316 8.01 39.68 -7.77
N VAL C 317 8.87 39.69 -8.78
CA VAL C 317 8.90 40.75 -9.77
C VAL C 317 8.23 40.31 -11.06
N ASN C 318 7.17 41.02 -11.45
CA ASN C 318 6.55 40.78 -12.74
C ASN C 318 7.49 41.21 -13.86
N PRO C 319 7.55 40.40 -14.94
CA PRO C 319 8.44 40.73 -16.06
C PRO C 319 8.18 42.13 -16.57
N SER C 320 6.93 42.52 -16.47
CA SER C 320 6.53 43.85 -16.84
C SER C 320 7.20 44.86 -15.93
N ASP C 321 6.98 44.73 -14.63
CA ASP C 321 7.54 45.66 -13.67
C ASP C 321 9.05 45.67 -13.71
N SER C 322 9.64 44.52 -14.02
CA SER C 322 11.08 44.42 -14.14
C SER C 322 11.58 45.35 -15.24
N LEU C 323 10.94 45.25 -16.40
CA LEU C 323 11.31 46.04 -17.56
C LEU C 323 11.28 47.53 -17.25
N ALA C 324 10.22 47.96 -16.58
CA ALA C 324 10.03 49.37 -16.27
C ALA C 324 11.14 49.89 -15.36
N VAL C 325 11.42 49.16 -14.30
CA VAL C 325 12.40 49.60 -13.30
C VAL C 325 13.82 49.52 -13.86
N LEU C 326 14.09 48.50 -14.66
CA LEU C 326 15.39 48.40 -15.30
C LEU C 326 15.55 49.51 -16.32
N ALA C 327 14.45 49.87 -16.96
CA ALA C 327 14.46 50.96 -17.93
C ALA C 327 14.66 52.29 -17.22
N ALA C 328 14.08 52.42 -16.04
CA ALA C 328 14.20 53.64 -15.26
C ALA C 328 15.60 53.79 -14.66
N ASN C 329 16.12 52.69 -14.11
CA ASN C 329 17.45 52.68 -13.50
C ASN C 329 18.52 52.25 -14.50
N ALA C 330 18.37 52.69 -15.75
CA ALA C 330 19.26 52.31 -16.83
C ALA C 330 20.49 53.21 -16.87
N ASP C 331 20.60 54.12 -15.90
CA ASP C 331 21.75 54.98 -15.77
C ASP C 331 22.78 54.34 -14.84
N CYS C 332 22.40 53.22 -14.23
CA CYS C 332 23.33 52.43 -13.45
C CYS C 332 24.23 51.63 -14.39
N VAL C 333 23.75 51.41 -15.61
CA VAL C 333 24.42 50.54 -16.57
C VAL C 333 25.28 51.35 -17.55
N PRO C 334 26.56 50.96 -17.72
CA PRO C 334 27.48 51.64 -18.64
C PRO C 334 27.03 51.65 -20.09
N PHE C 335 26.41 50.56 -20.53
CA PHE C 335 26.03 50.38 -21.93
C PHE C 335 25.20 51.53 -22.49
N PHE C 336 24.32 52.09 -21.68
CA PHE C 336 23.38 53.09 -22.16
C PHE C 336 23.92 54.52 -22.12
N THR C 337 24.79 54.81 -21.16
CA THR C 337 25.29 56.18 -20.96
C THR C 337 26.76 56.31 -21.34
N GLN C 338 27.01 56.63 -22.61
CA GLN C 338 28.37 56.87 -23.10
C GLN C 338 28.33 57.25 -24.58
N SER C 339 29.27 58.10 -24.98
CA SER C 339 29.41 58.48 -26.40
C SER C 339 29.91 57.28 -27.22
N SER C 340 29.54 57.19 -28.50
CA SER C 340 28.92 58.26 -29.26
C SER C 340 27.40 58.10 -29.39
N SER C 341 26.77 57.56 -28.36
CA SER C 341 25.32 57.38 -28.34
C SER C 341 24.78 57.66 -26.94
N SER C 342 24.69 58.95 -26.61
CA SER C 342 24.35 59.37 -25.25
C SER C 342 22.94 58.94 -24.84
N GLY C 343 22.89 58.04 -23.87
CA GLY C 343 21.63 57.70 -23.22
C GLY C 343 20.76 56.73 -24.00
N LEU C 344 19.66 56.31 -23.37
CA LEU C 344 18.66 55.48 -24.03
C LEU C 344 17.77 56.38 -24.86
N LYS C 345 17.22 55.82 -25.95
CA LYS C 345 16.42 56.61 -26.87
C LYS C 345 15.01 56.03 -27.11
N ALA C 346 14.81 54.76 -26.78
CA ALA C 346 13.52 54.13 -27.03
C ALA C 346 13.27 52.90 -26.17
N VAL C 347 11.99 52.61 -25.92
CA VAL C 347 11.58 51.42 -25.21
C VAL C 347 10.41 50.75 -25.93
N ALA C 348 10.37 49.42 -25.91
CA ALA C 348 9.36 48.67 -26.63
C ALA C 348 8.87 47.48 -25.85
N ARG C 349 7.64 47.06 -26.10
CA ARG C 349 7.07 45.93 -25.39
C ARG C 349 5.95 45.27 -26.18
N SER C 350 5.79 43.97 -26.01
CA SER C 350 4.65 43.28 -26.58
C SER C 350 3.40 43.92 -26.02
N MET C 351 2.34 43.96 -26.81
CA MET C 351 1.12 44.65 -26.45
C MET C 351 0.60 44.24 -25.06
N PRO C 352 0.46 42.93 -24.80
CA PRO C 352 -0.16 42.53 -23.53
C PRO C 352 0.68 42.81 -22.29
N THR C 353 1.89 43.33 -22.45
CA THR C 353 2.73 43.64 -21.30
C THR C 353 2.14 44.80 -20.49
N SER C 354 2.51 44.91 -19.22
CA SER C 354 2.00 45.99 -18.37
C SER C 354 2.64 47.30 -18.78
N GLY C 355 1.89 48.39 -18.64
CA GLY C 355 2.35 49.69 -19.09
C GLY C 355 3.05 50.52 -18.04
N ALA C 356 3.70 49.88 -17.08
CA ALA C 356 4.52 50.63 -16.13
C ALA C 356 5.67 51.28 -16.87
N VAL C 357 6.03 50.68 -18.00
CA VAL C 357 7.11 51.20 -18.81
C VAL C 357 6.66 52.49 -19.46
N ASP C 358 5.39 52.54 -19.85
CA ASP C 358 4.81 53.75 -20.40
C ASP C 358 4.99 54.89 -19.40
N ARG C 359 4.73 54.60 -18.15
CA ARG C 359 4.80 55.59 -17.09
C ARG C 359 6.24 56.08 -16.97
N VAL C 360 7.18 55.20 -17.25
CA VAL C 360 8.60 55.54 -17.18
C VAL C 360 9.00 56.33 -18.41
N ALA C 361 8.32 56.09 -19.53
CA ALA C 361 8.66 56.74 -20.80
C ALA C 361 7.99 58.11 -20.92
N ALA C 362 7.10 58.41 -19.97
CA ALA C 362 6.36 59.68 -19.96
C ALA C 362 7.05 60.70 -19.07
N ALA C 363 7.52 60.25 -17.91
CA ALA C 363 8.24 61.13 -16.99
C ALA C 363 9.64 61.41 -17.52
N HIS C 364 10.03 60.64 -18.54
CA HIS C 364 11.31 60.87 -19.23
C HIS C 364 11.07 61.13 -20.71
N ASP C 365 12.12 61.54 -21.41
CA ASP C 365 12.02 61.87 -22.83
C ASP C 365 12.06 60.61 -23.70
N PHE C 366 12.21 59.46 -23.07
CA PHE C 366 12.31 58.20 -23.81
C PHE C 366 11.03 57.94 -24.60
N ALA C 367 11.21 57.61 -25.87
CA ALA C 367 10.10 57.21 -26.73
C ALA C 367 9.57 55.87 -26.25
N LEU C 368 8.32 55.57 -26.61
CA LEU C 368 7.67 54.35 -26.19
C LEU C 368 6.99 53.68 -27.38
N PHE C 369 6.84 52.36 -27.30
CA PHE C 369 6.18 51.59 -28.34
C PHE C 369 5.28 50.52 -27.74
N GLU C 370 4.11 50.33 -28.36
CA GLU C 370 3.24 49.23 -28.00
C GLU C 370 3.15 48.31 -29.21
N VAL C 371 4.01 47.29 -29.22
CA VAL C 371 4.21 46.44 -30.38
C VAL C 371 3.46 45.11 -30.24
N PRO C 372 2.99 44.53 -31.36
CA PRO C 372 2.27 43.26 -31.27
C PRO C 372 3.16 42.08 -30.95
N THR C 373 2.56 40.94 -30.68
CA THR C 373 3.31 39.73 -30.40
C THR C 373 4.17 39.37 -31.59
N GLY C 374 5.39 38.92 -31.31
CA GLY C 374 6.36 38.61 -32.35
C GLY C 374 7.61 39.42 -32.11
N TRP C 375 8.76 38.81 -32.29
CA TRP C 375 10.02 39.50 -32.05
C TRP C 375 10.36 40.40 -33.22
N LYS C 376 9.80 40.09 -34.38
CA LYS C 376 10.16 40.74 -35.64
C LYS C 376 9.98 42.24 -35.55
N PHE C 377 9.05 42.68 -34.72
CA PHE C 377 8.85 44.11 -34.50
C PHE C 377 10.09 44.69 -33.82
N PHE C 378 10.48 44.08 -32.70
CA PHE C 378 11.61 44.55 -31.90
C PHE C 378 12.87 44.62 -32.74
N GLY C 379 13.05 43.64 -33.62
CA GLY C 379 14.22 43.59 -34.46
C GLY C 379 14.29 44.77 -35.40
N ASN C 380 13.16 45.08 -36.02
CA ASN C 380 13.09 46.17 -36.99
C ASN C 380 13.33 47.53 -36.32
N LEU C 381 12.91 47.67 -35.07
CA LEU C 381 13.13 48.91 -34.33
C LEU C 381 14.62 49.13 -34.10
N MET C 382 15.33 48.06 -33.76
CA MET C 382 16.76 48.13 -33.52
C MET C 382 17.49 48.33 -34.84
N ASP C 383 16.88 47.85 -35.92
CA ASP C 383 17.48 47.89 -37.25
C ASP C 383 17.01 49.12 -38.04
N SER C 384 17.54 50.29 -37.67
CA SER C 384 17.41 51.51 -38.47
C SER C 384 18.80 51.94 -38.94
N LYS C 385 19.83 51.32 -38.37
CA LYS C 385 21.18 51.41 -38.91
C LYS C 385 21.29 50.46 -40.09
N ASP C 386 20.31 49.56 -40.20
CA ASP C 386 20.28 48.55 -41.25
C ASP C 386 19.21 48.88 -42.30
N LEU C 387 18.08 49.43 -41.84
CA LEU C 387 16.99 49.79 -42.75
C LEU C 387 16.98 51.30 -43.05
N TYR C 388 18.05 51.99 -42.65
CA TYR C 388 18.23 53.41 -42.95
C TYR C 388 17.09 54.24 -42.35
N GLY C 389 17.32 54.80 -41.16
CA GLY C 389 16.34 55.67 -40.55
C GLY C 389 16.22 56.97 -41.34
N GLY C 390 15.01 57.47 -41.59
CA GLY C 390 13.77 56.90 -41.08
C GLY C 390 13.80 56.93 -39.56
N LYS C 391 14.43 57.97 -39.04
CA LYS C 391 14.75 58.11 -37.62
C LYS C 391 15.88 57.13 -37.30
N ASP C 392 17.07 57.69 -37.10
CA ASP C 392 18.28 56.92 -36.80
C ASP C 392 18.07 55.90 -35.70
N PHE C 393 18.82 54.81 -35.78
CA PHE C 393 18.72 53.73 -34.79
C PHE C 393 19.01 54.23 -33.40
N ASN C 394 18.78 53.38 -32.40
CA ASN C 394 18.95 53.79 -31.02
C ASN C 394 19.07 52.60 -30.07
N PRO C 395 19.91 52.74 -29.02
CA PRO C 395 19.94 51.70 -28.00
C PRO C 395 18.61 51.61 -27.29
N LEU C 396 17.74 50.73 -27.76
CA LEU C 396 16.41 50.60 -27.21
C LEU C 396 16.30 49.37 -26.31
N LEU C 397 15.30 49.39 -25.44
CA LEU C 397 15.01 48.27 -24.57
C LEU C 397 13.75 47.56 -25.05
N CYS C 398 13.69 46.26 -24.83
CA CYS C 398 12.56 45.47 -25.27
C CYS C 398 12.15 44.49 -24.18
N GLY C 399 10.87 44.12 -24.16
CA GLY C 399 10.40 43.17 -23.16
C GLY C 399 9.05 42.55 -23.42
N GLU C 400 8.83 41.38 -22.84
CA GLU C 400 7.57 40.65 -22.99
C GLU C 400 7.03 40.24 -21.64
N GLU C 401 5.71 40.20 -21.52
CA GLU C 401 5.05 39.75 -20.31
C GLU C 401 5.42 38.31 -19.97
N SER C 402 5.88 37.56 -20.97
CA SER C 402 6.22 36.16 -20.79
C SER C 402 7.69 35.98 -20.41
N PHE C 403 8.12 36.73 -19.40
CA PHE C 403 9.47 36.60 -18.85
C PHE C 403 10.54 36.81 -19.90
N GLY C 404 10.37 37.84 -20.73
CA GLY C 404 11.32 38.14 -21.78
C GLY C 404 11.78 39.58 -21.67
N THR C 405 13.09 39.78 -21.72
CA THR C 405 13.68 41.11 -21.74
C THR C 405 14.94 41.11 -22.57
N GLY C 406 15.31 42.26 -23.11
CA GLY C 406 16.48 42.37 -23.96
C GLY C 406 16.82 43.80 -24.31
N SER C 407 17.85 43.97 -25.12
CA SER C 407 18.27 45.30 -25.56
C SER C 407 18.87 45.21 -26.94
N ASN C 408 19.56 46.27 -27.35
CA ASN C 408 20.14 46.32 -28.68
C ASN C 408 21.43 45.50 -28.79
N HIS C 409 22.05 45.21 -27.65
CA HIS C 409 23.35 44.53 -27.63
C HIS C 409 23.36 43.27 -28.48
N ILE C 410 22.18 42.66 -28.64
CA ILE C 410 21.97 41.57 -29.58
C ILE C 410 20.58 41.68 -30.19
N ARG C 411 20.23 40.72 -31.05
CA ARG C 411 18.92 40.65 -31.67
C ARG C 411 18.19 39.40 -31.23
N GLU C 412 17.99 39.31 -29.91
CA GLU C 412 17.31 38.19 -29.30
C GLU C 412 17.12 38.47 -27.83
N LYS C 413 16.01 38.02 -27.28
CA LYS C 413 15.75 38.21 -25.87
C LYS C 413 16.83 37.51 -25.05
N ASP C 414 17.28 38.19 -23.99
CA ASP C 414 18.38 37.70 -23.17
C ASP C 414 17.99 37.68 -21.70
N GLY C 415 18.17 36.52 -21.07
CA GLY C 415 17.80 36.36 -19.68
C GLY C 415 18.95 36.70 -18.75
N ILE C 416 20.13 36.21 -19.10
CA ILE C 416 21.30 36.41 -18.26
C ILE C 416 21.62 37.90 -18.22
N TRP C 417 21.36 38.56 -19.35
CA TRP C 417 21.60 39.99 -19.46
C TRP C 417 20.81 40.72 -18.40
N ALA C 418 19.52 40.40 -18.32
CA ALA C 418 18.65 41.03 -17.34
C ALA C 418 19.18 40.78 -15.93
N SER C 419 19.74 39.61 -15.72
CA SER C 419 20.23 39.22 -14.41
C SER C 419 21.33 40.19 -13.98
N LEU C 420 22.31 40.38 -14.83
CA LEU C 420 23.39 41.30 -14.54
C LEU C 420 22.87 42.73 -14.48
N PHE C 421 21.78 42.99 -15.20
CA PHE C 421 21.18 44.32 -15.16
C PHE C 421 20.63 44.61 -13.77
N TRP C 422 19.81 43.69 -13.26
CA TRP C 422 19.23 43.87 -11.94
C TRP C 422 20.31 43.98 -10.88
N LEU C 423 21.35 43.18 -11.00
CA LEU C 423 22.46 43.25 -10.07
C LEU C 423 23.11 44.63 -10.19
N SER C 424 23.32 45.08 -11.42
CA SER C 424 23.98 46.36 -11.65
C SER C 424 23.20 47.50 -10.99
N VAL C 425 21.88 47.40 -11.01
CA VAL C 425 21.04 48.43 -10.40
C VAL C 425 21.13 48.37 -8.88
N ILE C 426 21.16 47.16 -8.34
CA ILE C 426 21.25 46.99 -6.90
C ILE C 426 22.67 47.34 -6.43
N ALA C 427 23.64 47.22 -7.32
CA ALA C 427 25.01 47.57 -7.00
C ALA C 427 25.17 49.09 -6.85
N LYS C 428 24.37 49.83 -7.60
CA LYS C 428 24.43 51.30 -7.57
C LYS C 428 23.62 51.86 -6.42
N ARG C 429 22.83 51.00 -5.78
CA ARG C 429 22.30 51.29 -4.46
C ARG C 429 23.34 50.82 -3.45
N ASN C 430 24.56 51.33 -3.61
CA ASN C 430 25.69 50.91 -2.80
C ASN C 430 25.40 51.04 -1.32
N ALA C 431 26.01 50.18 -0.53
CA ALA C 431 25.69 50.12 0.88
C ALA C 431 26.80 49.45 1.67
N PRO C 432 27.93 50.14 1.80
CA PRO C 432 29.08 49.71 2.60
C PRO C 432 28.74 49.24 4.03
N GLY C 433 27.97 49.97 4.85
CA GLY C 433 27.31 51.23 4.54
C GLY C 433 25.87 51.17 5.02
N THR C 434 24.93 51.47 4.13
CA THR C 434 23.52 51.39 4.51
C THR C 434 23.19 49.93 4.77
N PRO C 435 22.10 49.66 5.49
CA PRO C 435 21.82 48.28 5.89
C PRO C 435 21.29 47.37 4.79
N LEU C 436 20.17 47.72 4.16
CA LEU C 436 19.44 46.76 3.32
C LEU C 436 19.58 47.01 1.82
N VAL C 437 19.04 48.13 1.34
CA VAL C 437 18.88 48.42 -0.08
C VAL C 437 18.47 47.19 -0.91
N GLY C 438 17.45 46.48 -0.44
CA GLY C 438 17.03 45.24 -1.08
C GLY C 438 16.14 45.42 -2.30
N VAL C 439 15.88 44.32 -2.99
CA VAL C 439 15.04 44.36 -4.17
C VAL C 439 13.66 44.85 -3.79
N GLN C 440 13.04 44.21 -2.80
CA GLN C 440 11.71 44.57 -2.38
C GLN C 440 11.65 46.06 -2.08
N GLN C 441 12.70 46.57 -1.44
CA GLN C 441 12.76 47.99 -1.14
C GLN C 441 12.80 48.81 -2.42
N ILE C 442 13.71 48.46 -3.32
CA ILE C 442 13.90 49.21 -4.56
C ILE C 442 12.59 49.30 -5.34
N VAL C 443 11.97 48.16 -5.55
CA VAL C 443 10.74 48.10 -6.34
C VAL C 443 9.63 48.84 -5.62
N GLU C 444 9.56 48.68 -4.31
CA GLU C 444 8.49 49.32 -3.55
C GLU C 444 8.61 50.84 -3.63
N GLU C 445 9.82 51.34 -3.79
CA GLU C 445 10.03 52.77 -3.99
C GLU C 445 9.65 53.17 -5.41
N HIS C 446 9.88 52.26 -6.36
CA HIS C 446 9.52 52.50 -7.75
C HIS C 446 8.01 52.60 -7.90
N TRP C 447 7.29 51.84 -7.08
CA TRP C 447 5.83 51.89 -7.03
C TRP C 447 5.35 53.15 -6.33
N ALA C 448 6.23 53.72 -5.50
CA ALA C 448 5.90 54.93 -4.76
C ALA C 448 6.06 56.16 -5.63
N THR C 449 6.86 56.04 -6.68
CA THR C 449 7.18 57.17 -7.54
C THR C 449 6.26 57.23 -8.75
N TYR C 450 6.14 56.11 -9.45
CA TYR C 450 5.40 56.03 -10.69
C TYR C 450 4.02 55.43 -10.50
N GLY C 451 3.80 54.82 -9.34
CA GLY C 451 2.56 54.11 -9.09
C GLY C 451 2.70 52.69 -9.58
N ARG C 452 1.94 51.77 -9.00
CA ARG C 452 1.99 50.37 -9.39
C ARG C 452 0.94 50.08 -10.44
N ASN C 453 1.36 49.37 -11.48
CA ASN C 453 0.42 48.83 -12.45
C ASN C 453 0.16 47.35 -12.16
N TYR C 454 -0.88 47.12 -11.36
CA TYR C 454 -1.20 45.77 -10.89
C TYR C 454 -1.50 44.82 -12.03
N TYR C 455 -0.54 43.94 -12.30
CA TYR C 455 -0.60 43.09 -13.48
C TYR C 455 -0.94 41.63 -13.13
N SER C 456 -1.67 40.97 -14.03
CA SER C 456 -2.12 39.60 -13.84
C SER C 456 -2.68 39.09 -15.17
N ARG C 457 -2.77 37.77 -15.33
CA ARG C 457 -3.30 37.19 -16.56
C ARG C 457 -4.10 35.93 -16.23
N TYR C 458 -5.23 35.76 -16.90
CA TYR C 458 -6.07 34.60 -16.73
C TYR C 458 -6.05 33.76 -17.98
N ASP C 459 -5.92 32.44 -17.83
CA ASP C 459 -5.94 31.52 -18.96
C ASP C 459 -7.09 30.54 -18.85
N TYR C 460 -8.00 30.58 -19.83
CA TYR C 460 -9.11 29.64 -19.88
C TYR C 460 -8.83 28.62 -21.00
N GLU C 461 -8.30 27.46 -20.60
CA GLU C 461 -7.90 26.45 -21.55
C GLU C 461 -9.01 25.48 -21.93
N ASP C 462 -8.79 24.77 -23.03
CA ASP C 462 -9.70 23.73 -23.52
C ASP C 462 -11.14 24.20 -23.66
N VAL C 463 -11.32 25.40 -24.22
CA VAL C 463 -12.65 25.90 -24.54
C VAL C 463 -12.94 25.66 -26.01
N SER C 464 -14.21 25.58 -26.38
CA SER C 464 -14.60 25.45 -27.77
C SER C 464 -14.30 26.75 -28.51
N ALA C 465 -13.65 26.63 -29.66
CA ALA C 465 -13.25 27.80 -30.45
C ALA C 465 -14.44 28.69 -30.76
N GLU C 466 -15.62 28.08 -30.76
CA GLU C 466 -16.86 28.78 -30.98
C GLU C 466 -17.08 29.70 -29.79
N ALA C 467 -16.98 29.13 -28.60
CA ALA C 467 -17.13 29.88 -27.36
C ALA C 467 -15.98 30.86 -27.22
N ALA C 468 -14.81 30.47 -27.72
CA ALA C 468 -13.64 31.32 -27.64
C ALA C 468 -13.89 32.60 -28.42
N LYS C 469 -14.30 32.45 -29.67
CA LYS C 469 -14.58 33.61 -30.50
C LYS C 469 -15.81 34.33 -29.96
N ALA C 470 -16.79 33.56 -29.50
CA ALA C 470 -18.01 34.12 -28.94
C ALA C 470 -17.71 35.14 -27.87
N VAL C 471 -16.74 34.83 -27.02
CA VAL C 471 -16.32 35.78 -26.00
C VAL C 471 -15.56 36.92 -26.67
N MET C 472 -14.67 36.58 -27.59
CA MET C 472 -13.88 37.59 -28.27
C MET C 472 -14.78 38.57 -29.01
N ASP C 473 -15.79 38.03 -29.67
CA ASP C 473 -16.70 38.86 -30.45
C ASP C 473 -17.51 39.73 -29.51
N THR C 474 -18.08 39.14 -28.46
CA THR C 474 -19.01 39.88 -27.63
C THR C 474 -18.34 41.02 -26.88
N VAL C 475 -17.03 40.91 -26.66
CA VAL C 475 -16.30 42.01 -26.01
C VAL C 475 -16.01 43.09 -27.04
N GLU C 476 -15.77 42.67 -28.28
CA GLU C 476 -15.44 43.60 -29.36
C GLU C 476 -16.70 44.20 -29.96
N ASN C 477 -17.81 43.47 -29.90
CA ASN C 477 -19.05 43.91 -30.54
C ASN C 477 -20.01 44.61 -29.59
N THR C 478 -19.59 44.87 -28.35
CA THR C 478 -20.35 45.77 -27.49
C THR C 478 -19.40 46.30 -26.41
N VAL C 479 -18.80 47.50 -26.51
CA VAL C 479 -18.97 48.69 -27.40
C VAL C 479 -19.54 49.75 -26.47
N VAL C 480 -18.61 50.40 -25.77
CA VAL C 480 -18.85 51.52 -24.84
C VAL C 480 -20.34 51.77 -24.59
N ASP C 481 -21.05 50.71 -24.24
CA ASP C 481 -22.44 50.78 -23.83
C ASP C 481 -22.43 51.02 -22.32
N ASP C 482 -21.54 51.90 -21.89
CA ASP C 482 -21.24 52.12 -20.49
C ASP C 482 -20.87 50.83 -19.75
N VAL C 483 -19.57 50.52 -19.82
CA VAL C 483 -18.93 49.50 -18.99
C VAL C 483 -19.19 49.86 -17.52
N PRO C 484 -19.12 48.87 -16.61
CA PRO C 484 -19.31 49.21 -15.20
C PRO C 484 -18.39 50.30 -14.62
N ASN C 485 -18.37 50.39 -13.30
CA ASN C 485 -17.74 51.49 -12.57
C ASN C 485 -16.21 51.49 -12.65
N LEU C 486 -15.59 50.37 -12.29
CA LEU C 486 -14.14 50.29 -12.15
C LEU C 486 -13.66 51.40 -11.23
N ASN C 487 -14.45 51.67 -10.19
CA ASN C 487 -14.14 52.70 -9.20
C ASN C 487 -14.22 54.11 -9.80
N GLY C 488 -15.35 54.42 -10.40
CA GLY C 488 -15.63 55.76 -10.89
C GLY C 488 -14.94 56.13 -12.19
N VAL C 489 -14.32 55.15 -12.83
CA VAL C 489 -13.60 55.39 -14.08
C VAL C 489 -14.39 54.85 -15.27
N ALA C 490 -14.33 55.57 -16.38
CA ALA C 490 -15.04 55.17 -17.58
C ALA C 490 -14.08 54.58 -18.59
N CYS C 491 -14.58 53.70 -19.45
CA CYS C 491 -13.77 53.15 -20.52
C CYS C 491 -13.64 54.18 -21.63
N LYS C 492 -12.43 54.35 -22.14
CA LYS C 492 -12.13 55.40 -23.10
C LYS C 492 -11.96 54.86 -24.50
N THR C 493 -11.46 53.63 -24.62
CA THR C 493 -11.15 53.07 -25.93
C THR C 493 -11.32 51.55 -25.92
N ILE C 494 -12.22 51.09 -26.79
CA ILE C 494 -12.41 49.66 -27.03
C ILE C 494 -12.32 49.33 -28.51
N ASP C 495 -11.37 48.48 -28.85
CA ASP C 495 -11.10 48.10 -30.23
C ASP C 495 -10.41 46.76 -30.30
N ASN C 496 -9.94 46.40 -31.50
CA ASN C 496 -9.16 45.20 -31.70
C ASN C 496 -7.80 45.59 -32.25
N PHE C 497 -6.81 45.61 -31.36
CA PHE C 497 -5.50 46.18 -31.62
C PHE C 497 -4.98 45.92 -33.03
N SER C 498 -4.69 47.02 -33.73
CA SER C 498 -4.05 46.98 -35.05
C SER C 498 -2.84 47.89 -35.05
N TYR C 499 -1.75 47.40 -35.61
CA TYR C 499 -0.46 48.09 -35.54
C TYR C 499 0.21 48.16 -36.90
N THR C 500 0.76 49.33 -37.20
CA THR C 500 1.42 49.58 -38.47
C THR C 500 2.87 49.95 -38.24
N ASP C 501 3.79 49.04 -38.57
CA ASP C 501 5.19 49.22 -38.26
C ASP C 501 5.72 50.53 -38.85
N PRO C 502 6.30 51.39 -38.00
CA PRO C 502 6.78 52.69 -38.51
C PRO C 502 8.03 52.60 -39.38
N ILE C 503 8.69 51.44 -39.43
CA ILE C 503 9.97 51.31 -40.14
C ILE C 503 9.84 50.46 -41.42
N ASP C 504 9.33 49.24 -41.28
CA ASP C 504 9.27 48.32 -42.41
C ASP C 504 7.95 48.44 -43.15
N GLY C 505 6.95 48.99 -42.49
CA GLY C 505 5.66 49.21 -43.11
C GLY C 505 4.75 47.99 -43.03
N SER C 506 4.95 47.18 -41.99
CA SER C 506 4.11 46.01 -41.77
C SER C 506 2.78 46.40 -41.15
N VAL C 507 1.69 45.91 -41.75
CA VAL C 507 0.34 46.13 -41.24
C VAL C 507 -0.15 44.90 -40.51
N SER C 508 -0.65 45.10 -39.29
CA SER C 508 -1.16 44.01 -38.48
C SER C 508 -2.55 44.35 -37.96
N THR C 509 -3.45 43.38 -38.04
CA THR C 509 -4.85 43.59 -37.70
C THR C 509 -5.39 42.49 -36.81
N LYS C 510 -6.41 42.82 -36.03
CA LYS C 510 -7.09 41.86 -35.17
C LYS C 510 -6.06 41.15 -34.27
N GLN C 511 -5.39 41.95 -33.45
CA GLN C 511 -4.32 41.45 -32.59
C GLN C 511 -4.69 41.45 -31.10
N GLY C 512 -5.98 41.42 -30.81
CA GLY C 512 -6.44 41.29 -29.44
C GLY C 512 -7.47 42.33 -29.03
N VAL C 513 -8.63 41.86 -28.57
CA VAL C 513 -9.69 42.74 -28.16
C VAL C 513 -9.30 43.54 -26.92
N ARG C 514 -9.06 44.83 -27.10
CA ARG C 514 -8.63 45.67 -25.98
C ARG C 514 -9.79 46.38 -25.31
N VAL C 515 -9.63 46.72 -24.03
CA VAL C 515 -10.58 47.56 -23.33
C VAL C 515 -9.83 48.55 -22.45
N LEU C 516 -9.70 49.78 -22.93
CA LEU C 516 -8.92 50.79 -22.24
C LEU C 516 -9.81 51.70 -21.41
N PHE C 517 -9.31 52.06 -20.24
CA PHE C 517 -9.95 53.02 -19.37
C PHE C 517 -9.15 54.32 -19.40
N GLU C 518 -9.56 55.32 -18.63
CA GLU C 518 -8.98 56.65 -18.69
C GLU C 518 -7.70 56.77 -17.85
N ASP C 519 -7.69 56.11 -16.70
CA ASP C 519 -6.56 56.17 -15.78
C ASP C 519 -5.31 55.57 -16.40
N GLY C 520 -5.50 54.61 -17.31
CA GLY C 520 -4.42 53.84 -17.88
C GLY C 520 -4.67 52.36 -17.70
N SER C 521 -5.61 52.04 -16.80
CA SER C 521 -6.02 50.67 -16.57
C SER C 521 -6.68 50.10 -17.81
N ARG C 522 -6.79 48.78 -17.87
CA ARG C 522 -7.38 48.11 -19.02
C ARG C 522 -7.53 46.62 -18.77
N PHE C 523 -8.21 45.96 -19.69
CA PHE C 523 -8.18 44.50 -19.74
C PHE C 523 -8.35 44.06 -21.18
N VAL C 524 -7.57 43.06 -21.57
CA VAL C 524 -7.48 42.65 -22.96
C VAL C 524 -7.66 41.15 -23.11
N LEU C 525 -8.37 40.76 -24.16
CA LEU C 525 -8.60 39.36 -24.44
C LEU C 525 -7.92 38.97 -25.74
N ARG C 526 -6.81 38.24 -25.62
CA ARG C 526 -6.09 37.76 -26.77
C ARG C 526 -6.37 36.27 -26.88
N LEU C 527 -6.44 35.77 -28.11
CA LEU C 527 -6.84 34.40 -28.36
C LEU C 527 -5.70 33.60 -28.94
N SER C 528 -5.42 32.46 -28.33
CA SER C 528 -4.35 31.59 -28.77
C SER C 528 -4.74 30.15 -28.50
N GLY C 529 -5.02 29.39 -29.57
CA GLY C 529 -5.42 28.01 -29.44
C GLY C 529 -4.42 27.07 -30.09
N THR C 530 -4.21 25.91 -29.47
CA THR C 530 -3.29 24.91 -30.00
C THR C 530 -4.07 23.78 -30.68
N GLY C 531 -3.35 22.82 -31.23
CA GLY C 531 -3.91 21.74 -32.03
C GLY C 531 -5.20 21.11 -31.53
N SER C 532 -5.93 20.50 -32.46
CA SER C 532 -7.28 19.98 -32.22
C SER C 532 -8.22 21.13 -31.85
N SER C 533 -9.32 21.23 -32.58
CA SER C 533 -10.24 22.36 -32.42
C SER C 533 -10.64 22.53 -30.96
N GLY C 534 -9.70 23.06 -30.19
CA GLY C 534 -9.87 23.33 -28.78
C GLY C 534 -8.85 24.38 -28.45
N ALA C 535 -9.31 25.62 -28.32
CA ALA C 535 -8.42 26.75 -28.16
C ALA C 535 -8.33 27.22 -26.70
N THR C 536 -7.64 28.34 -26.49
CA THR C 536 -7.41 28.86 -25.14
C THR C 536 -7.60 30.37 -25.10
N ILE C 537 -8.46 30.82 -24.20
CA ILE C 537 -8.73 32.24 -24.01
C ILE C 537 -7.71 32.88 -23.07
N ARG C 538 -6.95 33.83 -23.58
CA ARG C 538 -6.00 34.59 -22.77
C ARG C 538 -6.57 35.94 -22.38
N LEU C 539 -6.92 36.08 -21.11
CA LEU C 539 -7.47 37.33 -20.56
C LEU C 539 -6.48 38.07 -19.67
N TYR C 540 -5.93 39.16 -20.19
CA TYR C 540 -4.93 39.93 -19.45
C TYR C 540 -5.62 41.01 -18.62
N LEU C 541 -5.16 41.20 -17.38
CA LEU C 541 -5.76 42.18 -16.48
C LEU C 541 -4.72 43.16 -15.96
N GLU C 542 -5.02 44.45 -16.03
CA GLU C 542 -4.12 45.49 -15.52
C GLU C 542 -4.90 46.63 -14.86
N GLN C 543 -4.68 46.82 -13.55
CA GLN C 543 -5.33 47.86 -12.77
C GLN C 543 -4.32 48.89 -12.30
N TYR C 544 -4.44 50.12 -12.79
CA TYR C 544 -3.54 51.17 -12.37
C TYR C 544 -3.92 51.64 -10.97
N MET C 545 -2.92 51.67 -10.08
CA MET C 545 -3.00 52.36 -8.81
C MET C 545 -1.80 53.30 -8.74
N ASP C 546 -2.04 54.55 -8.35
CA ASP C 546 -0.96 55.51 -8.19
C ASP C 546 -0.76 55.83 -6.72
N SER C 547 -0.01 56.89 -6.43
CA SER C 547 0.34 57.24 -5.06
C SER C 547 0.98 56.03 -4.39
N ALA C 548 0.17 55.20 -3.75
CA ALA C 548 0.64 53.99 -3.10
C ALA C 548 1.70 54.32 -2.06
N THR C 549 1.77 55.57 -1.66
CA THR C 549 2.65 56.00 -0.58
C THR C 549 1.84 56.12 0.69
N VAL C 550 0.53 55.96 0.55
CA VAL C 550 -0.36 55.88 1.69
C VAL C 550 -0.57 54.41 2.02
N LYS C 551 0.44 53.59 1.72
CA LYS C 551 0.35 52.15 1.88
C LYS C 551 1.60 51.49 1.31
N SER C 552 2.72 51.60 2.03
CA SER C 552 4.00 51.14 1.48
C SER C 552 4.96 50.60 2.55
N HIS C 553 5.61 49.47 2.23
CA HIS C 553 6.57 48.83 3.12
C HIS C 553 5.84 48.34 4.38
N LEU C 554 6.53 48.29 5.52
CA LEU C 554 5.87 47.96 6.79
C LEU C 554 4.84 49.04 7.14
N ALA C 555 3.73 49.07 6.40
CA ALA C 555 2.84 50.24 6.40
C ALA C 555 1.64 50.09 7.32
N GLU C 556 1.06 51.24 7.63
CA GLU C 556 -0.14 51.34 8.45
C GLU C 556 -1.40 51.01 7.65
N LYS C 557 -1.31 51.13 6.33
CA LYS C 557 -2.39 50.70 5.43
C LYS C 557 -1.94 49.53 4.55
N THR C 558 -0.69 49.58 4.10
CA THR C 558 -0.05 48.47 3.38
C THR C 558 -0.65 48.26 2.00
N LEU C 559 0.21 48.09 1.00
CA LEU C 559 -0.24 47.85 -0.36
C LEU C 559 -1.06 46.57 -0.42
N PRO C 560 -2.15 46.57 -1.20
CA PRO C 560 -2.90 45.32 -1.45
C PRO C 560 -2.30 44.52 -2.60
N THR C 561 -2.73 43.28 -2.77
CA THR C 561 -2.20 42.40 -3.81
C THR C 561 -3.20 42.31 -4.94
N ALA C 562 -2.81 41.69 -6.05
CA ALA C 562 -3.69 41.54 -7.21
C ALA C 562 -3.78 40.08 -7.63
N SER C 563 -4.88 39.39 -7.37
CA SER C 563 -6.04 39.88 -6.63
C SER C 563 -5.60 40.13 -5.19
N THR C 564 -6.38 40.86 -4.38
CA THR C 564 -7.72 41.32 -4.69
C THR C 564 -7.82 42.85 -4.84
N ALA C 565 -6.69 43.50 -5.03
CA ALA C 565 -6.72 44.90 -5.43
C ALA C 565 -7.26 44.98 -6.85
N LEU C 566 -7.07 43.88 -7.58
CA LEU C 566 -7.44 43.83 -8.99
C LEU C 566 -8.88 43.34 -9.18
N LYS C 567 -9.56 43.02 -8.08
CA LYS C 567 -10.87 42.39 -8.16
C LYS C 567 -11.90 43.25 -8.88
N ALA C 568 -11.86 44.56 -8.62
CA ALA C 568 -12.77 45.50 -9.25
C ALA C 568 -12.76 45.31 -10.76
N LEU C 569 -11.56 45.23 -11.32
CA LEU C 569 -11.40 45.11 -12.77
C LEU C 569 -11.84 43.74 -13.28
N ILE C 570 -11.80 42.74 -12.42
CA ILE C 570 -12.22 41.40 -12.83
C ILE C 570 -13.73 41.33 -12.89
N GLY C 571 -14.39 41.99 -11.95
CA GLY C 571 -15.85 42.07 -11.96
C GLY C 571 -16.31 42.69 -13.26
N VAL C 572 -15.55 43.67 -13.71
CA VAL C 572 -15.85 44.38 -14.94
C VAL C 572 -15.62 43.46 -16.14
N ALA C 573 -14.46 42.83 -16.19
CA ALA C 573 -14.10 41.99 -17.33
C ALA C 573 -15.02 40.80 -17.47
N LEU C 574 -15.31 40.15 -16.35
CA LEU C 574 -16.13 38.94 -16.37
C LEU C 574 -17.56 39.24 -16.82
N GLN C 575 -18.05 40.42 -16.47
CA GLN C 575 -19.41 40.80 -16.81
C GLN C 575 -19.47 41.22 -18.27
N VAL C 576 -18.61 42.15 -18.64
CA VAL C 576 -18.51 42.65 -20.01
C VAL C 576 -18.28 41.53 -21.02
N SER C 577 -17.49 40.54 -20.62
CA SER C 577 -17.18 39.43 -21.51
C SER C 577 -18.25 38.35 -21.46
N LYS C 578 -19.19 38.47 -20.52
CA LYS C 578 -20.19 37.43 -20.31
C LYS C 578 -19.54 36.07 -20.33
N MET C 579 -18.46 35.94 -19.57
CA MET C 579 -17.60 34.78 -19.65
C MET C 579 -18.32 33.49 -19.27
N GLU C 580 -19.02 33.53 -18.14
CA GLU C 580 -19.63 32.32 -17.59
C GLU C 580 -20.68 31.75 -18.51
N SER C 581 -21.55 32.60 -19.02
CA SER C 581 -22.63 32.13 -19.88
C SER C 581 -22.09 31.60 -21.22
N LEU C 582 -20.88 32.02 -21.59
CA LEU C 582 -20.35 31.70 -22.91
C LEU C 582 -19.39 30.52 -22.89
N THR C 583 -18.57 30.45 -21.84
CA THR C 583 -17.48 29.49 -21.78
C THR C 583 -17.75 28.31 -20.86
N GLY C 584 -18.72 28.47 -19.96
CA GLY C 584 -18.99 27.47 -18.95
C GLY C 584 -17.92 27.51 -17.87
N ARG C 585 -17.02 28.48 -17.98
CA ARG C 585 -15.90 28.62 -17.05
C ARG C 585 -16.26 29.55 -15.90
N LYS C 586 -16.23 29.01 -14.69
CA LYS C 586 -16.50 29.77 -13.48
C LYS C 586 -15.20 30.35 -12.94
N THR C 587 -14.11 29.62 -13.19
CA THR C 587 -12.78 30.03 -12.76
C THR C 587 -11.78 29.76 -13.87
N PRO C 588 -10.74 30.59 -13.99
CA PRO C 588 -9.72 30.40 -15.02
C PRO C 588 -8.91 29.15 -14.78
N THR C 589 -8.29 28.62 -15.83
CA THR C 589 -7.48 27.42 -15.71
C THR C 589 -6.11 27.73 -15.10
N VAL C 590 -5.57 28.90 -15.43
CA VAL C 590 -4.29 29.34 -14.90
C VAL C 590 -4.33 30.83 -14.64
N ILE C 591 -3.53 31.29 -13.68
CA ILE C 591 -3.43 32.70 -13.36
C ILE C 591 -1.96 33.12 -13.36
N THR C 592 -1.72 34.40 -13.64
CA THR C 592 -0.37 34.98 -13.64
C THR C 592 -0.29 36.13 -12.64
N THR D 34 2.21 -2.97 10.09
CA THR D 34 3.34 -2.63 10.94
C THR D 34 3.12 -3.17 12.34
N ALA D 35 2.13 -2.63 13.03
CA ALA D 35 1.87 -3.05 14.39
C ALA D 35 1.34 -4.47 14.45
N ASN D 36 0.50 -4.83 13.48
CA ASN D 36 -0.04 -6.19 13.44
C ASN D 36 1.03 -7.18 13.02
N PHE D 37 2.04 -6.72 12.30
CA PHE D 37 3.13 -7.59 11.93
C PHE D 37 3.96 -7.99 13.13
N VAL D 38 4.23 -7.02 13.98
CA VAL D 38 5.01 -7.27 15.16
C VAL D 38 4.27 -8.25 16.06
N GLN D 39 2.99 -7.98 16.29
CA GLN D 39 2.20 -8.85 17.16
C GLN D 39 2.14 -10.23 16.57
N SER D 40 2.08 -10.32 15.25
CA SER D 40 2.03 -11.60 14.59
C SER D 40 3.35 -12.34 14.77
N THR D 41 4.46 -11.62 14.58
CA THR D 41 5.76 -12.21 14.79
C THR D 41 5.89 -12.74 16.21
N PHE D 42 5.15 -12.13 17.14
CA PHE D 42 5.16 -12.55 18.53
C PHE D 42 4.24 -13.74 18.76
N ASN D 43 3.49 -14.13 17.74
CA ASN D 43 2.77 -15.39 17.82
C ASN D 43 3.69 -16.52 17.36
N ALA D 44 4.99 -16.36 17.65
CA ALA D 44 5.98 -17.42 17.55
C ALA D 44 6.25 -17.89 18.96
N LEU D 45 5.51 -18.91 19.39
CA LEU D 45 5.50 -19.28 20.80
C LEU D 45 6.18 -20.58 21.10
N HIS D 46 7.16 -20.43 21.99
CA HIS D 46 8.08 -21.47 22.40
C HIS D 46 9.27 -20.70 22.96
N ARG D 47 9.55 -19.58 22.32
CA ARG D 47 10.70 -18.73 22.59
C ARG D 47 10.40 -17.35 22.03
N GLN D 48 9.49 -16.62 22.67
CA GLN D 48 9.06 -15.31 22.18
C GLN D 48 10.15 -14.24 22.14
N GLY D 49 11.10 -14.15 23.08
CA GLY D 49 11.36 -15.10 24.15
C GLY D 49 10.36 -15.11 25.30
N ALA D 50 10.34 -16.23 26.01
CA ALA D 50 9.54 -16.39 27.22
C ALA D 50 10.39 -16.15 28.47
N VAL D 51 10.68 -14.87 28.72
CA VAL D 51 11.34 -14.32 29.94
C VAL D 51 12.73 -13.73 29.61
N PRO D 52 13.55 -14.43 28.82
CA PRO D 52 14.86 -13.85 28.46
C PRO D 52 14.94 -13.36 27.01
N ASP D 53 14.10 -12.39 26.60
CA ASP D 53 14.22 -11.81 25.26
C ASP D 53 14.66 -10.36 25.33
N VAL D 54 15.52 -10.03 24.38
CA VAL D 54 16.01 -8.69 24.16
C VAL D 54 15.84 -8.42 22.67
N LEU D 55 15.25 -7.29 22.32
CA LEU D 55 14.95 -6.98 20.92
C LEU D 55 15.80 -5.86 20.38
N VAL D 56 16.01 -5.88 19.07
CA VAL D 56 16.62 -4.75 18.37
C VAL D 56 15.57 -4.17 17.45
N VAL D 57 15.56 -2.86 17.32
CA VAL D 57 14.57 -2.20 16.49
C VAL D 57 15.20 -0.97 15.85
N GLY D 58 14.85 -0.73 14.59
CA GLY D 58 15.39 0.39 13.86
C GLY D 58 15.27 0.16 12.37
N GLY D 59 15.37 1.22 11.58
CA GLY D 59 15.17 1.10 10.14
C GLY D 59 15.70 2.26 9.32
N ASP D 60 15.38 2.24 8.03
CA ASP D 60 15.96 3.19 7.09
C ASP D 60 15.35 4.57 7.22
N GLY D 61 14.25 4.66 7.95
CA GLY D 61 13.57 5.92 8.16
C GLY D 61 13.20 6.58 6.85
N ARG D 62 12.07 6.16 6.26
CA ARG D 62 11.60 6.72 5.01
C ARG D 62 10.08 6.86 4.99
N TYR D 63 9.60 7.94 4.35
CA TYR D 63 8.23 8.43 4.55
C TYR D 63 8.07 8.79 6.01
N TYR D 64 8.06 7.76 6.85
CA TYR D 64 8.16 7.93 8.29
C TYR D 64 8.40 6.58 8.92
N THR D 65 8.46 6.59 10.24
CA THR D 65 9.00 5.49 11.05
C THR D 65 9.39 6.20 12.35
N SER D 66 8.43 6.93 12.90
CA SER D 66 8.66 7.75 14.08
C SER D 66 7.70 7.36 15.20
N GLU D 67 6.41 7.48 14.92
CA GLU D 67 5.38 6.97 15.79
C GLU D 67 5.43 5.46 15.73
N ALA D 68 5.74 4.95 14.55
CA ALA D 68 5.72 3.50 14.31
C ALA D 68 6.64 2.80 15.28
N VAL D 69 7.77 3.43 15.60
CA VAL D 69 8.68 2.89 16.60
C VAL D 69 7.94 2.76 17.93
N GLN D 70 7.30 3.85 18.35
CA GLN D 70 6.65 3.92 19.65
C GLN D 70 5.57 2.87 19.81
N VAL D 71 5.05 2.38 18.68
CA VAL D 71 4.01 1.36 18.70
C VAL D 71 4.66 0.00 18.95
N ILE D 72 5.81 -0.23 18.32
CA ILE D 72 6.52 -1.48 18.49
C ILE D 72 6.94 -1.70 19.94
N LEU D 73 7.34 -0.62 20.61
CA LEU D 73 7.72 -0.67 22.01
C LEU D 73 6.50 -0.99 22.87
N LYS D 74 5.39 -0.30 22.60
CA LYS D 74 4.15 -0.53 23.32
C LYS D 74 3.70 -1.97 23.16
N VAL D 75 3.93 -2.53 21.97
CA VAL D 75 3.53 -3.91 21.67
C VAL D 75 4.51 -4.94 22.21
N SER D 76 5.80 -4.62 22.16
CA SER D 76 6.82 -5.54 22.65
C SER D 76 6.64 -5.77 24.14
N ALA D 77 6.51 -4.67 24.88
CA ALA D 77 6.32 -4.74 26.33
C ALA D 77 5.08 -5.54 26.63
N ALA D 78 4.05 -5.34 25.82
CA ALA D 78 2.77 -5.93 26.14
C ALA D 78 2.69 -7.38 25.65
N ASN D 79 3.83 -7.97 25.29
CA ASN D 79 3.89 -9.36 24.84
C ASN D 79 4.89 -10.20 25.63
N GLY D 80 5.75 -9.53 26.41
CA GLY D 80 6.62 -10.21 27.36
C GLY D 80 8.09 -9.85 27.23
N VAL D 81 8.45 -9.17 26.15
CA VAL D 81 9.83 -8.74 25.95
C VAL D 81 10.31 -7.89 27.12
N ARG D 82 11.41 -8.30 27.73
CA ARG D 82 11.94 -7.64 28.92
C ARG D 82 12.73 -6.39 28.55
N CYS D 83 13.35 -6.39 27.37
CA CYS D 83 14.24 -5.31 27.00
C CYS D 83 14.24 -5.07 25.49
N VAL D 84 14.41 -3.81 25.11
CA VAL D 84 14.45 -3.43 23.70
C VAL D 84 15.52 -2.38 23.44
N TRP D 85 16.34 -2.63 22.43
CA TRP D 85 17.39 -1.70 22.04
C TRP D 85 16.97 -1.00 20.77
N VAL D 86 16.78 0.32 20.85
CA VAL D 86 16.36 1.11 19.70
C VAL D 86 17.47 2.05 19.23
N GLY D 87 17.80 2.00 17.95
CA GLY D 87 18.80 2.89 17.40
C GLY D 87 18.37 4.34 17.58
N GLN D 88 19.31 5.26 17.54
CA GLN D 88 18.98 6.66 17.73
C GLN D 88 18.04 7.16 16.66
N HIS D 89 17.08 7.98 17.05
CA HIS D 89 16.12 8.54 16.11
C HIS D 89 15.39 7.45 15.34
N GLY D 90 15.41 6.24 15.90
CA GLY D 90 14.77 5.10 15.26
C GLY D 90 15.55 4.54 14.10
N LEU D 91 16.64 5.20 13.73
CA LEU D 91 17.38 4.83 12.53
C LEU D 91 18.43 3.75 12.80
N LEU D 92 18.55 2.80 11.88
CA LEU D 92 19.53 1.70 12.03
C LEU D 92 19.76 0.99 10.70
N SER D 93 20.93 1.20 10.12
CA SER D 93 21.26 0.61 8.83
C SER D 93 21.21 -0.90 8.95
N THR D 94 20.68 -1.57 7.93
CA THR D 94 20.43 -3.00 8.01
C THR D 94 21.68 -3.81 8.37
N PRO D 95 22.84 -3.43 7.82
CA PRO D 95 24.03 -4.13 8.29
C PRO D 95 24.25 -3.91 9.79
N ALA D 96 24.08 -2.68 10.25
CA ALA D 96 24.33 -2.34 11.64
C ALA D 96 23.38 -3.05 12.58
N VAL D 97 22.23 -3.48 12.07
CA VAL D 97 21.30 -4.26 12.86
C VAL D 97 21.88 -5.64 13.07
N SER D 98 22.54 -6.16 12.04
CA SER D 98 23.11 -7.50 12.12
C SER D 98 24.29 -7.54 13.09
N THR D 99 25.14 -6.52 13.06
CA THR D 99 26.29 -6.47 13.97
C THR D 99 25.81 -6.52 15.42
N MET D 100 24.77 -5.75 15.72
CA MET D 100 24.27 -5.65 17.08
C MET D 100 23.74 -6.97 17.58
N VAL D 101 22.86 -7.59 16.81
CA VAL D 101 22.27 -8.85 17.23
C VAL D 101 23.35 -9.92 17.36
N ARG D 102 24.42 -9.78 16.56
CA ARG D 102 25.49 -10.77 16.54
C ARG D 102 26.53 -10.51 17.62
N ARG D 103 26.96 -9.26 17.74
CA ARG D 103 28.08 -8.93 18.62
C ARG D 103 27.68 -8.12 19.86
N ARG D 104 26.69 -8.61 20.60
CA ARG D 104 26.39 -8.08 21.93
C ARG D 104 26.11 -6.56 21.76
N ARG D 105 26.36 -5.61 22.68
CA ARG D 105 27.17 -5.67 23.89
C ARG D 105 26.46 -4.99 25.05
N ASP D 106 25.80 -3.88 24.74
CA ASP D 106 25.18 -3.00 25.73
C ASP D 106 26.10 -2.77 26.92
N ALA D 107 25.52 -2.64 28.12
CA ALA D 107 26.30 -2.50 29.33
C ALA D 107 25.85 -3.50 30.39
N ASP D 108 25.84 -4.77 30.03
CA ASP D 108 25.49 -5.83 30.97
C ASP D 108 25.98 -7.20 30.49
N GLY D 109 25.37 -7.71 29.43
CA GLY D 109 25.73 -9.01 28.92
C GLY D 109 24.60 -9.62 28.11
N ARG D 110 23.40 -9.09 28.30
CA ARG D 110 22.23 -9.55 27.57
C ARG D 110 22.49 -9.33 26.09
N LYS D 111 22.23 -10.34 25.27
CA LYS D 111 22.36 -10.22 23.83
C LYS D 111 20.99 -10.30 23.18
N ALA D 112 20.79 -9.53 22.11
CA ALA D 112 19.56 -9.60 21.36
C ALA D 112 19.41 -10.97 20.70
N THR D 113 18.29 -11.64 20.95
CA THR D 113 18.01 -12.93 20.32
C THR D 113 17.12 -12.72 19.08
N GLY D 114 16.85 -11.46 18.73
CA GLY D 114 16.00 -11.14 17.59
C GLY D 114 15.99 -9.66 17.25
N ALA D 115 15.39 -9.32 16.11
CA ALA D 115 15.42 -7.94 15.66
C ALA D 115 14.33 -7.64 14.63
N PHE D 116 13.70 -6.49 14.78
CA PHE D 116 12.78 -5.94 13.80
C PHE D 116 13.42 -4.79 13.06
N ILE D 117 13.43 -4.86 11.73
CA ILE D 117 14.09 -3.81 10.94
C ILE D 117 13.12 -3.09 10.02
N LEU D 118 12.78 -1.86 10.37
CA LEU D 118 11.74 -1.10 9.66
C LEU D 118 12.27 -0.56 8.35
N THR D 119 12.35 -1.45 7.36
CA THR D 119 12.79 -1.08 6.03
C THR D 119 12.13 -1.94 4.96
N ALA D 120 11.93 -1.35 3.80
CA ALA D 120 11.53 -2.09 2.61
C ALA D 120 12.49 -1.76 1.46
N SER D 121 13.09 -2.79 0.88
CA SER D 121 13.92 -2.62 -0.31
C SER D 121 13.04 -2.13 -1.46
N HIS D 122 11.75 -2.42 -1.34
CA HIS D 122 10.75 -1.89 -2.25
C HIS D 122 9.39 -1.95 -1.52
N ASN D 123 8.75 -0.81 -1.23
CA ASN D 123 9.20 0.54 -1.57
C ASN D 123 8.99 1.49 -0.38
N PRO D 124 9.49 2.72 -0.48
CA PRO D 124 9.34 3.64 0.66
C PRO D 124 7.98 4.34 0.73
N GLY D 125 7.18 4.03 1.74
CA GLY D 125 6.07 4.88 2.12
C GLY D 125 4.80 4.88 1.31
N GLY D 126 3.75 4.32 1.91
CA GLY D 126 2.42 4.29 1.33
C GLY D 126 1.99 2.87 1.01
N PRO D 127 2.39 2.35 -0.17
CA PRO D 127 2.09 0.95 -0.56
C PRO D 127 2.73 -0.10 0.35
N ASP D 128 1.89 -1.03 0.82
CA ASP D 128 2.32 -2.08 1.72
C ASP D 128 1.80 -3.45 1.23
N ALA D 129 2.24 -3.88 0.05
CA ALA D 129 2.03 -5.26 -0.39
C ALA D 129 3.23 -6.12 0.03
N ASP D 130 3.83 -5.70 1.15
CA ASP D 130 5.06 -6.25 1.73
C ASP D 130 5.60 -5.11 2.62
N PHE D 131 4.78 -4.68 3.58
CA PHE D 131 4.99 -3.46 4.41
C PHE D 131 6.39 -3.23 5.01
N GLY D 132 7.44 -3.59 4.28
CA GLY D 132 8.79 -3.54 4.80
C GLY D 132 8.87 -4.30 6.10
N ILE D 133 9.49 -3.65 7.10
CA ILE D 133 9.65 -4.19 8.44
C ILE D 133 9.87 -5.70 8.44
N LYS D 134 11.11 -6.13 8.20
CA LYS D 134 11.42 -7.55 8.22
C LYS D 134 11.86 -7.97 9.61
N TYR D 135 12.04 -9.27 9.82
CA TYR D 135 12.47 -9.81 11.09
C TYR D 135 13.69 -10.70 10.95
N ASN D 136 14.62 -10.53 11.89
CA ASN D 136 15.83 -11.33 11.93
C ASN D 136 15.86 -12.13 13.22
N SER D 137 16.30 -13.39 13.12
CA SER D 137 16.35 -14.24 14.29
C SER D 137 17.69 -14.12 15.01
N GLU D 138 17.88 -15.01 15.99
CA GLU D 138 19.05 -15.01 16.87
C GLU D 138 20.38 -14.95 16.12
N ASN D 139 20.40 -15.45 14.89
CA ASN D 139 21.64 -15.52 14.12
C ASN D 139 22.07 -14.13 13.67
N GLY D 140 21.20 -13.14 13.93
CA GLY D 140 21.45 -11.78 13.52
C GLY D 140 21.12 -11.55 12.06
N GLY D 141 20.80 -12.63 11.36
CA GLY D 141 20.44 -12.57 9.95
C GLY D 141 18.94 -12.70 9.78
N PRO D 142 18.46 -12.43 8.56
CA PRO D 142 17.03 -12.49 8.25
C PRO D 142 16.39 -13.80 8.67
N ALA D 143 15.11 -13.78 8.99
CA ALA D 143 14.43 -14.96 9.50
C ALA D 143 14.33 -16.05 8.45
N PRO D 144 14.39 -17.32 8.90
CA PRO D 144 14.23 -18.43 7.95
C PRO D 144 12.85 -18.46 7.34
N GLU D 145 12.64 -19.33 6.35
CA GLU D 145 11.37 -19.40 5.68
C GLU D 145 10.25 -19.82 6.61
N LYS D 146 10.51 -20.84 7.43
CA LYS D 146 9.50 -21.37 8.33
C LYS D 146 8.96 -20.28 9.24
N LEU D 147 9.86 -19.46 9.76
CA LEU D 147 9.49 -18.38 10.65
C LEU D 147 8.69 -17.34 9.86
N THR D 148 9.31 -16.74 8.85
CA THR D 148 8.66 -15.70 8.06
C THR D 148 7.28 -16.13 7.61
N SER D 149 7.16 -17.41 7.25
CA SER D 149 5.89 -17.95 6.78
C SER D 149 4.96 -18.24 7.96
N GLN D 150 5.55 -18.65 9.09
CA GLN D 150 4.76 -18.84 10.30
C GLN D 150 4.16 -17.51 10.73
N ILE D 151 4.84 -16.42 10.41
CA ILE D 151 4.40 -15.09 10.80
C ILE D 151 3.43 -14.52 9.79
N TYR D 152 3.80 -14.58 8.52
CA TYR D 152 2.92 -14.10 7.44
C TYR D 152 1.57 -14.78 7.53
N GLU D 153 1.57 -16.07 7.83
CA GLU D 153 0.34 -16.82 7.96
C GLU D 153 -0.45 -16.29 9.13
N GLU D 154 0.25 -15.87 10.17
CA GLU D 154 -0.39 -15.34 11.36
C GLU D 154 -0.92 -13.93 11.07
N THR D 155 -0.25 -13.25 10.14
CA THR D 155 -0.61 -11.88 9.79
C THR D 155 -2.04 -11.77 9.28
N VAL D 156 -2.54 -12.85 8.70
CA VAL D 156 -3.85 -12.85 8.07
C VAL D 156 -4.95 -13.15 9.08
N LYS D 157 -4.71 -14.14 9.92
CA LYS D 157 -5.71 -14.64 10.86
C LYS D 157 -5.72 -13.88 12.18
N ILE D 158 -4.65 -13.12 12.43
CA ILE D 158 -4.51 -12.39 13.69
C ILE D 158 -5.73 -11.52 13.96
N THR D 159 -6.21 -11.55 15.19
CA THR D 159 -7.48 -10.93 15.54
C THR D 159 -7.31 -9.62 16.28
N HIS D 160 -6.23 -9.48 17.03
CA HIS D 160 -6.02 -8.30 17.85
C HIS D 160 -4.57 -7.86 17.92
N ILE D 161 -4.32 -6.75 18.61
CA ILE D 161 -2.97 -6.40 18.99
C ILE D 161 -2.91 -6.18 20.50
N LYS D 162 -1.85 -6.69 21.12
CA LYS D 162 -1.64 -6.52 22.54
C LYS D 162 -0.79 -5.28 22.78
N MET D 163 -1.38 -4.26 23.39
CA MET D 163 -0.69 -3.02 23.66
C MET D 163 -0.66 -2.70 25.16
N ALA D 164 0.28 -1.85 25.54
CA ALA D 164 0.38 -1.34 26.89
C ALA D 164 0.06 0.16 26.90
N PRO D 165 -1.19 0.52 27.18
CA PRO D 165 -1.58 1.94 27.13
C PRO D 165 -0.95 2.76 28.26
N THR D 166 -0.38 2.09 29.24
CA THR D 166 0.15 2.75 30.41
C THR D 166 1.59 3.19 30.22
N LEU D 167 2.26 2.63 29.21
CA LEU D 167 3.66 2.92 28.93
C LEU D 167 3.84 4.33 28.35
N PRO D 168 4.75 5.13 28.92
CA PRO D 168 4.94 6.51 28.45
C PRO D 168 5.82 6.67 27.21
N GLU D 169 5.60 7.75 26.47
CA GLU D 169 6.33 7.98 25.22
C GLU D 169 7.83 8.17 25.46
N VAL D 170 8.59 7.11 25.23
CA VAL D 170 10.04 7.16 25.42
C VAL D 170 10.72 7.96 24.31
N ASP D 171 11.71 8.77 24.70
CA ASP D 171 12.45 9.59 23.76
C ASP D 171 13.40 8.74 22.94
N ILE D 172 13.04 8.52 21.69
CA ILE D 172 13.82 7.68 20.80
C ILE D 172 15.10 8.40 20.35
N HIS D 173 15.18 9.68 20.67
CA HIS D 173 16.26 10.52 20.14
C HIS D 173 17.45 10.62 21.10
N THR D 174 17.21 10.40 22.39
CA THR D 174 18.24 10.56 23.42
C THR D 174 18.85 9.22 23.81
N LEU D 175 20.19 9.15 23.75
CA LEU D 175 20.90 7.96 24.13
C LEU D 175 20.64 7.67 25.60
N GLY D 176 20.64 6.39 25.97
CA GLY D 176 20.48 6.00 27.35
C GLY D 176 19.47 4.89 27.53
N THR D 177 19.46 4.30 28.73
CA THR D 177 18.58 3.19 29.06
C THR D 177 17.44 3.62 29.99
N TYR D 178 16.22 3.33 29.59
CA TYR D 178 15.02 3.75 30.30
C TYR D 178 14.22 2.54 30.78
N THR D 179 14.28 2.29 32.08
CA THR D 179 13.61 1.14 32.68
C THR D 179 12.26 1.53 33.27
N PHE D 180 11.26 0.70 33.05
CA PHE D 180 9.91 0.96 33.52
C PHE D 180 9.44 -0.17 34.44
N ASP D 181 8.73 0.19 35.49
CA ASP D 181 8.17 -0.79 36.41
C ASP D 181 6.64 -0.73 36.38
N ASP D 182 6.09 -0.55 35.18
CA ASP D 182 4.67 -0.76 34.96
C ASP D 182 4.45 -2.24 35.25
N TYR D 183 5.30 -3.05 34.64
CA TYR D 183 5.41 -4.46 34.98
C TYR D 183 6.88 -4.84 35.01
N ASN D 184 7.51 -4.85 33.84
CA ASN D 184 8.91 -5.23 33.72
C ASN D 184 9.38 -4.94 32.31
N PHE D 185 9.76 -3.69 32.05
CA PHE D 185 10.17 -3.31 30.70
C PHE D 185 11.30 -2.27 30.70
N GLN D 186 12.21 -2.41 29.76
CA GLN D 186 13.38 -1.53 29.66
C GLN D 186 13.74 -1.20 28.22
N VAL D 187 13.78 0.09 27.91
CA VAL D 187 14.16 0.56 26.58
C VAL D 187 15.55 1.16 26.61
N GLU D 188 16.41 0.68 25.72
CA GLU D 188 17.77 1.15 25.62
C GLU D 188 18.01 1.84 24.28
N VAL D 189 17.96 3.17 24.28
CA VAL D 189 18.26 3.91 23.06
C VAL D 189 19.75 3.86 22.76
N VAL D 190 20.13 3.09 21.75
CA VAL D 190 21.52 2.86 21.41
C VAL D 190 22.01 3.82 20.34
N ASP D 191 23.29 4.15 20.39
CA ASP D 191 23.90 4.86 19.28
C ASP D 191 23.90 3.92 18.09
N SER D 192 23.69 4.46 16.90
CA SER D 192 23.51 3.65 15.71
C SER D 192 24.74 3.65 14.82
N LEU D 193 25.81 4.27 15.28
CA LEU D 193 27.03 4.42 14.48
C LEU D 193 28.26 3.88 15.19
N ALA D 194 28.26 3.94 16.51
CA ALA D 194 29.43 3.63 17.32
C ALA D 194 29.86 2.17 17.18
N ASP D 195 28.90 1.26 17.33
CA ASP D 195 29.17 -0.18 17.29
C ASP D 195 29.66 -0.62 15.92
N TYR D 196 29.10 -0.03 14.87
CA TYR D 196 29.42 -0.41 13.49
C TYR D 196 30.73 0.20 13.02
N ALA D 197 30.93 1.49 13.31
CA ALA D 197 32.17 2.16 12.95
C ALA D 197 33.35 1.51 13.66
N ALA D 198 33.08 0.97 14.83
CA ALA D 198 34.11 0.25 15.57
C ALA D 198 34.45 -1.05 14.87
N TYR D 199 33.42 -1.74 14.36
CA TYR D 199 33.59 -3.07 13.78
C TYR D 199 34.37 -3.01 12.48
N MET D 200 34.08 -2.00 11.66
CA MET D 200 34.76 -1.84 10.39
C MET D 200 36.18 -1.31 10.60
N GLN D 201 36.46 -0.80 11.79
CA GLN D 201 37.81 -0.41 12.15
C GLN D 201 38.62 -1.67 12.43
N GLU D 202 37.94 -2.70 12.93
CA GLU D 202 38.58 -3.97 13.20
C GLU D 202 38.76 -4.77 11.92
N VAL D 203 37.71 -4.89 11.13
CA VAL D 203 37.74 -5.71 9.92
C VAL D 203 38.77 -5.20 8.92
N PHE D 204 38.80 -3.88 8.74
CA PHE D 204 39.68 -3.25 7.77
C PHE D 204 40.79 -2.47 8.46
N ASP D 205 41.78 -2.04 7.68
CA ASP D 205 42.91 -1.27 8.20
C ASP D 205 42.70 0.23 7.97
N PHE D 206 42.10 0.89 8.95
CA PHE D 206 41.72 2.30 8.79
C PHE D 206 42.94 3.21 8.60
N GLU D 207 44.06 2.84 9.19
CA GLU D 207 45.28 3.62 9.02
C GLU D 207 45.74 3.55 7.57
N ALA D 208 45.69 2.35 7.00
CA ALA D 208 46.15 2.10 5.64
C ALA D 208 45.34 2.92 4.63
N ILE D 209 44.03 2.86 4.76
CA ILE D 209 43.14 3.60 3.87
C ILE D 209 43.28 5.10 4.11
N ARG D 210 43.37 5.49 5.38
CA ARG D 210 43.56 6.89 5.74
C ARG D 210 44.78 7.45 5.02
N ALA D 211 45.83 6.63 4.89
CA ALA D 211 47.03 7.04 4.17
C ALA D 211 46.69 7.26 2.71
N LEU D 212 45.95 6.31 2.14
CA LEU D 212 45.48 6.42 0.76
C LEU D 212 44.73 7.72 0.58
N VAL D 213 43.69 7.91 1.36
CA VAL D 213 42.84 9.07 1.19
C VAL D 213 43.46 10.30 1.86
N GLN D 214 44.76 10.50 1.63
CA GLN D 214 45.43 11.69 2.09
C GLN D 214 46.40 12.14 1.01
N ARG D 215 45.88 12.29 -0.20
CA ARG D 215 46.70 12.62 -1.35
C ARG D 215 45.94 13.52 -2.30
N LEU D 216 46.68 14.32 -3.08
CA LEU D 216 46.09 15.10 -4.15
C LEU D 216 45.81 14.21 -5.35
N ASP D 217 46.34 13.00 -5.27
CA ASP D 217 46.27 12.03 -6.35
C ASP D 217 44.94 11.27 -6.38
N PHE D 218 44.10 11.53 -5.38
CA PHE D 218 42.89 10.72 -5.16
C PHE D 218 41.73 11.55 -4.65
N LYS D 219 40.71 11.68 -5.48
CA LYS D 219 39.46 12.31 -5.12
C LYS D 219 38.42 11.25 -4.82
N VAL D 220 37.50 11.58 -3.93
CA VAL D 220 36.45 10.66 -3.51
C VAL D 220 35.07 11.28 -3.73
N HIS D 221 34.06 10.42 -3.80
CA HIS D 221 32.69 10.88 -3.98
C HIS D 221 31.67 9.83 -3.52
N VAL D 222 31.12 10.03 -2.32
CA VAL D 222 30.17 9.09 -1.75
C VAL D 222 28.76 9.67 -1.78
N ASP D 223 27.81 8.82 -2.15
CA ASP D 223 26.42 9.23 -2.31
C ASP D 223 25.55 8.27 -1.52
N SER D 224 24.72 8.80 -0.64
CA SER D 224 23.82 7.96 0.15
C SER D 224 22.36 8.16 -0.26
N LEU D 225 22.12 9.08 -1.20
CA LEU D 225 20.79 9.29 -1.77
C LEU D 225 19.78 9.59 -0.68
N HIS D 226 20.23 10.25 0.38
CA HIS D 226 19.41 10.54 1.54
C HIS D 226 18.82 9.26 2.12
N GLY D 227 19.61 8.19 2.05
CA GLY D 227 19.24 6.92 2.64
C GLY D 227 19.78 6.87 4.06
N VAL D 228 19.75 5.70 4.68
CA VAL D 228 20.14 5.58 6.08
C VAL D 228 21.65 5.47 6.25
N SER D 229 22.35 5.13 5.17
CA SER D 229 23.80 5.03 5.22
C SER D 229 24.46 6.39 5.36
N GLY D 230 23.68 7.46 5.28
CA GLY D 230 24.21 8.82 5.28
C GLY D 230 25.14 9.10 6.44
N PRO D 231 24.61 9.05 7.67
CA PRO D 231 25.42 9.24 8.87
C PRO D 231 26.63 8.30 8.94
N TYR D 232 26.48 7.07 8.50
CA TYR D 232 27.58 6.12 8.50
C TYR D 232 28.70 6.60 7.59
N VAL D 233 28.33 7.25 6.50
CA VAL D 233 29.32 7.81 5.59
C VAL D 233 30.05 8.95 6.30
N ASP D 234 29.35 9.66 7.17
CA ASP D 234 29.98 10.69 7.99
C ASP D 234 30.89 10.03 9.03
N ARG D 235 30.34 9.09 9.80
CA ARG D 235 31.07 8.49 10.91
C ARG D 235 32.28 7.69 10.44
N ILE D 236 32.22 7.17 9.21
CA ILE D 236 33.31 6.34 8.70
C ILE D 236 34.26 7.15 7.81
N PHE D 237 33.76 7.64 6.69
CA PHE D 237 34.61 8.31 5.71
C PHE D 237 35.11 9.66 6.21
N HIS D 238 34.33 10.35 7.03
CA HIS D 238 34.75 11.67 7.50
C HIS D 238 35.43 11.61 8.87
N GLU D 239 34.71 11.13 9.87
CA GLU D 239 35.23 11.09 11.23
C GLU D 239 36.49 10.23 11.28
N GLY D 240 36.39 9.01 10.80
CA GLY D 240 37.47 8.04 10.91
C GLY D 240 38.59 8.29 9.92
N LEU D 241 38.32 8.09 8.64
CA LEU D 241 39.34 8.27 7.62
C LEU D 241 39.81 9.73 7.61
N GLY D 242 38.98 10.60 7.03
CA GLY D 242 39.28 12.02 6.98
C GLY D 242 38.90 12.67 5.65
N VAL D 243 37.95 12.08 4.94
CA VAL D 243 37.51 12.64 3.66
C VAL D 243 36.68 13.89 3.91
N PRO D 244 36.94 14.97 3.15
CA PRO D 244 36.18 16.21 3.38
C PRO D 244 34.68 16.02 3.28
N LYS D 245 33.91 16.90 3.92
CA LYS D 245 32.46 16.82 3.89
C LYS D 245 31.95 17.19 2.50
N THR D 246 32.80 17.84 1.72
CA THR D 246 32.45 18.24 0.36
C THR D 246 32.51 17.06 -0.62
N SER D 247 33.18 15.99 -0.22
CA SER D 247 33.29 14.79 -1.04
C SER D 247 32.20 13.79 -0.70
N LEU D 248 31.63 13.94 0.49
CA LEU D 248 30.50 13.11 0.91
C LEU D 248 29.20 13.83 0.60
N PHE D 249 28.25 13.14 -0.02
CA PHE D 249 27.02 13.76 -0.48
C PHE D 249 25.78 13.03 -0.01
N ARG D 250 24.75 13.81 0.32
CA ARG D 250 23.45 13.30 0.73
C ARG D 250 23.56 12.43 1.97
N THR D 251 24.38 12.86 2.92
CA THR D 251 24.62 12.09 4.15
C THR D 251 23.59 12.39 5.22
N ASN D 252 22.42 12.88 4.80
CA ASN D 252 21.34 13.19 5.73
C ASN D 252 20.07 12.44 5.37
N VAL D 253 19.53 11.70 6.33
CA VAL D 253 18.40 10.82 6.07
C VAL D 253 17.12 11.61 5.88
N LEU D 254 16.43 11.37 4.77
CA LEU D 254 15.15 12.02 4.50
C LEU D 254 14.11 11.04 3.97
N PRO D 255 12.81 11.40 4.06
CA PRO D 255 11.75 10.56 3.47
C PRO D 255 11.66 10.73 1.96
N ASP D 256 10.99 9.81 1.28
CA ASP D 256 10.83 9.90 -0.16
C ASP D 256 9.42 10.34 -0.53
N PHE D 257 9.25 10.82 -1.76
CA PHE D 257 7.94 11.18 -2.30
C PHE D 257 7.97 11.19 -3.83
N GLY D 258 8.04 12.37 -4.44
CA GLY D 258 8.24 12.49 -5.87
C GLY D 258 9.72 12.69 -6.18
N GLY D 259 10.55 12.44 -5.17
CA GLY D 259 11.98 12.62 -5.28
C GLY D 259 12.69 11.32 -5.61
N CYS D 260 13.99 11.29 -5.36
CA CYS D 260 14.85 10.20 -5.78
C CYS D 260 14.79 9.00 -4.84
N HIS D 261 14.21 7.91 -5.33
CA HIS D 261 14.22 6.66 -4.60
C HIS D 261 15.61 6.06 -4.74
N PRO D 262 16.11 5.40 -3.67
CA PRO D 262 17.51 5.02 -3.66
C PRO D 262 17.71 3.60 -4.15
N ASP D 263 17.82 3.43 -5.46
CA ASP D 263 18.05 2.11 -6.03
C ASP D 263 19.26 2.20 -6.96
N PRO D 264 20.41 1.67 -6.50
CA PRO D 264 21.62 1.76 -7.32
C PRO D 264 21.51 1.00 -8.63
N ASN D 265 21.50 1.77 -9.71
CA ASN D 265 21.54 1.22 -11.06
C ASN D 265 22.00 2.32 -12.00
N LEU D 266 22.40 1.96 -13.21
CA LEU D 266 22.91 2.93 -14.16
C LEU D 266 21.83 3.94 -14.53
N THR D 267 20.60 3.66 -14.11
CA THR D 267 19.44 4.52 -14.36
C THR D 267 19.00 5.21 -13.09
N TYR D 268 18.43 4.44 -12.16
CA TYR D 268 17.84 4.96 -10.94
C TYR D 268 18.86 5.69 -10.06
N ALA D 269 20.12 5.59 -10.43
CA ALA D 269 21.18 6.34 -9.76
C ALA D 269 22.08 7.00 -10.81
N ALA D 270 21.46 7.49 -11.86
CA ALA D 270 22.19 8.17 -12.93
C ALA D 270 22.90 9.43 -12.42
N ASP D 271 22.55 9.85 -11.21
CA ASP D 271 23.20 10.99 -10.57
C ASP D 271 24.68 10.70 -10.37
N LEU D 272 25.00 9.60 -9.70
CA LEU D 272 26.39 9.22 -9.53
C LEU D 272 27.03 8.95 -10.88
N VAL D 273 26.31 8.25 -11.75
CA VAL D 273 26.82 7.87 -13.05
C VAL D 273 27.27 9.10 -13.83
N HIS D 274 26.53 10.19 -13.69
CA HIS D 274 26.85 11.41 -14.41
C HIS D 274 28.05 12.08 -13.78
N VAL D 275 28.21 11.91 -12.48
CA VAL D 275 29.29 12.54 -11.74
C VAL D 275 30.64 11.97 -12.14
N MET D 276 30.73 10.64 -12.14
CA MET D 276 31.93 9.95 -12.61
C MET D 276 32.23 10.32 -14.05
N GLY D 277 31.19 10.73 -14.77
CA GLY D 277 31.28 11.01 -16.18
C GLY D 277 31.00 9.76 -16.98
N LEU D 278 29.71 9.43 -17.08
CA LEU D 278 29.28 8.27 -17.86
C LEU D 278 27.97 8.57 -18.57
N LEU D 279 27.56 7.63 -19.41
CA LEU D 279 26.28 7.70 -20.09
C LEU D 279 25.38 6.64 -19.43
N PRO D 280 24.18 6.38 -19.98
CA PRO D 280 23.44 5.23 -19.43
C PRO D 280 24.33 3.99 -19.33
N ASP D 281 25.11 3.73 -20.37
CA ASP D 281 26.18 2.75 -20.28
C ASP D 281 27.41 3.34 -20.98
N GLY D 282 28.43 3.64 -20.18
CA GLY D 282 29.56 4.45 -20.62
C GLY D 282 30.31 3.94 -21.82
N ASN D 283 29.72 4.11 -23.01
CA ASN D 283 30.39 3.75 -24.25
C ASN D 283 29.74 4.43 -25.47
N ALA D 284 30.33 5.49 -26.01
CA ALA D 284 31.57 6.12 -25.53
C ALA D 284 31.29 6.93 -24.26
N ASN D 285 31.91 8.10 -24.11
CA ASN D 285 31.69 8.87 -22.89
C ASN D 285 32.12 10.33 -22.86
N PRO D 286 31.77 11.11 -23.88
CA PRO D 286 31.93 12.56 -23.74
C PRO D 286 30.89 13.13 -22.77
N ALA D 287 30.90 14.41 -22.43
CA ALA D 287 31.85 15.39 -22.94
C ALA D 287 32.75 15.89 -21.82
N MET D 288 32.80 15.14 -20.74
CA MET D 288 33.57 15.54 -19.57
C MET D 288 34.95 14.91 -19.60
N LYS D 289 35.68 15.10 -20.69
CA LYS D 289 36.99 14.47 -20.87
C LYS D 289 38.05 15.52 -21.16
N HIS D 290 37.77 16.37 -22.15
CA HIS D 290 38.75 17.38 -22.54
C HIS D 290 38.86 18.44 -21.44
N ILE D 291 39.93 18.33 -20.63
CA ILE D 291 40.31 19.34 -19.62
C ILE D 291 39.39 19.27 -18.39
N SER D 292 38.80 18.11 -18.15
CA SER D 292 38.01 17.90 -16.93
C SER D 292 38.78 17.04 -15.92
N THR D 293 38.39 17.16 -14.65
CA THR D 293 39.00 16.38 -13.57
C THR D 293 37.94 15.95 -12.57
N VAL D 294 37.40 14.76 -12.76
CA VAL D 294 36.35 14.22 -11.92
C VAL D 294 36.91 13.22 -10.91
N PRO D 295 36.16 12.96 -9.83
CA PRO D 295 36.56 12.03 -8.76
C PRO D 295 37.06 10.67 -9.26
N SER D 296 38.12 10.15 -8.65
CA SER D 296 38.75 8.91 -9.10
C SER D 296 38.14 7.68 -8.42
N PHE D 297 37.10 7.90 -7.61
CA PHE D 297 36.43 6.81 -6.91
C PHE D 297 35.09 7.25 -6.35
N GLY D 298 34.03 6.60 -6.82
CA GLY D 298 32.68 6.96 -6.46
C GLY D 298 31.86 5.78 -6.02
N VAL D 299 31.00 6.00 -5.04
CA VAL D 299 30.14 4.95 -4.53
C VAL D 299 28.78 5.52 -4.18
N ALA D 300 27.74 4.74 -4.45
CA ALA D 300 26.41 5.04 -3.96
C ALA D 300 25.86 3.85 -3.21
N PHE D 301 25.04 4.11 -2.19
CA PHE D 301 24.43 3.05 -1.40
C PHE D 301 22.92 3.09 -1.54
N ASP D 302 22.26 1.96 -1.26
CA ASP D 302 20.81 1.92 -1.32
C ASP D 302 20.23 2.51 -0.04
N GLY D 303 18.90 2.51 0.06
CA GLY D 303 18.22 3.14 1.18
C GLY D 303 18.56 2.54 2.53
N ASP D 304 18.88 1.26 2.53
CA ASP D 304 19.12 0.53 3.76
C ASP D 304 20.57 0.07 3.91
N ALA D 305 21.38 0.39 2.90
CA ALA D 305 22.82 0.18 2.94
C ALA D 305 23.26 -1.28 2.81
N ASP D 306 22.33 -2.16 2.41
CA ASP D 306 22.66 -3.57 2.19
C ASP D 306 23.20 -3.81 0.79
N ARG D 307 23.17 -2.77 -0.04
CA ARG D 307 23.62 -2.87 -1.42
C ARG D 307 24.45 -1.66 -1.83
N ASN D 308 25.43 -1.91 -2.69
CA ASN D 308 26.39 -0.89 -3.10
C ASN D 308 26.63 -0.82 -4.60
N MET D 309 27.04 0.36 -5.06
CA MET D 309 27.41 0.57 -6.46
C MET D 309 28.77 1.25 -6.52
N ILE D 310 29.71 0.60 -7.20
CA ILE D 310 31.10 1.03 -7.21
C ILE D 310 31.53 1.54 -8.57
N LEU D 311 32.05 2.77 -8.61
CA LEU D 311 32.52 3.37 -9.85
C LEU D 311 33.92 3.94 -9.72
N GLY D 312 34.67 3.88 -10.81
CA GLY D 312 35.99 4.48 -10.90
C GLY D 312 35.97 5.70 -11.79
N CYS D 313 37.13 6.29 -12.04
CA CYS D 313 37.22 7.44 -12.93
C CYS D 313 36.84 7.07 -14.35
N ARG D 314 35.66 7.52 -14.77
CA ARG D 314 35.16 7.20 -16.11
C ARG D 314 35.19 5.71 -16.34
N PHE D 315 34.86 4.94 -15.32
CA PHE D 315 34.82 3.50 -15.46
C PHE D 315 33.73 2.88 -14.61
N PHE D 316 32.93 2.01 -15.23
CA PHE D 316 31.86 1.32 -14.54
C PHE D 316 32.30 -0.08 -14.14
N VAL D 317 32.09 -0.41 -12.87
CA VAL D 317 32.42 -1.74 -12.35
C VAL D 317 31.18 -2.61 -12.32
N ASN D 318 31.25 -3.76 -12.98
CA ASN D 318 30.19 -4.74 -12.90
C ASN D 318 30.15 -5.30 -11.48
N PRO D 319 28.96 -5.29 -10.85
CA PRO D 319 28.83 -5.77 -9.46
C PRO D 319 29.45 -7.15 -9.26
N SER D 320 29.34 -7.99 -10.28
CA SER D 320 29.87 -9.33 -10.25
C SER D 320 31.39 -9.28 -10.34
N ASP D 321 31.88 -8.47 -11.26
CA ASP D 321 33.32 -8.29 -11.41
C ASP D 321 33.88 -7.70 -10.12
N SER D 322 33.09 -6.87 -9.45
CA SER D 322 33.52 -6.31 -8.17
C SER D 322 33.70 -7.42 -7.16
N LEU D 323 32.73 -8.33 -7.11
CA LEU D 323 32.83 -9.50 -6.23
C LEU D 323 34.14 -10.23 -6.50
N ALA D 324 34.44 -10.41 -7.78
CA ALA D 324 35.65 -11.13 -8.19
C ALA D 324 36.89 -10.40 -7.71
N VAL D 325 36.90 -9.09 -7.85
CA VAL D 325 38.06 -8.31 -7.46
C VAL D 325 38.29 -8.37 -5.96
N LEU D 326 37.22 -8.30 -5.18
CA LEU D 326 37.34 -8.33 -3.73
C LEU D 326 37.75 -9.72 -3.25
N ALA D 327 37.30 -10.76 -3.95
CA ALA D 327 37.64 -12.13 -3.62
C ALA D 327 39.13 -12.37 -3.82
N ALA D 328 39.62 -12.00 -5.00
CA ALA D 328 41.03 -12.15 -5.33
C ALA D 328 41.87 -11.35 -4.34
N ASN D 329 41.55 -10.06 -4.21
CA ASN D 329 42.29 -9.17 -3.31
C ASN D 329 41.73 -9.19 -1.90
N ALA D 330 41.31 -10.36 -1.45
CA ALA D 330 40.76 -10.50 -0.11
C ALA D 330 41.87 -10.48 0.91
N ASP D 331 43.09 -10.73 0.45
CA ASP D 331 44.24 -10.80 1.33
C ASP D 331 44.77 -9.44 1.73
N CYS D 332 44.02 -8.39 1.39
CA CYS D 332 44.36 -7.04 1.82
C CYS D 332 43.70 -6.77 3.17
N VAL D 333 42.54 -7.39 3.38
CA VAL D 333 41.71 -7.09 4.55
C VAL D 333 42.13 -7.94 5.74
N PRO D 334 42.49 -7.31 6.87
CA PRO D 334 42.94 -8.00 8.09
C PRO D 334 42.01 -9.15 8.50
N PHE D 335 40.72 -8.98 8.25
CA PHE D 335 39.73 -10.01 8.57
C PHE D 335 40.11 -11.35 7.95
N PHE D 336 40.58 -11.33 6.71
CA PHE D 336 40.87 -12.54 5.97
C PHE D 336 42.31 -13.01 6.14
N THR D 337 43.09 -12.29 6.95
CA THR D 337 44.49 -12.63 7.16
C THR D 337 44.61 -13.56 8.36
N GLN D 338 43.97 -13.21 9.46
CA GLN D 338 44.09 -14.02 10.66
C GLN D 338 43.09 -15.17 10.68
N SER D 339 42.99 -15.82 11.84
CA SER D 339 42.08 -16.94 12.11
C SER D 339 42.68 -18.28 11.69
N SER D 340 43.89 -18.57 12.20
CA SER D 340 44.61 -19.82 11.95
C SER D 340 44.34 -20.44 10.58
N SER D 341 44.23 -19.60 9.56
CA SER D 341 43.93 -20.06 8.20
C SER D 341 44.87 -19.38 7.21
N SER D 342 44.63 -19.64 5.92
CA SER D 342 45.43 -19.03 4.86
C SER D 342 44.53 -18.34 3.86
N GLY D 343 43.76 -17.35 4.34
CA GLY D 343 42.86 -16.60 3.49
C GLY D 343 41.48 -17.21 3.46
N LEU D 344 40.55 -16.48 2.85
CA LEU D 344 39.21 -16.98 2.59
C LEU D 344 39.25 -18.40 2.02
N LYS D 345 38.23 -19.19 2.34
CA LYS D 345 38.19 -20.59 1.94
C LYS D 345 37.18 -20.82 0.82
N ALA D 346 36.26 -19.88 0.63
CA ALA D 346 35.23 -20.06 -0.39
C ALA D 346 34.50 -18.78 -0.76
N VAL D 347 33.88 -18.79 -1.93
CA VAL D 347 33.04 -17.70 -2.40
C VAL D 347 31.73 -18.27 -2.91
N ALA D 348 30.64 -17.53 -2.73
CA ALA D 348 29.32 -18.00 -3.12
C ALA D 348 28.49 -16.89 -3.77
N ARG D 349 27.77 -17.26 -4.83
CA ARG D 349 26.99 -16.30 -5.61
C ARG D 349 25.64 -16.89 -6.01
N SER D 350 24.73 -16.01 -6.44
CA SER D 350 23.48 -16.43 -7.05
C SER D 350 23.79 -16.82 -8.49
N MET D 351 23.12 -17.84 -9.01
CA MET D 351 23.45 -18.40 -10.32
C MET D 351 23.42 -17.36 -11.43
N PRO D 352 22.44 -16.46 -11.42
CA PRO D 352 22.42 -15.44 -12.47
C PRO D 352 23.60 -14.46 -12.44
N THR D 353 24.47 -14.57 -11.46
CA THR D 353 25.60 -13.65 -11.33
C THR D 353 26.75 -14.08 -12.25
N SER D 354 27.53 -13.11 -12.71
CA SER D 354 28.64 -13.41 -13.63
C SER D 354 29.75 -14.17 -12.93
N GLY D 355 30.47 -14.99 -13.69
CA GLY D 355 31.43 -15.92 -13.12
C GLY D 355 32.88 -15.46 -13.15
N ALA D 356 33.10 -14.15 -13.14
CA ALA D 356 34.45 -13.62 -13.02
C ALA D 356 35.05 -14.06 -11.69
N VAL D 357 34.17 -14.38 -10.76
CA VAL D 357 34.57 -14.80 -9.43
C VAL D 357 34.96 -16.27 -9.46
N ASP D 358 34.40 -17.00 -10.42
CA ASP D 358 34.70 -18.42 -10.58
C ASP D 358 36.14 -18.61 -11.00
N ARG D 359 36.68 -17.63 -11.69
CA ARG D 359 38.06 -17.67 -12.13
C ARG D 359 39.01 -17.44 -10.95
N VAL D 360 38.59 -16.59 -10.04
CA VAL D 360 39.33 -16.36 -8.82
C VAL D 360 39.28 -17.60 -7.94
N ALA D 361 38.12 -18.23 -7.87
CA ALA D 361 37.93 -19.43 -7.08
C ALA D 361 38.56 -20.63 -7.75
N ALA D 362 38.96 -20.47 -9.01
CA ALA D 362 39.61 -21.54 -9.74
C ALA D 362 41.12 -21.44 -9.58
N ALA D 363 41.62 -20.21 -9.52
CA ALA D 363 43.06 -19.97 -9.40
C ALA D 363 43.49 -19.97 -7.93
N HIS D 364 42.66 -20.55 -7.07
CA HIS D 364 42.99 -20.78 -5.67
C HIS D 364 42.26 -22.03 -5.19
N ASP D 365 42.41 -22.35 -3.91
CA ASP D 365 41.80 -23.55 -3.35
C ASP D 365 40.40 -23.24 -2.81
N PHE D 366 39.82 -22.12 -3.27
CA PHE D 366 38.51 -21.70 -2.80
C PHE D 366 37.43 -22.69 -3.21
N ALA D 367 36.62 -23.12 -2.25
CA ALA D 367 35.45 -23.93 -2.56
C ALA D 367 34.49 -23.04 -3.30
N LEU D 368 33.79 -23.64 -4.26
CA LEU D 368 32.87 -22.89 -5.10
C LEU D 368 31.44 -23.37 -4.86
N PHE D 369 30.51 -22.42 -4.82
CA PHE D 369 29.10 -22.74 -4.64
C PHE D 369 28.19 -21.95 -5.57
N GLU D 370 27.50 -22.65 -6.47
CA GLU D 370 26.51 -22.04 -7.33
C GLU D 370 25.16 -22.14 -6.64
N VAL D 371 24.73 -21.03 -6.05
CA VAL D 371 23.53 -21.01 -5.22
C VAL D 371 22.39 -20.29 -5.94
N PRO D 372 21.12 -20.66 -5.66
CA PRO D 372 20.00 -19.92 -6.25
C PRO D 372 19.77 -18.57 -5.57
N THR D 373 19.04 -17.69 -6.23
CA THR D 373 18.73 -16.38 -5.65
C THR D 373 17.95 -16.52 -4.35
N GLY D 374 18.35 -15.74 -3.35
CA GLY D 374 17.75 -15.83 -2.03
C GLY D 374 18.86 -15.97 -1.02
N TRP D 375 18.77 -15.19 0.06
CA TRP D 375 19.82 -15.14 1.06
C TRP D 375 19.81 -16.36 1.98
N LYS D 376 18.66 -17.02 2.09
CA LYS D 376 18.50 -18.19 2.98
C LYS D 376 19.68 -19.14 2.85
N PHE D 377 20.21 -19.23 1.64
CA PHE D 377 21.28 -20.15 1.31
C PHE D 377 22.63 -19.67 1.83
N PHE D 378 22.96 -18.41 1.57
CA PHE D 378 24.24 -17.85 2.02
C PHE D 378 24.34 -17.88 3.53
N GLY D 379 23.22 -17.71 4.22
CA GLY D 379 23.21 -17.74 5.67
C GLY D 379 23.69 -19.08 6.19
N ASN D 380 23.22 -20.14 5.58
CA ASN D 380 23.58 -21.50 5.99
C ASN D 380 25.06 -21.80 5.73
N LEU D 381 25.53 -21.45 4.54
CA LEU D 381 26.93 -21.66 4.18
C LEU D 381 27.83 -21.01 5.22
N MET D 382 27.51 -19.78 5.58
CA MET D 382 28.25 -19.08 6.62
C MET D 382 28.08 -19.79 7.96
N ASP D 383 26.86 -20.28 8.19
CA ASP D 383 26.51 -20.89 9.46
C ASP D 383 26.84 -22.37 9.52
N SER D 384 28.10 -22.65 9.84
CA SER D 384 28.52 -24.01 10.16
C SER D 384 29.05 -24.04 11.60
N LYS D 385 28.93 -22.89 12.27
CA LYS D 385 29.06 -22.81 13.72
C LYS D 385 27.68 -23.07 14.33
N ASP D 386 26.65 -22.61 13.59
CA ASP D 386 25.26 -22.78 13.99
C ASP D 386 24.76 -24.19 13.66
N LEU D 387 23.48 -24.41 13.95
CA LEU D 387 22.75 -25.61 13.53
C LEU D 387 23.50 -26.89 13.86
N TYR D 388 24.47 -27.22 13.00
CA TYR D 388 25.31 -28.39 13.18
C TYR D 388 26.77 -27.98 13.13
N GLY D 389 27.58 -28.63 13.96
CA GLY D 389 29.01 -28.36 14.03
C GLY D 389 29.78 -29.07 12.95
N GLY D 390 29.17 -29.20 11.77
CA GLY D 390 29.78 -29.89 10.64
C GLY D 390 30.15 -28.92 9.54
N LYS D 391 30.03 -29.40 8.31
CA LYS D 391 30.45 -28.66 7.13
C LYS D 391 31.88 -28.18 7.33
N ASP D 392 32.25 -27.08 6.70
CA ASP D 392 33.64 -26.62 6.69
C ASP D 392 33.77 -25.17 7.19
N PHE D 393 32.96 -24.80 8.18
CA PHE D 393 33.06 -23.47 8.80
C PHE D 393 32.94 -22.34 7.79
N ASN D 394 33.97 -22.20 6.95
CA ASN D 394 33.96 -21.28 5.82
C ASN D 394 34.02 -19.82 6.21
N PRO D 395 35.23 -19.23 6.20
CA PRO D 395 35.32 -17.77 6.16
C PRO D 395 34.84 -17.28 4.78
N LEU D 396 33.55 -17.02 4.67
CA LEU D 396 32.91 -16.89 3.37
C LEU D 396 32.76 -15.46 2.87
N LEU D 397 33.04 -15.29 1.58
CA LEU D 397 32.74 -14.06 0.86
C LEU D 397 31.50 -14.30 0.00
N CYS D 398 30.68 -13.27 -0.18
CA CYS D 398 29.45 -13.41 -0.94
C CYS D 398 29.12 -12.17 -1.75
N GLY D 399 28.31 -12.35 -2.80
CA GLY D 399 27.87 -11.25 -3.64
C GLY D 399 26.68 -11.61 -4.50
N GLU D 400 25.97 -10.58 -4.94
CA GLU D 400 24.76 -10.73 -5.75
C GLU D 400 24.80 -9.75 -6.92
N GLU D 401 24.42 -10.23 -8.10
CA GLU D 401 24.43 -9.41 -9.32
C GLU D 401 23.68 -8.09 -9.12
N SER D 402 22.68 -8.12 -8.24
CA SER D 402 21.88 -6.93 -7.95
C SER D 402 22.61 -5.99 -7.00
N PHE D 403 23.84 -5.64 -7.33
CA PHE D 403 24.62 -4.67 -6.57
C PHE D 403 24.71 -5.03 -5.08
N GLY D 404 24.77 -6.33 -4.81
CA GLY D 404 24.88 -6.81 -3.44
C GLY D 404 26.24 -7.40 -3.14
N THR D 405 26.78 -7.06 -1.97
CA THR D 405 28.07 -7.58 -1.56
C THR D 405 28.19 -7.62 -0.04
N GLY D 406 28.95 -8.59 0.46
CA GLY D 406 29.15 -8.75 1.89
C GLY D 406 30.07 -9.91 2.19
N SER D 407 29.99 -10.44 3.40
CA SER D 407 30.80 -11.58 3.80
C SER D 407 30.21 -12.22 5.04
N ASN D 408 30.96 -13.13 5.67
CA ASN D 408 30.50 -13.78 6.89
C ASN D 408 30.82 -12.96 8.14
N HIS D 409 31.13 -11.68 7.94
CA HIS D 409 31.38 -10.80 9.06
C HIS D 409 30.05 -10.46 9.72
N ILE D 410 29.01 -10.38 8.91
CA ILE D 410 27.63 -10.33 9.40
C ILE D 410 26.75 -11.16 8.47
N ARG D 411 25.53 -11.42 8.90
CA ARG D 411 24.61 -12.25 8.13
C ARG D 411 23.66 -11.35 7.33
N GLU D 412 24.25 -10.42 6.61
CA GLU D 412 23.51 -9.52 5.74
C GLU D 412 24.47 -8.73 4.86
N LYS D 413 24.19 -8.71 3.56
CA LYS D 413 25.02 -7.97 2.60
C LYS D 413 25.26 -6.57 3.12
N ASP D 414 26.40 -5.99 2.76
CA ASP D 414 26.78 -4.71 3.33
C ASP D 414 27.40 -3.81 2.27
N GLY D 415 26.95 -2.56 2.24
CA GLY D 415 27.36 -1.63 1.20
C GLY D 415 28.56 -0.80 1.57
N ILE D 416 28.54 -0.26 2.78
CA ILE D 416 29.66 0.53 3.26
C ILE D 416 30.85 -0.39 3.48
N TRP D 417 30.57 -1.67 3.73
CA TRP D 417 31.62 -2.66 3.81
C TRP D 417 32.38 -2.70 2.50
N ALA D 418 31.67 -3.09 1.44
CA ALA D 418 32.28 -3.28 0.13
C ALA D 418 32.95 -2.01 -0.37
N SER D 419 32.46 -0.88 0.11
CA SER D 419 33.04 0.39 -0.28
C SER D 419 34.42 0.52 0.35
N LEU D 420 34.51 0.11 1.61
CA LEU D 420 35.78 0.13 2.34
C LEU D 420 36.72 -0.96 1.82
N PHE D 421 36.16 -2.09 1.43
CA PHE D 421 36.93 -3.19 0.89
C PHE D 421 37.69 -2.72 -0.34
N TRP D 422 36.99 -2.02 -1.23
CA TRP D 422 37.61 -1.52 -2.45
C TRP D 422 38.71 -0.53 -2.14
N LEU D 423 38.48 0.34 -1.17
CA LEU D 423 39.50 1.30 -0.76
C LEU D 423 40.72 0.57 -0.18
N SER D 424 40.49 -0.62 0.37
CA SER D 424 41.58 -1.45 0.85
C SER D 424 42.31 -2.07 -0.33
N VAL D 425 41.55 -2.40 -1.38
CA VAL D 425 42.13 -3.01 -2.57
C VAL D 425 43.05 -2.01 -3.26
N ILE D 426 42.62 -0.75 -3.32
CA ILE D 426 43.45 0.29 -3.92
C ILE D 426 44.68 0.48 -3.05
N ALA D 427 44.48 0.46 -1.73
CA ALA D 427 45.56 0.64 -0.78
C ALA D 427 46.66 -0.41 -0.96
N LYS D 428 46.27 -1.59 -1.46
CA LYS D 428 47.24 -2.64 -1.74
C LYS D 428 48.19 -2.18 -2.82
N ARG D 429 47.63 -1.53 -3.83
CA ARG D 429 48.41 -1.14 -4.99
C ARG D 429 48.83 0.32 -4.85
N ASN D 430 49.41 0.63 -3.70
CA ASN D 430 49.69 2.02 -3.33
C ASN D 430 51.00 2.52 -3.93
N ALA D 431 51.35 3.76 -3.56
CA ALA D 431 52.51 4.43 -4.13
C ALA D 431 52.77 5.75 -3.40
N PRO D 432 53.89 5.86 -2.69
CA PRO D 432 54.13 7.10 -1.93
C PRO D 432 54.30 8.40 -2.74
N GLY D 433 55.00 8.48 -3.88
CA GLY D 433 55.69 7.38 -4.55
C GLY D 433 55.33 7.41 -6.02
N THR D 434 55.08 6.23 -6.59
CA THR D 434 54.53 6.10 -7.94
C THR D 434 53.26 6.96 -8.05
N PRO D 435 52.88 7.36 -9.28
CA PRO D 435 51.68 8.19 -9.44
C PRO D 435 50.41 7.54 -8.88
N LEU D 436 49.73 6.70 -9.67
CA LEU D 436 48.46 6.13 -9.25
C LEU D 436 48.18 4.81 -9.95
N VAL D 437 47.29 4.03 -9.36
CA VAL D 437 46.76 2.85 -10.03
C VAL D 437 45.35 3.13 -10.56
N GLY D 438 44.41 3.30 -9.64
CA GLY D 438 43.05 3.66 -10.01
C GLY D 438 42.19 2.43 -10.26
N VAL D 439 40.88 2.62 -10.22
CA VAL D 439 39.96 1.50 -10.35
C VAL D 439 40.07 0.80 -11.70
N GLN D 440 40.17 1.59 -12.76
CA GLN D 440 40.21 1.05 -14.11
C GLN D 440 41.43 0.14 -14.30
N GLN D 441 42.58 0.55 -13.77
CA GLN D 441 43.78 -0.27 -13.89
C GLN D 441 43.61 -1.62 -13.19
N ILE D 442 43.24 -1.58 -11.91
CA ILE D 442 43.11 -2.78 -11.09
C ILE D 442 42.27 -3.85 -11.77
N VAL D 443 41.12 -3.44 -12.29
CA VAL D 443 40.21 -4.37 -12.93
C VAL D 443 40.75 -4.82 -14.28
N GLU D 444 41.51 -3.94 -14.94
CA GLU D 444 42.09 -4.30 -16.22
C GLU D 444 43.16 -5.36 -16.01
N GLU D 445 43.96 -5.19 -14.96
CA GLU D 445 44.95 -6.18 -14.58
C GLU D 445 44.25 -7.47 -14.15
N HIS D 446 43.08 -7.31 -13.54
CA HIS D 446 42.27 -8.45 -13.12
C HIS D 446 41.86 -9.26 -14.33
N TRP D 447 41.34 -8.57 -15.34
CA TRP D 447 40.93 -9.22 -16.57
C TRP D 447 42.13 -9.79 -17.31
N ALA D 448 43.27 -9.11 -17.19
CA ALA D 448 44.49 -9.52 -17.88
C ALA D 448 45.16 -10.70 -17.20
N THR D 449 44.64 -11.11 -16.04
CA THR D 449 45.20 -12.24 -15.29
C THR D 449 44.22 -13.42 -15.22
N TYR D 450 42.98 -13.14 -14.85
CA TYR D 450 41.97 -14.19 -14.69
C TYR D 450 41.02 -14.25 -15.89
N GLY D 451 41.19 -13.35 -16.85
CA GLY D 451 40.30 -13.25 -17.98
C GLY D 451 39.13 -12.35 -17.65
N ARG D 452 38.40 -11.92 -18.67
CA ARG D 452 37.21 -11.10 -18.48
C ARG D 452 35.93 -11.85 -18.78
N ASN D 453 34.93 -11.65 -17.92
CA ASN D 453 33.57 -12.12 -18.18
C ASN D 453 32.63 -10.97 -18.48
N TYR D 454 32.43 -10.72 -19.77
CA TYR D 454 31.46 -9.75 -20.21
C TYR D 454 30.09 -10.16 -19.71
N TYR D 455 29.42 -9.26 -19.01
CA TYR D 455 28.11 -9.53 -18.43
C TYR D 455 27.14 -8.44 -18.81
N SER D 456 25.92 -8.85 -19.17
CA SER D 456 24.86 -7.90 -19.49
C SER D 456 23.52 -8.61 -19.44
N ARG D 457 22.46 -7.85 -19.14
CA ARG D 457 21.13 -8.41 -18.95
C ARG D 457 20.09 -7.64 -19.76
N TYR D 458 19.32 -8.39 -20.55
CA TYR D 458 18.21 -7.83 -21.32
C TYR D 458 16.89 -8.18 -20.65
N ASP D 459 16.05 -7.17 -20.41
CA ASP D 459 14.74 -7.38 -19.80
C ASP D 459 13.64 -7.09 -20.81
N TYR D 460 12.73 -8.05 -20.95
CA TYR D 460 11.49 -7.87 -21.70
C TYR D 460 10.33 -7.71 -20.72
N GLU D 461 9.97 -6.45 -20.42
CA GLU D 461 9.06 -6.16 -19.32
C GLU D 461 7.60 -6.36 -19.68
N ASP D 462 6.84 -6.87 -18.71
CA ASP D 462 5.39 -6.99 -18.78
C ASP D 462 4.90 -7.54 -20.12
N VAL D 463 5.24 -8.79 -20.41
CA VAL D 463 4.74 -9.49 -21.58
C VAL D 463 3.65 -10.46 -21.14
N SER D 464 2.73 -10.76 -22.04
CA SER D 464 1.64 -11.70 -21.75
C SER D 464 2.17 -13.03 -21.23
N ALA D 465 1.42 -13.63 -20.32
CA ALA D 465 1.79 -14.91 -19.73
C ALA D 465 1.90 -15.99 -20.80
N GLU D 466 1.23 -15.78 -21.93
CA GLU D 466 1.29 -16.71 -23.04
C GLU D 466 2.70 -16.81 -23.60
N ALA D 467 3.32 -15.66 -23.83
CA ALA D 467 4.69 -15.61 -24.31
C ALA D 467 5.63 -16.20 -23.26
N ALA D 468 5.29 -15.98 -21.99
CA ALA D 468 6.13 -16.43 -20.88
C ALA D 468 6.27 -17.95 -20.89
N LYS D 469 5.13 -18.64 -20.83
CA LYS D 469 5.13 -20.09 -20.83
C LYS D 469 5.67 -20.63 -22.16
N ALA D 470 5.38 -19.92 -23.23
CA ALA D 470 5.83 -20.32 -24.56
C ALA D 470 7.36 -20.26 -24.64
N VAL D 471 7.93 -19.12 -24.27
CA VAL D 471 9.38 -18.94 -24.32
C VAL D 471 10.07 -19.97 -23.42
N MET D 472 9.63 -20.09 -22.18
CA MET D 472 10.25 -21.01 -21.23
C MET D 472 10.31 -22.43 -21.78
N ASP D 473 9.19 -22.92 -22.29
CA ASP D 473 9.13 -24.28 -22.79
C ASP D 473 9.86 -24.43 -24.11
N THR D 474 9.84 -23.38 -24.94
CA THR D 474 10.47 -23.48 -26.25
C THR D 474 11.98 -23.39 -26.10
N VAL D 475 12.45 -22.58 -25.16
CA VAL D 475 13.89 -22.46 -24.99
C VAL D 475 14.43 -23.69 -24.28
N GLU D 476 13.59 -24.33 -23.46
CA GLU D 476 13.97 -25.58 -22.79
C GLU D 476 13.78 -26.76 -23.73
N ASN D 477 13.01 -26.57 -24.78
CA ASN D 477 12.84 -27.61 -25.80
C ASN D 477 14.01 -27.58 -26.77
N THR D 478 14.49 -26.39 -27.10
CA THR D 478 15.61 -26.23 -28.02
C THR D 478 16.95 -26.34 -27.30
N VAL D 479 16.88 -26.65 -26.00
CA VAL D 479 18.08 -26.77 -25.19
C VAL D 479 18.37 -28.25 -24.94
N VAL D 480 17.33 -29.07 -24.95
CA VAL D 480 17.56 -30.51 -24.79
C VAL D 480 18.23 -31.09 -26.05
N ASP D 481 18.49 -30.22 -27.02
CA ASP D 481 19.16 -30.61 -28.26
C ASP D 481 20.55 -29.98 -28.38
N ASP D 482 21.53 -30.80 -28.75
CA ASP D 482 22.89 -30.31 -28.97
C ASP D 482 22.93 -29.31 -30.12
N VAL D 483 23.38 -28.09 -29.82
CA VAL D 483 23.45 -27.01 -30.80
C VAL D 483 24.79 -26.28 -30.68
N PRO D 484 25.82 -26.77 -31.39
CA PRO D 484 27.13 -26.13 -31.37
C PRO D 484 27.23 -24.98 -32.38
N ASN D 485 26.65 -23.84 -32.06
CA ASN D 485 26.79 -22.66 -32.89
C ASN D 485 28.23 -22.16 -32.86
N LEU D 486 28.88 -22.15 -34.02
CA LEU D 486 30.30 -21.85 -34.05
C LEU D 486 30.59 -20.36 -33.89
N ASN D 487 31.11 -20.02 -32.71
CA ASN D 487 31.75 -18.74 -32.47
C ASN D 487 33.05 -19.00 -31.75
N GLY D 488 32.92 -19.49 -30.52
CA GLY D 488 34.05 -19.96 -29.75
C GLY D 488 33.99 -21.47 -29.58
N VAL D 489 33.01 -21.94 -28.81
CA VAL D 489 32.93 -23.35 -28.44
C VAL D 489 31.50 -23.87 -28.49
N ALA D 490 31.38 -25.17 -28.75
CA ALA D 490 30.09 -25.85 -28.77
C ALA D 490 29.43 -25.79 -27.41
N CYS D 491 28.11 -25.95 -27.39
CA CYS D 491 27.39 -26.06 -26.13
C CYS D 491 27.62 -27.44 -25.53
N LYS D 492 28.11 -27.45 -24.29
CA LYS D 492 28.53 -28.69 -23.65
C LYS D 492 27.53 -29.23 -22.65
N THR D 493 27.15 -28.39 -21.69
CA THR D 493 26.26 -28.82 -20.61
C THR D 493 25.01 -27.96 -20.59
N ILE D 494 23.87 -28.63 -20.74
CA ILE D 494 22.58 -27.98 -20.68
C ILE D 494 21.74 -28.62 -19.58
N ASP D 495 20.84 -27.85 -18.99
CA ASP D 495 20.03 -28.35 -17.89
C ASP D 495 18.87 -27.42 -17.53
N ASN D 496 17.99 -27.93 -16.68
CA ASN D 496 16.92 -27.16 -16.07
C ASN D 496 17.21 -27.03 -14.58
N PHE D 497 17.85 -25.92 -14.21
CA PHE D 497 18.55 -25.75 -12.93
C PHE D 497 17.94 -26.47 -11.72
N SER D 498 18.76 -27.28 -11.05
CA SER D 498 18.36 -27.99 -9.83
C SER D 498 19.46 -27.88 -8.78
N TYR D 499 19.12 -27.34 -7.60
CA TYR D 499 20.08 -27.14 -6.53
C TYR D 499 19.73 -27.95 -5.29
N THR D 500 20.76 -28.39 -4.58
CA THR D 500 20.61 -29.14 -3.33
C THR D 500 21.46 -28.50 -2.23
N ASP D 501 20.80 -27.95 -1.21
CA ASP D 501 21.49 -27.22 -0.15
C ASP D 501 22.33 -28.17 0.71
N PRO D 502 23.65 -27.91 0.79
CA PRO D 502 24.52 -28.84 1.52
C PRO D 502 24.24 -28.91 3.03
N ILE D 503 23.66 -27.87 3.60
CA ILE D 503 23.47 -27.81 5.05
C ILE D 503 22.03 -28.14 5.45
N ASP D 504 21.09 -27.53 4.76
CA ASP D 504 19.67 -27.65 5.11
C ASP D 504 19.04 -28.84 4.41
N GLY D 505 19.51 -29.15 3.21
CA GLY D 505 18.95 -30.24 2.43
C GLY D 505 17.75 -29.76 1.62
N SER D 506 17.67 -28.47 1.36
CA SER D 506 16.59 -27.90 0.56
C SER D 506 16.81 -28.18 -0.93
N VAL D 507 15.72 -28.40 -1.65
CA VAL D 507 15.78 -28.74 -3.07
C VAL D 507 15.14 -27.61 -3.88
N SER D 508 15.92 -27.04 -4.80
CA SER D 508 15.46 -25.92 -5.61
C SER D 508 15.23 -26.38 -7.04
N THR D 509 14.12 -25.94 -7.64
CA THR D 509 13.76 -26.39 -8.99
C THR D 509 13.35 -25.22 -9.89
N LYS D 510 13.29 -25.48 -11.19
CA LYS D 510 12.93 -24.49 -12.21
C LYS D 510 13.58 -23.12 -11.98
N GLN D 511 14.79 -23.12 -11.44
CA GLN D 511 15.48 -21.88 -11.13
C GLN D 511 16.22 -21.30 -12.34
N GLY D 512 15.69 -21.53 -13.52
CA GLY D 512 16.22 -20.93 -14.74
C GLY D 512 16.78 -21.94 -15.72
N VAL D 513 16.50 -21.71 -17.00
CA VAL D 513 17.05 -22.53 -18.07
C VAL D 513 18.47 -22.08 -18.35
N ARG D 514 19.40 -23.02 -18.34
CA ARG D 514 20.82 -22.71 -18.49
C ARG D 514 21.44 -23.38 -19.72
N VAL D 515 22.49 -22.75 -20.25
CA VAL D 515 23.24 -23.25 -21.40
C VAL D 515 24.73 -22.97 -21.23
N LEU D 516 25.48 -23.98 -20.79
CA LEU D 516 26.88 -23.80 -20.42
C LEU D 516 27.85 -24.26 -21.51
N PHE D 517 28.86 -23.44 -21.75
CA PHE D 517 29.90 -23.75 -22.73
C PHE D 517 31.14 -24.18 -21.97
N GLU D 518 32.26 -24.37 -22.68
CA GLU D 518 33.50 -24.77 -22.01
C GLU D 518 34.38 -23.57 -21.69
N ASP D 519 34.66 -22.77 -22.71
CA ASP D 519 35.49 -21.56 -22.56
C ASP D 519 35.02 -20.75 -21.37
N GLY D 520 33.71 -20.67 -21.22
CA GLY D 520 33.12 -19.94 -20.12
C GLY D 520 31.82 -19.27 -20.51
N SER D 521 31.62 -19.11 -21.81
CA SER D 521 30.42 -18.49 -22.32
C SER D 521 29.20 -19.10 -21.65
N ARG D 522 28.22 -18.25 -21.35
CA ARG D 522 27.04 -18.67 -20.61
C ARG D 522 25.77 -18.05 -21.16
N PHE D 523 24.64 -18.56 -20.67
CA PHE D 523 23.33 -18.25 -21.21
C PHE D 523 22.30 -18.78 -20.22
N VAL D 524 21.60 -17.86 -19.57
CA VAL D 524 20.63 -18.20 -18.54
C VAL D 524 19.30 -17.54 -18.88
N LEU D 525 18.21 -18.18 -18.48
CA LEU D 525 16.89 -17.60 -18.67
C LEU D 525 15.99 -17.87 -17.48
N ARG D 526 15.61 -16.81 -16.79
CA ARG D 526 14.71 -16.90 -15.64
C ARG D 526 13.44 -16.13 -15.88
N LEU D 527 12.36 -16.58 -15.24
CA LEU D 527 11.06 -15.94 -15.39
C LEU D 527 10.62 -15.32 -14.08
N SER D 528 10.30 -14.03 -14.14
CA SER D 528 9.84 -13.27 -12.98
C SER D 528 8.58 -12.48 -13.30
N GLY D 529 7.50 -12.80 -12.60
CA GLY D 529 6.22 -12.15 -12.83
C GLY D 529 5.61 -11.70 -11.51
N THR D 530 4.53 -10.93 -11.61
CA THR D 530 3.89 -10.32 -10.46
C THR D 530 2.39 -10.61 -10.37
N GLY D 531 2.02 -11.54 -9.49
CA GLY D 531 0.63 -11.81 -9.18
C GLY D 531 -0.32 -11.93 -10.36
N SER D 532 -1.08 -10.87 -10.59
CA SER D 532 -2.12 -10.85 -11.62
C SER D 532 -1.64 -10.22 -12.92
N SER D 533 -0.35 -9.95 -13.00
CA SER D 533 0.30 -9.31 -14.15
C SER D 533 1.75 -9.00 -13.80
N GLY D 534 2.72 -9.69 -14.38
CA GLY D 534 2.54 -10.58 -15.52
C GLY D 534 3.95 -10.89 -15.98
N ALA D 535 4.24 -12.17 -16.19
CA ALA D 535 5.60 -12.67 -16.34
C ALA D 535 6.52 -11.77 -17.16
N THR D 536 7.69 -11.46 -16.59
CA THR D 536 8.72 -10.68 -17.25
C THR D 536 9.90 -11.58 -17.57
N ILE D 537 10.44 -11.45 -18.79
CA ILE D 537 11.56 -12.28 -19.20
C ILE D 537 12.89 -11.64 -18.81
N ARG D 538 13.65 -12.36 -18.00
CA ARG D 538 14.98 -11.94 -17.59
C ARG D 538 16.02 -12.74 -18.39
N LEU D 539 16.63 -12.09 -19.37
CA LEU D 539 17.64 -12.72 -20.21
C LEU D 539 19.04 -12.29 -19.81
N TYR D 540 19.84 -13.28 -19.43
CA TYR D 540 21.22 -13.04 -19.03
C TYR D 540 22.18 -13.52 -20.11
N LEU D 541 23.16 -12.68 -20.44
CA LEU D 541 24.13 -12.98 -21.48
C LEU D 541 25.56 -12.81 -20.97
N GLU D 542 26.34 -13.89 -21.04
CA GLU D 542 27.72 -13.89 -20.55
C GLU D 542 28.70 -14.40 -21.61
N GLN D 543 29.68 -13.58 -21.94
CA GLN D 543 30.70 -13.92 -22.93
C GLN D 543 32.10 -13.91 -22.31
N TYR D 544 32.75 -15.07 -22.32
CA TYR D 544 34.10 -15.20 -21.77
C TYR D 544 35.15 -14.89 -22.84
N MET D 545 36.10 -14.03 -22.46
CA MET D 545 37.31 -13.80 -23.24
C MET D 545 38.51 -14.42 -22.51
N ASP D 546 39.13 -15.43 -23.13
CA ASP D 546 40.08 -16.30 -22.43
C ASP D 546 41.54 -15.88 -22.55
N SER D 547 42.09 -15.94 -23.75
CA SER D 547 43.49 -15.61 -23.95
C SER D 547 43.77 -14.23 -23.39
N ALA D 548 44.09 -14.18 -22.09
CA ALA D 548 44.34 -12.91 -21.41
C ALA D 548 45.38 -12.12 -22.17
N THR D 549 45.36 -10.81 -21.96
CA THR D 549 46.28 -9.89 -22.61
C THR D 549 46.01 -9.88 -24.12
N VAL D 550 44.75 -9.69 -24.49
CA VAL D 550 44.35 -9.53 -25.89
C VAL D 550 43.85 -8.11 -26.14
N LYS D 551 44.36 -7.47 -27.19
CA LYS D 551 44.02 -6.09 -27.50
C LYS D 551 44.28 -5.18 -26.31
N SER D 552 45.09 -5.66 -25.38
CA SER D 552 45.43 -4.94 -24.17
C SER D 552 46.50 -5.77 -23.47
N HIS D 553 47.55 -5.18 -22.89
CA HIS D 553 47.74 -3.73 -22.73
C HIS D 553 47.83 -3.05 -24.08
N LEU D 554 47.04 -1.99 -24.23
CA LEU D 554 46.90 -1.34 -25.52
C LEU D 554 47.42 0.09 -25.51
N ALA D 555 47.98 0.48 -26.65
CA ALA D 555 48.33 1.86 -26.93
C ALA D 555 47.64 2.29 -28.23
N GLU D 556 47.35 1.31 -29.08
CA GLU D 556 46.68 1.53 -30.37
C GLU D 556 45.77 0.35 -30.74
N LYS D 557 45.23 -0.32 -29.72
CA LYS D 557 44.36 -1.49 -29.91
C LYS D 557 43.11 -1.34 -29.03
N THR D 558 41.95 -1.63 -29.59
CA THR D 558 40.68 -1.38 -28.89
C THR D 558 40.11 -2.63 -28.23
N LEU D 559 39.93 -2.57 -26.91
CA LEU D 559 39.30 -3.64 -26.17
C LEU D 559 37.81 -3.68 -26.48
N PRO D 560 37.27 -4.85 -26.85
CA PRO D 560 35.86 -4.91 -27.24
C PRO D 560 34.92 -4.47 -26.12
N THR D 561 34.11 -3.45 -26.39
CA THR D 561 33.13 -2.98 -25.41
C THR D 561 32.14 -4.11 -25.12
N ALA D 562 31.43 -3.97 -24.01
CA ALA D 562 30.50 -5.02 -23.57
C ALA D 562 29.39 -5.28 -24.58
N SER D 563 29.15 -4.31 -25.45
CA SER D 563 28.18 -4.45 -26.52
C SER D 563 28.74 -5.24 -27.71
N THR D 564 30.03 -5.09 -27.97
CA THR D 564 30.64 -5.68 -29.16
C THR D 564 30.87 -7.18 -29.03
N ALA D 565 31.68 -7.58 -28.05
CA ALA D 565 32.05 -8.98 -27.92
C ALA D 565 30.86 -9.83 -27.52
N LEU D 566 29.89 -9.21 -26.87
CA LEU D 566 28.70 -9.93 -26.39
C LEU D 566 27.67 -10.04 -27.50
N LYS D 567 27.87 -9.29 -28.58
CA LYS D 567 26.96 -9.29 -29.71
C LYS D 567 26.79 -10.67 -30.32
N ALA D 568 27.89 -11.42 -30.40
CA ALA D 568 27.86 -12.75 -30.99
C ALA D 568 26.84 -13.61 -30.24
N LEU D 569 26.91 -13.57 -28.92
CA LEU D 569 26.00 -14.33 -28.08
C LEU D 569 24.58 -13.76 -28.15
N ILE D 570 24.45 -12.48 -28.46
CA ILE D 570 23.15 -11.87 -28.63
C ILE D 570 22.45 -12.54 -29.80
N GLY D 571 23.14 -12.59 -30.94
CA GLY D 571 22.60 -13.19 -32.14
C GLY D 571 22.27 -14.65 -31.90
N VAL D 572 23.22 -15.39 -31.33
CA VAL D 572 23.05 -16.81 -31.07
C VAL D 572 21.87 -17.05 -30.14
N ALA D 573 21.83 -16.34 -29.03
CA ALA D 573 20.78 -16.52 -28.04
C ALA D 573 19.41 -16.24 -28.67
N LEU D 574 19.30 -15.12 -29.38
CA LEU D 574 18.05 -14.75 -30.01
C LEU D 574 17.67 -15.72 -31.13
N GLN D 575 18.68 -16.31 -31.76
CA GLN D 575 18.43 -17.29 -32.82
C GLN D 575 17.89 -18.59 -32.25
N VAL D 576 18.61 -19.14 -31.26
CA VAL D 576 18.22 -20.41 -30.67
C VAL D 576 16.85 -20.31 -30.01
N SER D 577 16.58 -19.17 -29.39
CA SER D 577 15.29 -18.93 -28.75
C SER D 577 14.25 -18.41 -29.74
N LYS D 578 14.71 -17.76 -30.80
CA LYS D 578 13.82 -17.15 -31.79
C LYS D 578 12.80 -16.27 -31.06
N MET D 579 13.32 -15.31 -30.30
CA MET D 579 12.48 -14.48 -29.44
C MET D 579 11.47 -13.68 -30.24
N GLU D 580 11.95 -12.90 -31.21
CA GLU D 580 11.07 -12.03 -32.00
C GLU D 580 9.84 -12.75 -32.53
N SER D 581 9.94 -14.08 -32.66
CA SER D 581 8.82 -14.89 -33.13
C SER D 581 7.82 -15.22 -32.01
N LEU D 582 8.13 -14.78 -30.79
CA LEU D 582 7.27 -15.04 -29.63
C LEU D 582 7.07 -13.80 -28.76
N THR D 583 7.45 -12.63 -29.28
CA THR D 583 7.23 -11.39 -28.56
C THR D 583 6.95 -10.21 -29.50
N GLY D 584 7.52 -10.28 -30.71
CA GLY D 584 7.28 -9.24 -31.70
C GLY D 584 8.17 -8.03 -31.50
N ARG D 585 8.99 -8.08 -30.47
CA ARG D 585 9.88 -6.97 -30.11
C ARG D 585 11.21 -7.08 -30.85
N LYS D 586 11.54 -6.05 -31.62
CA LYS D 586 12.81 -6.00 -32.34
C LYS D 586 13.91 -5.38 -31.48
N THR D 587 13.53 -4.66 -30.44
CA THR D 587 14.47 -4.10 -29.49
C THR D 587 14.00 -4.38 -28.06
N PRO D 588 14.92 -4.82 -27.18
CA PRO D 588 14.52 -5.04 -25.79
C PRO D 588 14.11 -3.75 -25.12
N THR D 589 13.44 -3.86 -23.99
CA THR D 589 12.95 -2.70 -23.25
C THR D 589 14.09 -2.00 -22.52
N VAL D 590 14.91 -2.78 -21.83
CA VAL D 590 16.04 -2.24 -21.07
C VAL D 590 17.23 -3.17 -21.14
N ILE D 591 18.41 -2.56 -21.22
CA ILE D 591 19.68 -3.26 -21.11
C ILE D 591 20.41 -2.80 -19.85
N THR D 592 21.33 -3.63 -19.37
CA THR D 592 22.12 -3.32 -18.18
C THR D 592 23.61 -3.53 -18.45
#